data_8ECW
#
_entry.id   8ECW
#
_cell.length_a   136.304
_cell.length_b   178.680
_cell.length_c   179.666
_cell.angle_alpha   90.000
_cell.angle_beta   90.000
_cell.angle_gamma   90.000
#
_symmetry.space_group_name_H-M   'I 2 2 2'
#
loop_
_entity.id
_entity.type
_entity.pdbx_description
1 polymer 'Chaetomium alpha glucosidase'
2 non-polymer (2R,3R,4R,5S)-1-{2-[4-(2-{[(5M)-3-chloro-5-(pyridazin-3-yl)phenyl]amino}ethyl)phenyl]ethyl}-2-(hydroxymethyl)piperidine-3,4,5-triol
3 non-polymer GLYCEROL
4 non-polymer 'SULFATE ION'
5 non-polymer 2-acetamido-2-deoxy-beta-D-glucopyranose
6 water water
#
_entity_poly.entity_id   1
_entity_poly.type   'polypeptide(L)'
_entity_poly.pdbx_seq_one_letter_code
;MGILPSPGMPALLSLVSLLSVLLMGCVAETGVEGESILHSEIGRLNNQSLLWGPYRPNIYFGTRPRIGKSLMTGLMWGKI
ESYTDFQHTVRYTCEQNEGMKGYGWDEYDPRRGGIQSIHDIQNGLDITTSFVKIPGGAHGGSWAARIKGTLNDDAPKDQK
TIVVFYVSQEGENSELEAVPSENEFGYEGDVILKGRSEALGNYKLVVTKGKGVIPQSDHDLSRLRGPGQTVVQSLTYPDE
VLWQAKPILFQQLKAGIDWLVENKYDVADPPPPWQVYLLANKPGSGNVHIVQKVFEGDFEFDILFSSESAGKEVTSKDLE
REVKQATEVFGERFARVFDLKAPFQGDNYKKFGKSMFSNLIGGIGYFYGHSLVDRSYAPEYDEENEGFWEDAAEARARHQ
EALEGPYELFTSIPSRPFFPRGFLWDEGFHLLPIADWDIDLALEIIKSWYNLMDEDGWIAREQILGAEARSKVPKEFQTQ
YPHYANPPTLFLVLDNFVERLRKNNASQPVVKDNLSLDETLSTASVDNPEVGLEYLRRLYPLLRRQFDWFRKTQAGDIKS
YDREAYSTKEAYRWRGRTVSHCLTSGLDDYPRPQPPHPGELHVDLMSWVGVMVKSLISIGSLLGATEDVEFYTKVLDAIE
HNLDDLHWSEKEGCYCDATIDEFEEHKLVCHKGYISLFPFLTGLLKPDSPKLGKLLALIGDESELWSPYGLRSLSKKDEF
YGTAENYWRSPVWININYLAIVQLYNIATQDGPYKETARDLYTRLRKNIVETVYRNWEETGFAWEQYNPETGKGQRTQHF
TGWTSLVVKIMSGHHHHHH
;
_entity_poly.pdbx_strand_id   A,B
#
loop_
_chem_comp.id
_chem_comp.type
_chem_comp.name
_chem_comp.formula
GOL non-polymer GLYCEROL 'C3 H8 O3'
NAG D-saccharide, beta linking 2-acetamido-2-deoxy-beta-D-glucopyranose 'C8 H15 N O6'
SO4 non-polymer 'SULFATE ION' 'O4 S -2'
X5B non-polymer (2R,3R,4R,5S)-1-{2-[4-(2-{[(5M)-3-chloro-5-(pyridazin-3-yl)phenyl]amino}ethyl)phenyl]ethyl}-2-(hydroxymethyl)piperidine-3,4,5-triol 'C26 H31 Cl N4 O4'
#
# COMPACT_ATOMS: atom_id res chain seq x y z
N LEU A 38 -29.60 6.56 -17.57
CA LEU A 38 -29.38 7.99 -17.95
C LEU A 38 -28.13 8.54 -17.27
N HIS A 39 -27.92 8.14 -16.00
CA HIS A 39 -26.69 8.51 -15.30
C HIS A 39 -25.49 7.95 -16.07
N SER A 40 -25.58 6.67 -16.44
CA SER A 40 -24.58 5.98 -17.24
C SER A 40 -24.26 6.75 -18.54
N GLU A 41 -25.30 7.25 -19.22
CA GLU A 41 -25.18 7.97 -20.48
C GLU A 41 -24.42 9.30 -20.32
N ILE A 42 -24.82 10.09 -19.32
CA ILE A 42 -24.19 11.37 -19.07
C ILE A 42 -22.71 11.16 -18.79
N GLY A 43 -22.41 10.11 -18.02
CA GLY A 43 -21.05 9.72 -17.65
C GLY A 43 -20.16 9.52 -18.88
N ARG A 44 -20.68 8.76 -19.87
CA ARG A 44 -20.02 8.45 -21.12
C ARG A 44 -19.81 9.72 -21.94
N LEU A 45 -20.85 10.58 -22.01
CA LEU A 45 -20.76 11.86 -22.71
C LEU A 45 -19.72 12.78 -22.07
N ASN A 46 -19.63 12.75 -20.73
CA ASN A 46 -18.64 13.50 -20.00
C ASN A 46 -17.23 13.03 -20.35
N ASN A 47 -17.01 11.69 -20.26
CA ASN A 47 -15.76 11.04 -20.58
C ASN A 47 -15.31 11.47 -21.98
N GLN A 48 -16.20 11.37 -22.98
CA GLN A 48 -15.89 11.70 -24.37
C GLN A 48 -15.56 13.18 -24.49
N SER A 49 -16.30 14.00 -23.73
CA SER A 49 -16.12 15.44 -23.79
C SER A 49 -14.74 15.83 -23.26
N LEU A 50 -14.27 15.17 -22.17
CA LEU A 50 -13.16 15.72 -21.42
C LEU A 50 -11.86 14.97 -21.73
N LEU A 51 -11.91 13.98 -22.64
CA LEU A 51 -10.80 13.06 -22.80
C LEU A 51 -9.50 13.76 -23.14
N TRP A 52 -9.51 14.64 -24.16
CA TRP A 52 -8.34 15.38 -24.61
C TRP A 52 -8.22 16.74 -23.93
N GLY A 53 -6.97 17.12 -23.71
CA GLY A 53 -6.75 18.48 -23.23
C GLY A 53 -5.27 18.80 -23.30
N PRO A 54 -4.88 20.04 -22.97
CA PRO A 54 -3.48 20.37 -22.81
C PRO A 54 -3.14 20.04 -21.37
N TYR A 55 -3.30 18.77 -21.00
CA TYR A 55 -3.37 18.40 -19.59
C TYR A 55 -1.98 18.13 -19.04
N ARG A 56 -1.01 18.94 -19.47
CA ARG A 56 0.35 18.83 -18.95
C ARG A 56 0.76 20.19 -18.41
N PRO A 57 0.11 20.71 -17.35
CA PRO A 57 0.36 22.08 -16.90
C PRO A 57 1.79 22.25 -16.37
N ASN A 58 2.52 21.14 -16.14
CA ASN A 58 3.89 21.18 -15.64
C ASN A 58 4.81 21.65 -16.75
N ILE A 59 4.28 21.68 -18.01
CA ILE A 59 5.11 22.18 -19.11
C ILE A 59 4.43 23.37 -19.77
N TYR A 60 5.21 24.14 -20.55
CA TYR A 60 4.67 25.35 -21.15
C TYR A 60 3.51 24.99 -22.06
N PHE A 61 3.74 24.05 -22.97
CA PHE A 61 2.63 23.60 -23.80
C PHE A 61 2.83 22.16 -24.23
N GLY A 62 1.78 21.35 -24.05
CA GLY A 62 1.76 19.95 -24.41
C GLY A 62 0.36 19.36 -24.21
N THR A 63 0.08 18.23 -24.84
CA THR A 63 -1.22 17.60 -24.74
C THR A 63 -1.06 16.15 -24.29
N ARG A 64 -2.13 15.63 -23.64
CA ARG A 64 -2.29 14.21 -23.36
C ARG A 64 -3.77 13.97 -23.08
N PRO A 65 -4.28 12.74 -23.37
CA PRO A 65 -5.65 12.39 -23.02
C PRO A 65 -5.61 11.87 -21.57
N ARG A 66 -6.80 11.67 -21.00
CA ARG A 66 -6.89 11.16 -19.64
C ARG A 66 -6.77 9.64 -19.68
N ILE A 67 -5.62 9.18 -20.13
CA ILE A 67 -5.23 7.74 -20.27
C ILE A 67 -3.79 7.68 -19.78
N GLY A 68 -3.49 6.78 -18.87
CA GLY A 68 -2.14 6.70 -18.28
C GLY A 68 -1.05 6.40 -19.29
N LYS A 69 -1.26 5.43 -20.17
CA LYS A 69 -0.24 5.07 -21.17
C LYS A 69 -0.83 5.37 -22.53
N SER A 70 -0.46 6.50 -23.12
CA SER A 70 -1.05 6.94 -24.40
C SER A 70 -0.14 7.91 -25.15
N LEU A 71 -0.73 8.72 -26.01
CA LEU A 71 -0.01 9.69 -26.86
C LEU A 71 0.12 11.03 -26.12
N MET A 72 1.35 11.52 -26.01
CA MET A 72 1.65 12.81 -25.40
C MET A 72 2.47 13.68 -26.36
N THR A 73 2.22 14.98 -26.32
CA THR A 73 3.03 15.91 -27.12
C THR A 73 3.60 17.00 -26.21
N GLY A 74 4.73 17.60 -26.63
CA GLY A 74 5.21 18.78 -25.91
C GLY A 74 6.04 19.74 -26.78
N LEU A 75 5.91 21.04 -26.47
CA LEU A 75 6.59 22.07 -27.26
C LEU A 75 7.88 22.49 -26.57
N MET A 76 8.94 22.75 -27.37
CA MET A 76 10.19 23.32 -26.92
C MET A 76 10.63 24.38 -27.92
N TRP A 77 11.26 25.46 -27.44
CA TRP A 77 11.83 26.50 -28.30
C TRP A 77 12.99 27.13 -27.57
N GLY A 78 13.91 27.71 -28.36
CA GLY A 78 15.02 28.47 -27.81
C GLY A 78 15.75 29.21 -28.91
N LYS A 79 16.18 30.45 -28.65
CA LYS A 79 17.03 31.13 -29.61
C LYS A 79 18.38 30.42 -29.65
N ILE A 80 19.09 30.54 -30.78
CA ILE A 80 20.47 30.05 -30.89
C ILE A 80 21.32 31.16 -31.48
N GLU A 81 22.34 31.58 -30.71
CA GLU A 81 23.22 32.67 -31.08
C GLU A 81 24.65 32.17 -31.13
N SER A 82 24.88 30.96 -30.61
CA SER A 82 26.25 30.49 -30.43
C SER A 82 26.26 28.97 -30.49
N TYR A 83 27.46 28.39 -30.31
CA TYR A 83 27.67 26.95 -30.40
C TYR A 83 27.26 26.27 -29.09
N THR A 84 27.03 27.06 -28.02
CA THR A 84 26.81 26.46 -26.71
C THR A 84 25.59 27.01 -25.95
N ASP A 85 24.83 27.92 -26.57
CA ASP A 85 23.81 28.65 -25.84
C ASP A 85 22.46 27.90 -25.79
N PHE A 86 22.13 27.09 -26.82
CA PHE A 86 20.78 26.53 -26.94
C PHE A 86 20.46 25.62 -25.75
N GLN A 87 21.46 24.89 -25.21
CA GLN A 87 21.23 24.10 -24.00
C GLN A 87 20.73 24.99 -22.86
N HIS A 88 21.13 26.27 -22.83
CA HIS A 88 20.69 27.15 -21.76
C HIS A 88 19.40 27.89 -22.11
N THR A 89 19.09 28.07 -23.41
CA THR A 89 17.98 28.95 -23.75
C THR A 89 16.71 28.12 -23.90
N VAL A 90 16.86 26.82 -24.18
CA VAL A 90 15.72 26.01 -24.56
C VAL A 90 14.67 26.02 -23.44
N ARG A 91 13.39 26.12 -23.83
CA ARG A 91 12.30 26.11 -22.89
C ARG A 91 11.53 24.79 -23.04
N TYR A 92 11.04 24.25 -21.90
CA TYR A 92 10.20 23.07 -21.89
C TYR A 92 9.31 23.04 -20.64
N THR A 93 9.86 22.69 -19.48
CA THR A 93 9.06 22.64 -18.25
C THR A 93 8.88 24.05 -17.67
N CYS A 94 7.74 24.33 -17.02
CA CYS A 94 7.45 25.67 -16.51
C CYS A 94 8.43 26.09 -15.41
N GLU A 95 8.88 27.37 -15.44
CA GLU A 95 9.71 27.98 -14.40
C GLU A 95 9.31 29.46 -14.30
N GLN A 96 9.88 30.16 -13.33
CA GLN A 96 9.64 31.60 -13.27
C GLN A 96 10.86 32.24 -12.64
N ASN A 97 11.53 33.10 -13.42
CA ASN A 97 12.78 33.75 -13.06
C ASN A 97 12.86 35.06 -13.84
N GLU A 98 14.02 35.73 -13.81
CA GLU A 98 14.23 37.03 -14.46
C GLU A 98 14.15 36.91 -15.98
N GLY A 99 14.40 35.72 -16.52
CA GLY A 99 14.34 35.48 -17.96
C GLY A 99 12.92 35.40 -18.53
N MET A 100 11.91 35.29 -17.66
CA MET A 100 10.54 35.11 -18.16
C MET A 100 9.63 36.20 -17.59
N LYS A 101 9.09 37.05 -18.46
CA LYS A 101 8.24 38.15 -18.02
C LYS A 101 6.98 37.60 -17.35
N GLY A 102 6.39 36.59 -17.98
CA GLY A 102 5.13 36.05 -17.52
C GLY A 102 4.56 35.12 -18.57
N TYR A 103 3.54 34.36 -18.19
CA TYR A 103 2.84 33.51 -19.13
C TYR A 103 1.54 33.10 -18.45
N GLY A 104 0.55 32.69 -19.25
CA GLY A 104 -0.62 32.02 -18.69
C GLY A 104 -1.75 31.96 -19.73
N TRP A 105 -2.92 31.49 -19.29
CA TRP A 105 -4.06 31.32 -20.17
C TRP A 105 -4.84 32.62 -20.22
N ASP A 106 -5.18 33.06 -21.44
CA ASP A 106 -6.03 34.23 -21.56
C ASP A 106 -7.49 33.79 -21.47
N GLU A 107 -7.78 32.61 -22.02
CA GLU A 107 -9.11 32.03 -22.03
C GLU A 107 -8.92 30.53 -21.99
N TYR A 108 -9.83 29.82 -21.33
CA TYR A 108 -9.67 28.38 -21.35
C TYR A 108 -10.94 27.76 -20.83
N ASP A 109 -11.31 26.63 -21.46
CA ASP A 109 -12.38 25.75 -21.01
C ASP A 109 -11.95 24.37 -21.47
N PRO A 110 -11.77 23.41 -20.54
CA PRO A 110 -11.26 22.10 -20.92
C PRO A 110 -12.13 21.32 -21.89
N ARG A 111 -13.39 21.69 -22.07
CA ARG A 111 -14.20 21.05 -23.10
C ARG A 111 -13.86 21.58 -24.50
N ARG A 112 -13.46 22.86 -24.59
CA ARG A 112 -13.37 23.54 -25.89
C ARG A 112 -11.93 23.83 -26.31
N GLY A 113 -11.07 24.16 -25.32
CA GLY A 113 -9.73 24.63 -25.58
C GLY A 113 -9.53 26.05 -25.05
N GLY A 114 -8.55 26.77 -25.60
CA GLY A 114 -8.26 28.12 -25.12
C GLY A 114 -7.02 28.71 -25.78
N ILE A 115 -6.56 29.86 -25.26
CA ILE A 115 -5.41 30.56 -25.79
C ILE A 115 -4.46 30.89 -24.65
N GLN A 116 -3.18 30.57 -24.84
CA GLN A 116 -2.15 30.87 -23.85
C GLN A 116 -1.16 31.86 -24.46
N SER A 117 -0.78 32.86 -23.66
CA SER A 117 0.36 33.65 -24.13
C SER A 117 1.54 33.63 -23.16
N ILE A 118 2.74 33.67 -23.76
CA ILE A 118 4.02 33.42 -23.11
C ILE A 118 4.94 34.56 -23.50
N HIS A 119 5.51 35.23 -22.48
CA HIS A 119 6.31 36.42 -22.69
C HIS A 119 7.72 36.10 -22.21
N ASP A 120 8.59 35.78 -23.17
CA ASP A 120 9.88 35.20 -22.87
C ASP A 120 10.97 36.25 -23.12
N ILE A 121 11.55 36.76 -22.03
CA ILE A 121 12.56 37.80 -22.16
C ILE A 121 13.85 37.19 -22.72
N GLN A 122 14.26 36.04 -22.17
CA GLN A 122 15.52 35.46 -22.54
C GLN A 122 15.56 35.22 -24.04
N ASN A 123 14.44 34.72 -24.59
CA ASN A 123 14.45 34.32 -25.98
C ASN A 123 13.79 35.38 -26.87
N GLY A 124 13.51 36.57 -26.29
CA GLY A 124 13.07 37.73 -27.05
C GLY A 124 11.81 37.46 -27.87
N LEU A 125 10.90 36.66 -27.30
CA LEU A 125 9.76 36.10 -28.01
C LEU A 125 8.47 36.24 -27.21
N ASP A 126 7.41 36.69 -27.87
CA ASP A 126 6.04 36.59 -27.39
C ASP A 126 5.37 35.48 -28.17
N ILE A 127 4.96 34.46 -27.43
CA ILE A 127 4.39 33.26 -28.01
C ILE A 127 2.92 33.12 -27.62
N THR A 128 2.13 32.63 -28.57
CA THR A 128 0.73 32.29 -28.41
C THR A 128 0.58 30.83 -28.82
N THR A 129 -0.16 30.07 -27.99
CA THR A 129 -0.50 28.68 -28.22
C THR A 129 -2.01 28.59 -28.05
N SER A 130 -2.71 28.32 -29.17
CA SER A 130 -4.16 28.22 -29.22
C SER A 130 -4.48 26.75 -29.35
N PHE A 131 -5.37 26.25 -28.51
CA PHE A 131 -5.67 24.83 -28.58
C PHE A 131 -7.18 24.71 -28.70
N VAL A 132 -7.63 23.73 -29.49
CA VAL A 132 -9.07 23.63 -29.72
C VAL A 132 -9.41 22.18 -29.94
N LYS A 133 -10.59 21.80 -29.42
CA LYS A 133 -11.05 20.42 -29.52
C LYS A 133 -12.22 20.35 -30.50
N ILE A 134 -12.25 19.27 -31.30
CA ILE A 134 -13.26 19.12 -32.34
C ILE A 134 -13.93 17.77 -32.13
N PRO A 135 -15.15 17.76 -31.52
CA PRO A 135 -15.84 16.51 -31.18
C PRO A 135 -16.15 15.66 -32.43
N GLY A 136 -16.24 14.35 -32.21
CA GLY A 136 -16.54 13.42 -33.30
C GLY A 136 -15.82 12.10 -33.14
N GLY A 137 -16.36 11.05 -33.82
CA GLY A 137 -15.87 9.69 -33.69
C GLY A 137 -16.17 9.08 -32.31
N ALA A 138 -15.42 8.04 -31.95
CA ALA A 138 -15.71 7.27 -30.75
C ALA A 138 -14.52 7.29 -29.81
N HIS A 139 -13.59 8.23 -30.02
CA HIS A 139 -12.28 8.07 -29.39
C HIS A 139 -11.85 9.34 -28.67
N GLY A 140 -12.79 10.25 -28.50
CA GLY A 140 -12.61 11.43 -27.69
C GLY A 140 -12.43 12.64 -28.58
N GLY A 141 -12.65 12.45 -29.88
CA GLY A 141 -12.63 13.60 -30.77
C GLY A 141 -11.21 13.92 -31.27
N SER A 142 -11.13 15.07 -31.92
CA SER A 142 -9.93 15.58 -32.56
C SER A 142 -9.53 16.86 -31.81
N TRP A 143 -8.41 17.46 -32.21
CA TRP A 143 -7.93 18.70 -31.61
C TRP A 143 -6.86 19.32 -32.49
N ALA A 144 -6.67 20.62 -32.29
CA ALA A 144 -5.68 21.34 -33.06
C ALA A 144 -5.01 22.39 -32.19
N ALA A 145 -3.80 22.79 -32.58
CA ALA A 145 -3.18 23.87 -31.85
C ALA A 145 -2.43 24.72 -32.87
N ARG A 146 -2.37 26.04 -32.64
CA ARG A 146 -1.51 26.90 -33.41
C ARG A 146 -0.45 27.47 -32.49
N ILE A 147 0.81 27.33 -32.90
CA ILE A 147 1.93 27.93 -32.20
C ILE A 147 2.39 29.15 -33.00
N LYS A 148 2.33 30.34 -32.39
CA LYS A 148 2.77 31.55 -33.06
C LYS A 148 3.84 32.25 -32.22
N GLY A 149 5.01 32.47 -32.81
CA GLY A 149 6.05 33.23 -32.12
C GLY A 149 6.34 34.57 -32.80
N THR A 150 6.33 35.65 -32.03
CA THR A 150 6.59 37.00 -32.52
C THR A 150 7.75 37.59 -31.73
N LEU A 151 8.88 37.91 -32.41
CA LEU A 151 10.00 38.52 -31.70
C LEU A 151 9.56 39.84 -31.06
N ASN A 152 10.08 40.18 -29.88
CA ASN A 152 9.75 41.47 -29.28
C ASN A 152 10.67 42.54 -29.86
N ASP A 153 10.53 43.77 -29.38
CA ASP A 153 11.26 44.91 -29.96
C ASP A 153 12.75 44.80 -29.69
N ASP A 154 13.15 44.11 -28.61
CA ASP A 154 14.56 44.09 -28.26
C ASP A 154 15.28 42.96 -28.96
N ALA A 155 14.56 42.00 -29.54
CA ALA A 155 15.23 40.86 -30.17
C ALA A 155 15.90 41.29 -31.47
N PRO A 156 17.07 40.71 -31.85
CA PRO A 156 17.63 40.93 -33.17
C PRO A 156 16.61 40.44 -34.18
N LYS A 157 16.36 41.26 -35.20
CA LYS A 157 15.37 41.00 -36.25
C LYS A 157 15.67 39.70 -37.00
N ASP A 158 16.95 39.31 -37.02
CA ASP A 158 17.35 38.07 -37.67
C ASP A 158 17.64 36.95 -36.67
N GLN A 159 17.02 36.98 -35.46
CA GLN A 159 17.18 35.90 -34.50
C GLN A 159 16.84 34.56 -35.16
N LYS A 160 17.68 33.57 -34.89
CA LYS A 160 17.35 32.19 -35.19
C LYS A 160 16.74 31.51 -33.96
N THR A 161 15.53 30.96 -34.11
CA THR A 161 14.86 30.23 -33.04
C THR A 161 14.65 28.77 -33.47
N ILE A 162 15.16 27.85 -32.66
CA ILE A 162 14.86 26.43 -32.77
C ILE A 162 13.54 26.11 -32.10
N VAL A 163 12.67 25.39 -32.83
CA VAL A 163 11.39 24.95 -32.31
C VAL A 163 11.28 23.45 -32.56
N VAL A 164 10.83 22.73 -31.51
CA VAL A 164 10.72 21.29 -31.55
C VAL A 164 9.31 20.93 -31.10
N PHE A 165 8.69 19.99 -31.83
CA PHE A 165 7.47 19.36 -31.36
C PHE A 165 7.80 17.90 -31.11
N TYR A 166 7.60 17.49 -29.86
CA TYR A 166 8.04 16.19 -29.40
C TYR A 166 6.80 15.36 -29.12
N VAL A 167 6.79 14.17 -29.69
CA VAL A 167 5.63 13.29 -29.64
C VAL A 167 6.10 11.93 -29.16
N SER A 168 5.43 11.44 -28.11
CA SER A 168 5.74 10.14 -27.56
C SER A 168 4.44 9.35 -27.39
N GLN A 169 4.53 8.02 -27.45
CA GLN A 169 3.40 7.14 -27.24
C GLN A 169 3.80 5.93 -26.41
N GLU A 170 3.12 5.72 -25.27
CA GLU A 170 3.37 4.60 -24.38
C GLU A 170 2.29 3.55 -24.61
N GLY A 171 2.65 2.28 -24.47
CA GLY A 171 1.71 1.19 -24.71
C GLY A 171 2.34 0.04 -25.49
N GLU A 172 1.87 -1.20 -25.23
CA GLU A 172 2.50 -2.40 -25.78
C GLU A 172 2.10 -2.66 -27.23
N ASN A 173 0.81 -2.46 -27.56
CA ASN A 173 0.26 -2.91 -28.83
C ASN A 173 -0.18 -1.70 -29.65
N SER A 174 0.75 -0.77 -29.82
CA SER A 174 0.36 0.48 -30.44
C SER A 174 1.47 0.99 -31.35
N GLU A 175 1.09 1.82 -32.32
CA GLU A 175 2.09 2.10 -33.33
C GLU A 175 1.99 3.57 -33.71
N LEU A 176 3.11 4.12 -34.17
CA LEU A 176 3.16 5.50 -34.62
C LEU A 176 4.33 5.62 -35.60
N GLU A 177 4.04 6.16 -36.79
CA GLU A 177 5.05 6.22 -37.84
C GLU A 177 5.05 7.60 -38.50
N ALA A 178 6.25 8.17 -38.70
CA ALA A 178 6.41 9.35 -39.55
C ALA A 178 6.44 8.96 -41.02
N VAL A 179 5.50 9.50 -41.81
CA VAL A 179 5.54 9.30 -43.25
C VAL A 179 6.77 10.02 -43.81
N PRO A 180 7.66 9.28 -44.52
CA PRO A 180 8.88 9.86 -45.10
C PRO A 180 8.63 11.07 -45.99
N SER A 181 9.62 11.95 -46.02
CA SER A 181 9.66 13.10 -46.92
C SER A 181 9.73 12.63 -48.36
N GLU A 182 9.26 13.46 -49.32
CA GLU A 182 9.56 13.31 -50.74
C GLU A 182 11.00 13.74 -51.01
N ASN A 183 11.51 14.70 -50.23
CA ASN A 183 12.79 15.38 -50.47
C ASN A 183 13.92 14.69 -49.72
N GLU A 184 15.17 15.03 -50.04
CA GLU A 184 16.31 14.21 -49.64
C GLU A 184 16.65 14.35 -48.14
N PHE A 185 16.54 15.56 -47.60
CA PHE A 185 17.24 15.89 -46.36
C PHE A 185 16.25 16.28 -45.26
N GLY A 186 14.95 16.18 -45.54
CA GLY A 186 13.98 16.81 -44.67
C GLY A 186 12.69 17.12 -45.41
N TYR A 187 11.81 17.87 -44.75
CA TYR A 187 10.48 18.13 -45.25
C TYR A 187 10.40 19.56 -45.75
N GLU A 188 9.88 19.72 -46.96
CA GLU A 188 9.56 21.03 -47.51
C GLU A 188 8.18 21.44 -47.03
N GLY A 189 7.26 20.47 -46.88
CA GLY A 189 5.89 20.77 -46.46
C GLY A 189 5.56 20.24 -45.08
N ASP A 190 4.44 19.51 -44.95
CA ASP A 190 3.94 19.15 -43.64
C ASP A 190 4.57 17.83 -43.22
N VAL A 191 4.59 17.54 -41.91
CA VAL A 191 4.99 16.24 -41.40
C VAL A 191 3.73 15.46 -40.99
N ILE A 192 3.58 14.25 -41.55
CA ILE A 192 2.44 13.43 -41.18
C ILE A 192 2.89 12.26 -40.31
N LEU A 193 2.31 12.18 -39.10
CA LEU A 193 2.54 11.02 -38.27
C LEU A 193 1.24 10.24 -38.32
N LYS A 194 1.37 8.94 -38.62
CA LYS A 194 0.22 8.03 -38.61
C LYS A 194 0.40 7.06 -37.44
N GLY A 195 -0.63 6.94 -36.61
CA GLY A 195 -0.52 6.04 -35.49
C GLY A 195 -1.84 5.34 -35.16
N ARG A 196 -1.77 4.44 -34.17
CA ARG A 196 -2.90 3.61 -33.80
C ARG A 196 -2.63 3.04 -32.42
N SER A 197 -3.71 2.91 -31.63
CA SER A 197 -3.67 2.19 -30.35
C SER A 197 -5.10 1.76 -30.02
N GLU A 198 -5.22 0.85 -29.05
CA GLU A 198 -6.51 0.42 -28.51
C GLU A 198 -7.32 1.61 -28.00
N ALA A 199 -6.69 2.49 -27.23
CA ALA A 199 -7.38 3.63 -26.62
C ALA A 199 -7.88 4.61 -27.68
N LEU A 200 -7.04 4.91 -28.69
CA LEU A 200 -7.36 6.01 -29.59
C LEU A 200 -7.83 5.51 -30.97
N GLY A 201 -7.75 4.21 -31.23
CA GLY A 201 -8.00 3.73 -32.58
C GLY A 201 -6.96 4.29 -33.54
N ASN A 202 -7.32 4.42 -34.82
CA ASN A 202 -6.44 5.04 -35.80
C ASN A 202 -6.54 6.56 -35.66
N TYR A 203 -5.41 7.26 -35.90
CA TYR A 203 -5.39 8.73 -35.92
C TYR A 203 -4.20 9.18 -36.76
N LYS A 204 -4.23 10.46 -37.15
CA LYS A 204 -3.06 11.10 -37.74
C LYS A 204 -2.77 12.40 -37.01
N LEU A 205 -1.48 12.72 -36.92
CA LEU A 205 -1.01 13.93 -36.28
C LEU A 205 -0.10 14.66 -37.26
N VAL A 206 -0.54 15.85 -37.69
CA VAL A 206 0.18 16.63 -38.67
C VAL A 206 0.77 17.89 -38.02
N VAL A 207 2.07 18.10 -38.27
CA VAL A 207 2.74 19.33 -37.95
C VAL A 207 2.95 20.06 -39.27
N THR A 208 2.26 21.19 -39.45
CA THR A 208 2.21 21.84 -40.74
C THR A 208 3.51 22.59 -41.03
N LYS A 209 3.71 22.91 -42.31
CA LYS A 209 4.88 23.63 -42.82
C LYS A 209 5.09 24.91 -42.01
N GLY A 210 4.01 25.64 -41.75
CA GLY A 210 4.06 26.92 -41.07
C GLY A 210 4.46 28.08 -41.97
N LYS A 211 4.48 29.29 -41.40
CA LYS A 211 4.90 30.53 -42.04
C LYS A 211 6.17 31.06 -41.34
N GLY A 212 7.12 31.57 -42.13
CA GLY A 212 8.31 32.24 -41.61
C GLY A 212 9.59 31.88 -42.38
N VAL A 213 10.62 32.73 -42.29
CA VAL A 213 11.85 32.49 -43.03
C VAL A 213 12.56 31.25 -42.48
N ILE A 214 12.89 30.32 -43.37
CA ILE A 214 13.76 29.21 -43.02
C ILE A 214 15.17 29.61 -43.43
N PRO A 215 16.15 29.77 -42.49
CA PRO A 215 17.52 30.13 -42.86
C PRO A 215 18.15 29.03 -43.71
N GLN A 216 19.15 29.39 -44.52
CA GLN A 216 19.72 28.45 -45.48
C GLN A 216 21.23 28.52 -45.36
N SER A 217 21.86 27.37 -45.39
CA SER A 217 23.28 27.34 -45.14
C SER A 217 23.99 27.06 -46.46
N ASP A 218 25.01 27.88 -46.74
CA ASP A 218 25.81 27.70 -47.95
C ASP A 218 27.02 26.82 -47.64
N HIS A 219 27.11 26.30 -46.40
CA HIS A 219 28.25 25.49 -45.98
C HIS A 219 28.28 24.16 -46.74
N ASP A 220 29.48 23.61 -46.91
CA ASP A 220 29.70 22.25 -47.40
C ASP A 220 28.72 21.23 -46.80
N LEU A 221 28.46 21.35 -45.50
CA LEU A 221 27.64 20.40 -44.77
C LEU A 221 26.26 20.24 -45.42
N SER A 222 25.81 21.29 -46.11
CA SER A 222 24.50 21.29 -46.75
C SER A 222 24.41 20.23 -47.87
N ARG A 223 25.56 19.80 -48.37
CA ARG A 223 25.60 18.70 -49.34
C ARG A 223 25.15 17.40 -48.67
N LEU A 224 25.38 17.27 -47.34
CA LEU A 224 25.04 16.05 -46.64
C LEU A 224 23.78 16.22 -45.79
N ARG A 225 23.54 17.43 -45.27
CA ARG A 225 22.48 17.66 -44.30
C ARG A 225 21.37 18.54 -44.85
N GLY A 226 21.48 18.92 -46.13
CA GLY A 226 20.54 19.85 -46.72
C GLY A 226 20.85 21.28 -46.29
N PRO A 227 20.36 22.32 -47.01
CA PRO A 227 20.65 23.71 -46.65
C PRO A 227 19.94 24.20 -45.40
N GLY A 228 18.94 23.44 -44.93
CA GLY A 228 18.12 23.82 -43.80
C GLY A 228 16.66 23.62 -44.17
N GLN A 229 15.98 22.76 -43.41
CA GLN A 229 14.58 22.37 -43.60
C GLN A 229 14.07 21.66 -42.33
N THR A 230 12.76 21.48 -42.25
CA THR A 230 12.14 20.74 -41.16
C THR A 230 12.68 19.31 -41.22
N VAL A 231 13.02 18.76 -40.06
CA VAL A 231 13.48 17.38 -39.99
C VAL A 231 12.66 16.62 -38.95
N VAL A 232 12.69 15.28 -39.06
CA VAL A 232 12.04 14.39 -38.13
C VAL A 232 13.00 13.27 -37.77
N GLN A 233 13.13 12.97 -36.46
CA GLN A 233 13.80 11.75 -36.03
C GLN A 233 12.80 10.90 -35.28
N SER A 234 12.66 9.64 -35.74
CA SER A 234 11.80 8.67 -35.12
C SER A 234 12.64 7.65 -34.36
N LEU A 235 12.32 7.42 -33.08
CA LEU A 235 13.17 6.66 -32.17
C LEU A 235 12.34 5.79 -31.24
N THR A 236 13.06 4.94 -30.52
CA THR A 236 12.45 4.07 -29.53
C THR A 236 13.29 4.08 -28.26
N TYR A 237 12.59 4.28 -27.13
CA TYR A 237 13.14 4.10 -25.80
C TYR A 237 12.15 3.25 -25.02
N PRO A 238 12.52 2.61 -23.89
CA PRO A 238 11.52 1.93 -23.06
C PRO A 238 10.52 2.97 -22.57
N ASP A 239 9.24 2.58 -22.60
CA ASP A 239 8.08 3.46 -22.35
C ASP A 239 8.25 4.35 -21.13
N GLU A 240 8.92 3.87 -20.08
CA GLU A 240 8.81 4.57 -18.82
C GLU A 240 9.69 5.83 -18.82
N VAL A 241 10.47 6.08 -19.88
CA VAL A 241 11.37 7.23 -19.88
C VAL A 241 11.04 8.22 -20.99
N LEU A 242 10.02 7.92 -21.78
CA LEU A 242 9.55 8.76 -22.86
C LEU A 242 9.29 10.20 -22.39
N TRP A 243 8.95 10.36 -21.10
CA TRP A 243 8.62 11.69 -20.58
C TRP A 243 9.84 12.60 -20.54
N GLN A 244 11.07 12.03 -20.61
CA GLN A 244 12.30 12.80 -20.46
C GLN A 244 12.73 13.46 -21.78
N ALA A 245 11.86 14.34 -22.30
CA ALA A 245 11.97 14.87 -23.66
C ALA A 245 13.27 15.66 -23.84
N LYS A 246 13.63 16.46 -22.82
CA LYS A 246 14.84 17.27 -22.91
C LYS A 246 16.10 16.40 -23.09
N PRO A 247 16.41 15.48 -22.16
CA PRO A 247 17.57 14.61 -22.35
C PRO A 247 17.52 13.78 -23.65
N ILE A 248 16.33 13.33 -24.06
CA ILE A 248 16.21 12.59 -25.29
C ILE A 248 16.58 13.50 -26.46
N LEU A 249 16.05 14.74 -26.47
CA LEU A 249 16.41 15.64 -27.54
C LEU A 249 17.92 15.82 -27.56
N PHE A 250 18.51 16.17 -26.41
CA PHE A 250 19.92 16.51 -26.35
C PHE A 250 20.83 15.34 -26.74
N GLN A 251 20.40 14.12 -26.42
CA GLN A 251 21.25 12.99 -26.76
C GLN A 251 21.38 12.98 -28.28
N GLN A 252 20.27 13.33 -28.97
CA GLN A 252 20.22 13.31 -30.42
C GLN A 252 21.07 14.44 -31.00
N LEU A 253 21.04 15.61 -30.34
CA LEU A 253 21.83 16.75 -30.78
C LEU A 253 23.32 16.45 -30.62
N LYS A 254 23.67 15.86 -29.48
CA LYS A 254 25.05 15.51 -29.19
C LYS A 254 25.56 14.47 -30.19
N ALA A 255 24.73 13.48 -30.57
CA ALA A 255 25.16 12.53 -31.58
C ALA A 255 25.39 13.26 -32.91
N GLY A 256 24.56 14.26 -33.26
CA GLY A 256 24.79 15.05 -34.47
C GLY A 256 26.15 15.76 -34.43
N ILE A 257 26.48 16.34 -33.28
CA ILE A 257 27.74 17.07 -33.15
C ILE A 257 28.93 16.10 -33.23
N ASP A 258 28.82 14.94 -32.58
CA ASP A 258 29.89 13.94 -32.63
C ASP A 258 30.16 13.54 -34.07
N TRP A 259 29.09 13.38 -34.86
CA TRP A 259 29.22 13.04 -36.26
C TRP A 259 29.99 14.13 -37.02
N LEU A 260 29.67 15.40 -36.77
CA LEU A 260 30.36 16.52 -37.36
C LEU A 260 31.86 16.41 -37.09
N VAL A 261 32.21 16.17 -35.80
CA VAL A 261 33.59 16.08 -35.37
C VAL A 261 34.27 14.92 -36.12
N GLU A 262 33.54 13.82 -36.30
CA GLU A 262 34.12 12.61 -36.82
C GLU A 262 34.36 12.77 -38.33
N ASN A 263 33.53 13.59 -38.97
CA ASN A 263 33.52 13.73 -40.42
C ASN A 263 34.18 15.04 -40.85
N LYS A 264 35.03 15.61 -39.97
CA LYS A 264 36.02 16.64 -40.28
C LYS A 264 35.35 18.01 -40.39
N TYR A 265 34.18 18.20 -39.76
CA TYR A 265 33.66 19.56 -39.66
C TYR A 265 34.18 20.17 -38.36
N ASP A 266 35.01 21.22 -38.48
CA ASP A 266 35.85 21.71 -37.39
C ASP A 266 35.89 23.24 -37.34
N VAL A 267 36.79 23.77 -36.50
CA VAL A 267 36.77 25.20 -36.18
C VAL A 267 37.52 26.01 -37.24
N ALA A 268 38.23 25.34 -38.18
CA ALA A 268 38.82 26.03 -39.31
C ALA A 268 37.75 26.60 -40.25
N ASP A 269 36.59 25.93 -40.31
CA ASP A 269 35.50 26.28 -41.21
C ASP A 269 34.20 25.66 -40.68
N PRO A 270 33.57 26.20 -39.61
CA PRO A 270 32.46 25.51 -38.97
C PRO A 270 31.11 25.93 -39.58
N PRO A 271 30.14 25.01 -39.71
CA PRO A 271 28.81 25.39 -40.16
C PRO A 271 28.26 26.39 -39.14
N PRO A 272 27.21 27.17 -39.50
CA PRO A 272 26.57 28.07 -38.55
C PRO A 272 25.93 27.29 -37.39
N PRO A 273 25.76 27.92 -36.19
CA PRO A 273 25.22 27.22 -35.02
C PRO A 273 23.93 26.45 -35.30
N TRP A 274 22.99 27.11 -35.96
CA TRP A 274 21.65 26.58 -36.12
C TRP A 274 21.69 25.34 -37.01
N GLN A 275 22.76 25.21 -37.81
CA GLN A 275 22.88 24.04 -38.66
C GLN A 275 23.55 22.94 -37.85
N VAL A 276 24.51 23.33 -36.99
CA VAL A 276 25.13 22.39 -36.08
C VAL A 276 24.09 21.72 -35.19
N TYR A 277 23.03 22.47 -34.81
CA TYR A 277 21.95 21.99 -33.96
C TYR A 277 20.70 21.49 -34.72
N LEU A 278 20.83 21.25 -36.06
CA LEU A 278 19.70 20.71 -36.81
C LEU A 278 19.90 19.22 -37.00
N LEU A 279 18.95 18.42 -36.47
CA LEU A 279 19.14 16.98 -36.45
C LEU A 279 19.14 16.49 -37.89
N ALA A 280 19.88 15.41 -38.14
CA ALA A 280 19.84 14.68 -39.41
C ALA A 280 18.45 14.03 -39.52
N ASN A 281 17.73 14.32 -40.59
CA ASN A 281 16.40 13.76 -40.86
C ASN A 281 16.47 12.22 -40.91
N LYS A 282 15.62 11.54 -40.15
CA LYS A 282 15.56 10.09 -40.16
C LYS A 282 14.19 9.64 -39.66
N PRO A 283 13.08 9.88 -40.41
CA PRO A 283 11.75 9.55 -39.94
C PRO A 283 11.59 8.04 -40.08
N GLY A 284 10.59 7.50 -39.37
CA GLY A 284 10.35 6.07 -39.35
C GLY A 284 9.30 5.70 -38.31
N SER A 285 9.46 4.48 -37.81
CA SER A 285 8.65 3.89 -36.76
C SER A 285 9.31 4.16 -35.43
N GLY A 286 8.50 4.36 -34.38
CA GLY A 286 9.01 4.44 -33.03
C GLY A 286 7.97 4.94 -32.05
N ASN A 287 8.33 5.05 -30.78
CA ASN A 287 7.44 5.54 -29.76
C ASN A 287 7.84 6.97 -29.36
N VAL A 288 8.90 7.49 -30.00
CA VAL A 288 9.30 8.90 -29.90
C VAL A 288 9.48 9.50 -31.30
N HIS A 289 8.84 10.66 -31.54
CA HIS A 289 9.07 11.40 -32.77
C HIS A 289 9.44 12.84 -32.46
N ILE A 290 10.63 13.26 -32.90
CA ILE A 290 11.06 14.65 -32.75
C ILE A 290 10.88 15.40 -34.07
N VAL A 291 10.03 16.44 -34.06
CA VAL A 291 9.89 17.30 -35.23
C VAL A 291 10.54 18.64 -34.93
N GLN A 292 11.60 18.99 -35.68
CA GLN A 292 12.37 20.21 -35.46
C GLN A 292 12.25 21.13 -36.68
N LYS A 293 12.10 22.44 -36.39
CA LYS A 293 12.16 23.53 -37.35
C LYS A 293 13.11 24.60 -36.82
N VAL A 294 13.83 25.26 -37.73
CA VAL A 294 14.52 26.49 -37.41
C VAL A 294 13.82 27.63 -38.15
N PHE A 295 13.57 28.74 -37.46
CA PHE A 295 13.01 29.92 -38.11
C PHE A 295 13.89 31.13 -37.85
N GLU A 296 13.90 32.05 -38.82
CA GLU A 296 14.53 33.34 -38.65
C GLU A 296 13.42 34.40 -38.62
N GLY A 297 13.39 35.20 -37.56
CA GLY A 297 12.31 36.16 -37.40
C GLY A 297 11.02 35.48 -36.91
N ASP A 298 9.86 36.12 -37.15
CA ASP A 298 8.58 35.61 -36.66
C ASP A 298 8.22 34.31 -37.38
N PHE A 299 7.44 33.48 -36.70
CA PHE A 299 7.11 32.15 -37.20
C PHE A 299 5.75 31.74 -36.68
N GLU A 300 5.13 30.76 -37.35
CA GLU A 300 3.93 30.11 -36.84
C GLU A 300 3.72 28.79 -37.56
N PHE A 301 3.09 27.84 -36.86
CA PHE A 301 2.76 26.55 -37.45
C PHE A 301 1.62 25.89 -36.68
N ASP A 302 1.03 24.85 -37.29
CA ASP A 302 -0.14 24.23 -36.72
C ASP A 302 0.13 22.78 -36.35
N ILE A 303 -0.62 22.28 -35.37
CA ILE A 303 -0.66 20.84 -35.13
C ILE A 303 -2.10 20.39 -35.25
N LEU A 304 -2.32 19.37 -36.09
CA LEU A 304 -3.66 18.88 -36.38
C LEU A 304 -3.74 17.40 -36.03
N PHE A 305 -4.55 17.12 -34.99
CA PHE A 305 -4.74 15.74 -34.58
C PHE A 305 -6.10 15.33 -35.11
N SER A 306 -6.09 14.30 -35.96
CA SER A 306 -7.33 13.86 -36.60
C SER A 306 -7.63 12.45 -36.17
N SER A 307 -8.75 12.31 -35.45
CA SER A 307 -9.25 11.00 -35.03
C SER A 307 -9.97 10.36 -36.21
N GLU A 308 -9.47 9.20 -36.65
CA GLU A 308 -9.97 8.58 -37.86
C GLU A 308 -11.46 8.28 -37.75
N SER A 309 -11.90 7.70 -36.63
CA SER A 309 -13.30 7.38 -36.40
C SER A 309 -14.24 8.58 -36.56
N ALA A 310 -13.73 9.82 -36.52
CA ALA A 310 -14.55 11.00 -36.76
C ALA A 310 -14.68 11.24 -38.26
N GLY A 311 -15.37 12.32 -38.64
CA GLY A 311 -15.60 12.67 -40.03
C GLY A 311 -14.32 12.73 -40.87
N LYS A 312 -14.12 13.89 -41.52
CA LYS A 312 -12.94 14.13 -42.35
C LYS A 312 -11.81 14.60 -41.43
N GLU A 313 -10.59 14.62 -41.96
CA GLU A 313 -9.49 15.07 -41.15
C GLU A 313 -9.62 16.57 -40.83
N VAL A 314 -8.90 17.01 -39.79
CA VAL A 314 -8.94 18.39 -39.32
C VAL A 314 -7.98 19.22 -40.16
N THR A 315 -8.41 20.44 -40.51
CA THR A 315 -7.60 21.31 -41.33
C THR A 315 -7.29 22.57 -40.53
N SER A 316 -6.34 23.36 -41.05
CA SER A 316 -6.01 24.66 -40.47
C SER A 316 -7.19 25.62 -40.51
N LYS A 317 -8.07 25.49 -41.51
CA LYS A 317 -9.23 26.38 -41.60
C LYS A 317 -10.19 26.00 -40.48
N ASP A 318 -10.29 24.68 -40.24
CA ASP A 318 -11.03 24.19 -39.09
C ASP A 318 -10.52 24.82 -37.79
N LEU A 319 -9.18 24.86 -37.65
CA LEU A 319 -8.54 25.34 -36.44
C LEU A 319 -8.95 26.79 -36.20
N GLU A 320 -8.80 27.62 -37.26
CA GLU A 320 -9.01 29.05 -37.10
C GLU A 320 -10.46 29.31 -36.71
N ARG A 321 -11.38 28.57 -37.34
CA ARG A 321 -12.79 28.78 -37.09
C ARG A 321 -13.12 28.36 -35.66
N GLU A 322 -12.66 27.17 -35.27
CA GLU A 322 -13.04 26.69 -33.95
C GLU A 322 -12.43 27.54 -32.82
N VAL A 323 -11.26 28.14 -33.04
CA VAL A 323 -10.66 29.08 -32.09
C VAL A 323 -11.56 30.30 -31.95
N LYS A 324 -12.09 30.79 -33.09
CA LYS A 324 -12.91 31.99 -33.08
C LYS A 324 -14.20 31.72 -32.30
N GLN A 325 -14.70 30.50 -32.44
CA GLN A 325 -15.97 30.09 -31.87
C GLN A 325 -15.78 29.91 -30.36
N ALA A 326 -14.66 29.28 -29.98
CA ALA A 326 -14.33 29.08 -28.58
C ALA A 326 -14.32 30.41 -27.83
N THR A 327 -13.63 31.41 -28.38
CA THR A 327 -13.50 32.72 -27.74
C THR A 327 -14.90 33.29 -27.50
N GLU A 328 -15.75 33.21 -28.53
CA GLU A 328 -17.10 33.75 -28.47
C GLU A 328 -17.85 33.13 -27.29
N VAL A 329 -17.88 31.80 -27.26
CA VAL A 329 -18.54 31.02 -26.23
C VAL A 329 -17.92 31.33 -24.87
N PHE A 330 -16.57 31.46 -24.81
CA PHE A 330 -15.92 31.77 -23.55
C PHE A 330 -16.48 33.09 -23.00
N GLY A 331 -16.52 34.11 -23.87
CA GLY A 331 -17.05 35.42 -23.50
C GLY A 331 -18.49 35.38 -22.96
N GLU A 332 -19.37 34.64 -23.65
CA GLU A 332 -20.77 34.58 -23.28
C GLU A 332 -20.90 33.94 -21.90
N ARG A 333 -20.17 32.84 -21.67
CA ARG A 333 -20.27 32.11 -20.41
C ARG A 333 -19.79 32.99 -19.25
N PHE A 334 -18.62 33.62 -19.43
CA PHE A 334 -18.04 34.41 -18.35
C PHE A 334 -19.03 35.46 -17.85
N ALA A 335 -19.67 36.17 -18.78
CA ALA A 335 -20.55 37.28 -18.44
C ALA A 335 -21.74 36.80 -17.62
N ARG A 336 -22.18 35.55 -17.82
CA ARG A 336 -23.29 34.98 -17.08
C ARG A 336 -22.81 34.44 -15.74
N VAL A 337 -21.65 33.75 -15.76
CA VAL A 337 -21.24 32.98 -14.59
C VAL A 337 -20.50 33.88 -13.62
N PHE A 338 -19.67 34.77 -14.16
CA PHE A 338 -18.87 35.65 -13.34
C PHE A 338 -19.23 37.11 -13.67
N ASP A 339 -20.42 37.49 -13.24
CA ASP A 339 -20.91 38.83 -13.51
C ASP A 339 -20.41 39.70 -12.37
N LEU A 340 -19.40 40.53 -12.64
CA LEU A 340 -18.73 41.21 -11.54
C LEU A 340 -19.60 42.35 -11.06
N LYS A 341 -19.80 42.41 -9.74
CA LYS A 341 -20.62 43.43 -9.12
C LYS A 341 -19.75 44.62 -8.72
N ALA A 342 -20.43 45.73 -8.39
CA ALA A 342 -19.78 46.98 -8.05
C ALA A 342 -18.89 46.77 -6.83
N PRO A 343 -17.74 47.48 -6.73
CA PRO A 343 -17.29 48.42 -7.75
C PRO A 343 -16.28 47.84 -8.74
N PHE A 344 -16.52 46.59 -9.15
CA PHE A 344 -15.60 45.89 -10.04
C PHE A 344 -16.25 45.60 -11.40
N GLN A 345 -17.19 46.44 -11.84
CA GLN A 345 -17.97 46.08 -13.02
C GLN A 345 -17.23 46.54 -14.27
N GLY A 346 -16.20 47.36 -14.08
CA GLY A 346 -15.44 47.94 -15.19
C GLY A 346 -14.60 46.90 -15.94
N ASP A 347 -14.15 47.29 -17.15
CA ASP A 347 -13.48 46.37 -18.08
C ASP A 347 -12.10 45.98 -17.57
N ASN A 348 -11.49 46.81 -16.71
CA ASN A 348 -10.17 46.51 -16.19
C ASN A 348 -10.26 45.30 -15.25
N TYR A 349 -11.29 45.27 -14.41
CA TYR A 349 -11.57 44.18 -13.48
C TYR A 349 -12.00 42.92 -14.23
N LYS A 350 -12.67 43.11 -15.37
CA LYS A 350 -13.18 42.01 -16.17
C LYS A 350 -12.00 41.25 -16.77
N LYS A 351 -11.06 41.99 -17.34
CA LYS A 351 -9.84 41.43 -17.90
C LYS A 351 -9.11 40.66 -16.80
N PHE A 352 -9.06 41.27 -15.61
CA PHE A 352 -8.41 40.72 -14.44
C PHE A 352 -9.09 39.40 -14.06
N GLY A 353 -10.43 39.43 -13.99
CA GLY A 353 -11.22 38.26 -13.64
C GLY A 353 -10.99 37.10 -14.61
N LYS A 354 -10.99 37.41 -15.91
CA LYS A 354 -10.79 36.42 -16.97
C LYS A 354 -9.43 35.76 -16.84
N SER A 355 -8.41 36.56 -16.48
CA SER A 355 -7.04 36.04 -16.35
C SER A 355 -6.93 35.17 -15.10
N MET A 356 -7.43 35.67 -13.97
CA MET A 356 -7.37 34.87 -12.74
C MET A 356 -8.16 33.57 -12.95
N PHE A 357 -9.35 33.65 -13.55
CA PHE A 357 -10.15 32.44 -13.73
C PHE A 357 -9.49 31.51 -14.73
N SER A 358 -9.07 32.06 -15.86
CA SER A 358 -8.54 31.22 -16.93
C SER A 358 -7.27 30.47 -16.49
N ASN A 359 -6.39 31.12 -15.70
CA ASN A 359 -5.20 30.45 -15.16
C ASN A 359 -5.56 29.33 -14.19
N LEU A 360 -6.64 29.51 -13.41
CA LEU A 360 -7.04 28.48 -12.46
C LEU A 360 -7.56 27.25 -13.20
N ILE A 361 -8.45 27.43 -14.18
CA ILE A 361 -9.10 26.27 -14.80
C ILE A 361 -8.13 25.70 -15.81
N GLY A 362 -7.32 26.62 -16.39
CA GLY A 362 -6.21 26.26 -17.26
C GLY A 362 -5.13 25.38 -16.61
N GLY A 363 -5.04 25.40 -15.29
CA GLY A 363 -4.05 24.56 -14.59
C GLY A 363 -4.42 23.07 -14.57
N ILE A 364 -5.58 22.70 -15.12
CA ILE A 364 -6.07 21.35 -14.94
C ILE A 364 -5.09 20.37 -15.58
N GLY A 365 -4.69 19.34 -14.83
CA GLY A 365 -3.81 18.33 -15.38
C GLY A 365 -4.37 16.91 -15.24
N TYR A 366 -3.82 15.98 -16.05
CA TYR A 366 -3.96 14.55 -15.86
C TYR A 366 -2.60 13.97 -15.48
N PHE A 367 -2.54 13.30 -14.31
CA PHE A 367 -1.32 12.75 -13.75
C PHE A 367 -1.50 11.23 -13.60
N TYR A 368 -0.44 10.45 -13.82
CA TYR A 368 -0.55 9.00 -13.78
C TYR A 368 0.78 8.43 -13.36
N GLY A 369 0.74 7.44 -12.47
CA GLY A 369 1.98 6.77 -12.05
C GLY A 369 1.92 6.26 -10.60
N HIS A 370 3.07 5.76 -10.12
CA HIS A 370 3.20 5.25 -8.78
C HIS A 370 3.49 6.41 -7.84
N SER A 371 3.04 6.28 -6.58
CA SER A 371 3.36 7.21 -5.50
C SER A 371 4.22 6.50 -4.47
N LEU A 372 4.93 7.33 -3.67
CA LEU A 372 5.83 6.89 -2.61
C LEU A 372 5.12 6.99 -1.26
N VAL A 373 4.92 5.85 -0.59
CA VAL A 373 4.12 5.75 0.62
C VAL A 373 4.82 4.85 1.64
N ASP A 374 4.91 5.34 2.88
CA ASP A 374 5.33 4.54 4.02
C ASP A 374 4.13 3.74 4.52
N ARG A 375 4.12 2.43 4.23
CA ARG A 375 3.00 1.59 4.67
C ARG A 375 3.39 0.77 5.91
N SER A 376 4.38 1.21 6.69
CA SER A 376 4.77 0.50 7.90
C SER A 376 3.71 0.60 9.03
N TYR A 377 2.90 1.68 9.03
CA TYR A 377 2.10 2.04 10.19
C TYR A 377 2.88 1.84 11.50
N ALA A 378 4.12 2.35 11.52
CA ALA A 378 4.96 2.27 12.71
C ALA A 378 4.18 2.80 13.91
N PRO A 379 4.25 2.12 15.08
CA PRO A 379 3.56 2.58 16.29
C PRO A 379 3.93 4.00 16.71
N GLU A 380 5.16 4.42 16.41
CA GLU A 380 5.62 5.78 16.68
C GLU A 380 4.72 6.80 15.97
N TYR A 381 4.01 6.41 14.90
CA TYR A 381 3.20 7.39 14.19
C TYR A 381 1.90 7.64 14.96
N ASP A 382 1.67 6.93 16.06
CA ASP A 382 0.42 7.14 16.78
C ASP A 382 0.48 8.42 17.63
N GLU A 383 1.73 8.85 17.98
CA GLU A 383 1.99 10.10 18.67
C GLU A 383 1.28 10.10 20.04
N GLU A 384 1.53 9.05 20.84
CA GLU A 384 0.82 8.92 22.10
C GLU A 384 1.66 9.38 23.29
N ASN A 385 2.97 9.42 23.10
CA ASN A 385 3.87 9.86 24.16
C ASN A 385 4.22 11.34 24.00
N GLU A 386 4.65 11.93 25.12
CA GLU A 386 5.36 13.20 25.14
C GLU A 386 6.64 13.02 24.31
N GLY A 387 6.93 14.01 23.45
CA GLY A 387 8.17 13.98 22.66
C GLY A 387 8.01 13.11 21.41
N PHE A 388 6.76 12.90 20.99
CA PHE A 388 6.40 11.97 19.92
C PHE A 388 7.16 12.29 18.64
N TRP A 389 7.45 13.58 18.42
CA TRP A 389 8.04 13.99 17.15
C TRP A 389 9.40 13.31 16.96
N GLU A 390 10.13 13.04 18.04
CA GLU A 390 11.43 12.41 17.92
C GLU A 390 11.26 10.93 17.54
N ASP A 391 10.27 10.27 18.15
CA ASP A 391 9.90 8.90 17.86
C ASP A 391 9.52 8.78 16.38
N ALA A 392 8.62 9.66 15.92
CA ALA A 392 8.18 9.72 14.53
C ALA A 392 9.38 9.91 13.59
N ALA A 393 10.38 10.72 13.98
CA ALA A 393 11.55 10.90 13.14
C ALA A 393 12.30 9.57 13.02
N GLU A 394 12.29 8.79 14.10
CA GLU A 394 13.05 7.56 14.12
C GLU A 394 12.40 6.55 13.16
N ALA A 395 11.07 6.52 13.16
CA ALA A 395 10.34 5.63 12.26
C ALA A 395 10.64 5.98 10.80
N ARG A 396 10.59 7.29 10.49
CA ARG A 396 10.91 7.78 9.16
C ARG A 396 12.32 7.31 8.77
N ALA A 397 13.25 7.29 9.74
CA ALA A 397 14.62 6.98 9.37
C ALA A 397 14.80 5.47 9.16
N ARG A 398 13.74 4.69 9.34
CA ARG A 398 13.75 3.31 8.89
C ARG A 398 13.56 3.21 7.38
N HIS A 399 12.91 4.22 6.76
CA HIS A 399 12.72 4.30 5.31
C HIS A 399 12.05 3.09 4.71
N GLN A 400 10.89 2.71 5.27
CA GLN A 400 10.11 1.59 4.77
C GLN A 400 9.28 1.99 3.56
N GLU A 401 9.21 3.29 3.22
CA GLU A 401 8.36 3.71 2.11
C GLU A 401 8.72 2.96 0.85
N ALA A 402 7.69 2.57 0.08
CA ALA A 402 7.88 1.95 -1.23
C ALA A 402 6.90 2.56 -2.24
N LEU A 403 7.22 2.40 -3.53
CA LEU A 403 6.30 2.81 -4.57
C LEU A 403 5.09 1.87 -4.64
N GLU A 404 3.93 2.46 -4.84
CA GLU A 404 2.71 1.72 -5.07
C GLU A 404 1.90 2.44 -6.14
N GLY A 405 0.87 1.75 -6.61
CA GLY A 405 -0.09 2.29 -7.57
C GLY A 405 -0.18 1.32 -8.75
N PRO A 406 -0.32 1.77 -10.01
CA PRO A 406 -0.30 3.20 -10.33
C PRO A 406 -1.64 3.84 -10.02
N TYR A 407 -1.63 5.16 -9.82
CA TYR A 407 -2.84 5.94 -9.64
C TYR A 407 -2.97 6.92 -10.79
N GLU A 408 -4.18 7.43 -10.96
CA GLU A 408 -4.41 8.54 -11.86
C GLU A 408 -5.10 9.64 -11.06
N LEU A 409 -4.93 10.89 -11.51
CA LEU A 409 -5.64 12.00 -10.92
C LEU A 409 -5.86 13.06 -11.99
N PHE A 410 -7.10 13.54 -11.99
CA PHE A 410 -7.47 14.65 -12.85
C PHE A 410 -7.84 15.78 -11.91
N THR A 411 -7.00 16.82 -11.88
CA THR A 411 -7.09 17.86 -10.86
C THR A 411 -6.55 19.20 -11.40
N SER A 412 -7.06 20.31 -10.87
CA SER A 412 -6.33 21.56 -11.01
C SER A 412 -5.18 21.58 -9.99
N ILE A 413 -4.29 22.58 -10.06
CA ILE A 413 -3.07 22.61 -9.24
C ILE A 413 -2.84 24.04 -8.72
N PRO A 414 -2.05 24.24 -7.65
CA PRO A 414 -1.72 25.60 -7.23
C PRO A 414 -0.71 26.37 -8.09
N SER A 415 0.27 25.68 -8.69
CA SER A 415 1.47 26.37 -9.18
C SER A 415 2.13 25.59 -10.31
N ARG A 416 1.98 26.06 -11.54
CA ARG A 416 2.64 25.48 -12.70
C ARG A 416 4.16 25.48 -12.51
N PRO A 417 4.83 26.62 -12.21
CA PRO A 417 6.28 26.60 -12.09
C PRO A 417 6.83 25.85 -10.89
N PHE A 418 6.12 25.82 -9.75
CA PHE A 418 6.81 25.35 -8.55
C PHE A 418 6.22 24.07 -7.95
N PHE A 419 4.91 23.81 -8.09
CA PHE A 419 4.35 22.59 -7.54
C PHE A 419 3.11 22.18 -8.34
N PRO A 420 3.32 21.71 -9.58
CA PRO A 420 2.21 21.44 -10.49
C PRO A 420 1.65 20.06 -10.18
N ARG A 421 0.89 19.95 -9.07
CA ARG A 421 0.36 18.66 -8.65
C ARG A 421 -0.77 18.86 -7.66
N GLY A 422 -1.54 17.79 -7.45
CA GLY A 422 -2.74 17.86 -6.62
C GLY A 422 -2.37 18.09 -5.17
N PHE A 423 -2.91 19.15 -4.54
CA PHE A 423 -2.88 19.30 -3.09
C PHE A 423 -4.32 19.23 -2.56
N LEU A 424 -4.56 18.45 -1.47
CA LEU A 424 -5.92 18.03 -1.13
C LEU A 424 -6.81 19.18 -0.64
N TRP A 425 -6.42 19.94 0.38
CA TRP A 425 -7.30 21.08 0.76
C TRP A 425 -7.28 22.22 -0.26
N ASP A 426 -6.21 22.38 -1.04
CA ASP A 426 -6.22 23.46 -2.05
C ASP A 426 -7.36 23.21 -3.03
N GLU A 427 -7.64 21.94 -3.32
CA GLU A 427 -8.51 21.62 -4.44
C GLU A 427 -9.94 22.04 -4.09
N GLY A 428 -10.26 21.97 -2.80
CA GLY A 428 -11.53 22.47 -2.33
C GLY A 428 -11.75 23.92 -2.74
N PHE A 429 -10.71 24.74 -2.58
CA PHE A 429 -10.79 26.13 -2.99
C PHE A 429 -10.80 26.25 -4.52
N HIS A 430 -9.93 25.49 -5.23
CA HIS A 430 -9.84 25.62 -6.66
C HIS A 430 -11.21 25.37 -7.28
N LEU A 431 -11.96 24.42 -6.70
CA LEU A 431 -13.15 23.93 -7.38
C LEU A 431 -14.33 24.88 -7.20
N LEU A 432 -14.21 25.83 -6.27
CA LEU A 432 -15.35 26.71 -6.01
C LEU A 432 -15.65 27.55 -7.25
N PRO A 433 -14.69 28.30 -7.82
CA PRO A 433 -14.95 28.99 -9.08
C PRO A 433 -15.17 28.01 -10.24
N ILE A 434 -14.45 26.88 -10.21
CA ILE A 434 -14.58 25.97 -11.32
C ILE A 434 -16.02 25.43 -11.39
N ALA A 435 -16.64 25.16 -10.22
CA ALA A 435 -17.98 24.57 -10.14
C ALA A 435 -19.02 25.56 -10.68
N ASP A 436 -18.80 26.84 -10.42
CA ASP A 436 -19.65 27.87 -11.00
C ASP A 436 -19.61 27.69 -12.51
N TRP A 437 -18.40 27.61 -13.06
CA TRP A 437 -18.22 27.54 -14.50
C TRP A 437 -18.83 26.26 -15.07
N ASP A 438 -18.69 25.14 -14.37
CA ASP A 438 -18.94 23.82 -14.96
C ASP A 438 -19.03 22.80 -13.82
N ILE A 439 -20.25 22.65 -13.29
CA ILE A 439 -20.46 21.78 -12.13
C ILE A 439 -20.05 20.34 -12.47
N ASP A 440 -20.28 19.90 -13.71
CA ASP A 440 -19.97 18.52 -14.05
C ASP A 440 -18.47 18.28 -14.07
N LEU A 441 -17.72 19.28 -14.53
CA LEU A 441 -16.28 19.21 -14.46
C LEU A 441 -15.82 19.10 -13.00
N ALA A 442 -16.36 19.94 -12.10
CA ALA A 442 -15.96 19.91 -10.69
C ALA A 442 -16.19 18.53 -10.08
N LEU A 443 -17.39 17.95 -10.32
CA LEU A 443 -17.76 16.62 -9.82
C LEU A 443 -16.82 15.56 -10.39
N GLU A 444 -16.42 15.75 -11.64
CA GLU A 444 -15.45 14.85 -12.25
C GLU A 444 -14.14 14.86 -11.44
N ILE A 445 -13.72 16.06 -11.00
CA ILE A 445 -12.45 16.19 -10.31
C ILE A 445 -12.62 15.66 -8.88
N ILE A 446 -13.72 15.99 -8.22
CA ILE A 446 -14.01 15.40 -6.92
C ILE A 446 -13.98 13.87 -7.05
N LYS A 447 -14.63 13.34 -8.08
CA LYS A 447 -14.71 11.90 -8.23
C LYS A 447 -13.30 11.32 -8.35
N SER A 448 -12.49 12.00 -9.17
CA SER A 448 -11.11 11.62 -9.38
C SER A 448 -10.34 11.58 -8.05
N TRP A 449 -10.51 12.60 -7.21
CA TRP A 449 -9.81 12.57 -5.94
C TRP A 449 -10.31 11.41 -5.09
N TYR A 450 -11.63 11.21 -5.02
CA TYR A 450 -12.11 10.22 -4.07
C TYR A 450 -11.78 8.81 -4.52
N ASN A 451 -11.48 8.62 -5.81
CA ASN A 451 -11.02 7.31 -6.29
C ASN A 451 -9.60 6.97 -5.83
N LEU A 452 -8.90 7.93 -5.22
CA LEU A 452 -7.58 7.65 -4.68
C LEU A 452 -7.72 7.02 -3.30
N MET A 453 -8.90 7.15 -2.68
CA MET A 453 -8.96 6.87 -1.25
C MET A 453 -8.73 5.39 -0.98
N ASP A 454 -7.89 5.08 0.02
CA ASP A 454 -7.57 3.70 0.34
C ASP A 454 -8.70 3.08 1.17
N GLU A 455 -8.49 1.82 1.61
CA GLU A 455 -9.49 1.02 2.31
C GLU A 455 -9.82 1.63 3.68
N ASP A 456 -8.86 2.35 4.29
CA ASP A 456 -9.02 2.91 5.62
C ASP A 456 -9.75 4.26 5.58
N GLY A 457 -9.88 4.87 4.40
CA GLY A 457 -10.42 6.22 4.27
C GLY A 457 -9.36 7.33 4.11
N TRP A 458 -8.12 7.00 3.68
CA TRP A 458 -7.04 7.98 3.57
C TRP A 458 -6.77 8.34 2.11
N ILE A 459 -6.64 9.65 1.85
CA ILE A 459 -6.15 10.21 0.58
C ILE A 459 -4.89 11.00 0.94
N ALA A 460 -3.75 10.74 0.29
CA ALA A 460 -2.55 11.51 0.60
C ALA A 460 -2.85 12.97 0.28
N ARG A 461 -2.34 13.88 1.12
CA ARG A 461 -2.65 15.30 1.01
C ARG A 461 -1.93 15.92 -0.19
N GLU A 462 -0.92 15.21 -0.73
CA GLU A 462 -0.04 15.69 -1.81
C GLU A 462 0.18 14.53 -2.78
N GLN A 463 -0.24 14.70 -4.04
CA GLN A 463 -0.33 13.61 -4.98
C GLN A 463 0.76 13.78 -6.04
N ILE A 464 1.86 13.02 -5.89
CA ILE A 464 3.04 12.97 -6.73
C ILE A 464 3.02 11.66 -7.53
N LEU A 465 2.43 11.70 -8.73
CA LEU A 465 2.13 10.49 -9.48
C LEU A 465 3.15 10.30 -10.60
N GLY A 466 4.00 9.25 -10.51
CA GLY A 466 4.90 8.94 -11.63
C GLY A 466 6.21 9.72 -11.60
N ALA A 467 7.15 9.20 -12.39
CA ALA A 467 8.50 9.73 -12.40
C ALA A 467 8.50 11.18 -12.90
N GLU A 468 7.64 11.53 -13.85
CA GLU A 468 7.65 12.91 -14.32
C GLU A 468 7.32 13.85 -13.16
N ALA A 469 6.28 13.54 -12.37
CA ALA A 469 5.87 14.36 -11.24
C ALA A 469 6.95 14.37 -10.15
N ARG A 470 7.56 13.20 -9.87
CA ARG A 470 8.64 13.11 -8.89
C ARG A 470 9.82 14.00 -9.22
N SER A 471 10.05 14.29 -10.51
CA SER A 471 11.23 15.05 -10.93
C SER A 471 11.23 16.46 -10.34
N LYS A 472 10.08 16.92 -9.85
CA LYS A 472 9.91 18.30 -9.41
C LYS A 472 10.07 18.37 -7.88
N VAL A 473 10.29 17.20 -7.24
CA VAL A 473 10.18 17.08 -5.79
C VAL A 473 11.43 16.38 -5.23
N PRO A 474 12.21 17.00 -4.32
CA PRO A 474 13.33 16.29 -3.68
C PRO A 474 12.85 15.00 -3.00
N LYS A 475 13.68 13.94 -3.04
CA LYS A 475 13.29 12.61 -2.61
C LYS A 475 12.78 12.65 -1.16
N GLU A 476 13.40 13.50 -0.34
CA GLU A 476 13.06 13.70 1.07
C GLU A 476 11.62 14.17 1.26
N PHE A 477 10.99 14.77 0.24
CA PHE A 477 9.66 15.32 0.46
C PHE A 477 8.59 14.52 -0.32
N GLN A 478 8.96 13.36 -0.90
CA GLN A 478 8.00 12.64 -1.73
C GLN A 478 7.09 11.73 -0.89
N THR A 479 7.61 11.19 0.21
CA THR A 479 6.95 10.10 0.92
C THR A 479 5.65 10.57 1.55
N GLN A 480 4.54 9.88 1.29
CA GLN A 480 3.30 10.21 1.99
C GLN A 480 3.10 9.24 3.16
N TYR A 481 2.36 9.73 4.17
CA TYR A 481 2.10 9.08 5.45
C TYR A 481 0.60 8.91 5.65
N PRO A 482 0.10 7.65 5.75
CA PRO A 482 -1.33 7.38 5.90
C PRO A 482 -1.98 7.97 7.16
N HIS A 483 -1.18 8.51 8.11
CA HIS A 483 -1.78 9.18 9.25
C HIS A 483 -1.86 10.70 9.08
N TYR A 484 -1.45 11.23 7.91
CA TYR A 484 -1.47 12.66 7.62
C TYR A 484 -2.75 13.07 6.90
N ALA A 485 -3.61 13.82 7.59
CA ALA A 485 -4.82 14.40 7.06
C ALA A 485 -4.47 15.72 6.40
N ASN A 486 -5.50 16.39 5.87
CA ASN A 486 -5.48 17.73 5.32
C ASN A 486 -6.93 18.22 5.40
N PRO A 487 -7.23 19.53 5.48
CA PRO A 487 -8.62 19.96 5.59
C PRO A 487 -9.52 19.40 4.48
N PRO A 488 -10.74 18.92 4.83
CA PRO A 488 -11.65 18.34 3.85
C PRO A 488 -12.49 19.40 3.13
N THR A 489 -11.80 20.35 2.48
CA THR A 489 -12.44 21.49 1.83
C THR A 489 -13.23 21.06 0.60
N LEU A 490 -12.98 19.84 0.13
CA LEU A 490 -13.77 19.34 -0.99
C LEU A 490 -15.26 19.26 -0.62
N PHE A 491 -15.59 19.07 0.68
CA PHE A 491 -16.98 19.10 1.13
C PHE A 491 -17.64 20.46 0.83
N LEU A 492 -16.87 21.56 0.89
CA LEU A 492 -17.43 22.86 0.58
C LEU A 492 -18.03 22.89 -0.83
N VAL A 493 -17.34 22.22 -1.75
CA VAL A 493 -17.76 22.16 -3.14
C VAL A 493 -19.05 21.33 -3.21
N LEU A 494 -19.01 20.19 -2.52
CA LEU A 494 -20.16 19.31 -2.38
C LEU A 494 -21.37 20.08 -1.87
N ASP A 495 -21.18 20.89 -0.81
CA ASP A 495 -22.26 21.71 -0.27
C ASP A 495 -22.86 22.60 -1.35
N ASN A 496 -22.01 23.08 -2.26
CA ASN A 496 -22.51 24.03 -3.25
C ASN A 496 -23.33 23.28 -4.28
N PHE A 497 -22.83 22.09 -4.64
CA PHE A 497 -23.56 21.23 -5.54
C PHE A 497 -24.95 20.94 -4.96
N VAL A 498 -25.00 20.50 -3.69
CA VAL A 498 -26.22 20.19 -2.96
C VAL A 498 -27.24 21.35 -3.03
N GLU A 499 -26.84 22.57 -2.62
CA GLU A 499 -27.73 23.74 -2.67
C GLU A 499 -28.23 23.99 -4.09
N ARG A 500 -27.33 23.86 -5.08
CA ARG A 500 -27.73 24.02 -6.47
C ARG A 500 -28.71 22.94 -6.90
N LEU A 501 -28.50 21.71 -6.42
CA LEU A 501 -29.35 20.56 -6.73
C LEU A 501 -30.77 20.74 -6.15
N ARG A 502 -30.85 21.26 -4.92
CA ARG A 502 -32.11 21.51 -4.23
C ARG A 502 -32.94 22.59 -4.95
N LYS A 503 -32.31 23.69 -5.38
CA LYS A 503 -33.02 24.74 -6.10
C LYS A 503 -33.03 24.44 -7.61
N LEU A 517 -24.11 21.39 -26.79
CA LEU A 517 -24.00 20.10 -26.02
C LEU A 517 -22.98 20.23 -24.90
N ASP A 518 -21.96 21.07 -25.11
CA ASP A 518 -20.98 21.34 -24.09
C ASP A 518 -21.67 22.16 -23.01
N GLU A 519 -22.51 23.10 -23.49
CA GLU A 519 -23.32 23.92 -22.59
C GLU A 519 -24.19 22.99 -21.75
N THR A 520 -24.81 22.00 -22.41
CA THR A 520 -25.68 21.05 -21.74
C THR A 520 -24.89 20.21 -20.72
N LEU A 521 -23.84 19.55 -21.20
CA LEU A 521 -23.03 18.62 -20.41
C LEU A 521 -22.56 19.30 -19.12
N SER A 522 -22.23 20.60 -19.19
CA SER A 522 -21.65 21.32 -18.07
C SER A 522 -22.56 21.39 -16.85
N THR A 523 -23.89 21.30 -17.04
CA THR A 523 -24.82 21.39 -15.92
C THR A 523 -25.73 20.16 -15.80
N ALA A 524 -25.44 19.07 -16.53
CA ALA A 524 -26.31 17.92 -16.58
C ALA A 524 -26.54 17.27 -15.22
N SER A 525 -25.61 17.46 -14.28
CA SER A 525 -25.76 16.79 -13.00
C SER A 525 -26.65 17.59 -12.05
N VAL A 526 -27.00 18.83 -12.41
CA VAL A 526 -27.97 19.58 -11.62
C VAL A 526 -29.34 19.56 -12.31
N ASP A 527 -29.33 19.68 -13.64
CA ASP A 527 -30.53 19.77 -14.44
C ASP A 527 -31.27 18.43 -14.45
N ASN A 528 -30.56 17.32 -14.22
CA ASN A 528 -31.16 16.00 -14.12
C ASN A 528 -31.00 15.50 -12.69
N PRO A 529 -31.99 15.75 -11.81
CA PRO A 529 -31.82 15.54 -10.37
C PRO A 529 -31.56 14.09 -10.05
N GLU A 530 -32.06 13.21 -10.94
CA GLU A 530 -31.82 11.78 -10.90
C GLU A 530 -30.32 11.53 -10.99
N VAL A 531 -29.67 12.22 -11.94
CA VAL A 531 -28.24 12.04 -12.18
C VAL A 531 -27.44 12.51 -10.96
N GLY A 532 -27.77 13.72 -10.47
CA GLY A 532 -27.16 14.30 -9.28
C GLY A 532 -27.14 13.35 -8.10
N LEU A 533 -28.27 12.68 -7.87
CA LEU A 533 -28.49 11.86 -6.70
C LEU A 533 -27.65 10.58 -6.80
N GLU A 534 -27.63 9.99 -8.00
CA GLU A 534 -26.83 8.80 -8.25
C GLU A 534 -25.34 9.10 -8.00
N TYR A 535 -24.87 10.27 -8.44
CA TYR A 535 -23.49 10.66 -8.17
C TYR A 535 -23.28 10.66 -6.66
N LEU A 536 -24.23 11.27 -5.92
CA LEU A 536 -24.09 11.39 -4.49
C LEU A 536 -24.15 10.02 -3.80
N ARG A 537 -25.08 9.16 -4.27
CA ARG A 537 -25.26 7.83 -3.74
C ARG A 537 -23.93 7.10 -3.75
N ARG A 538 -23.24 7.23 -4.90
CA ARG A 538 -22.01 6.50 -5.18
C ARG A 538 -20.81 7.06 -4.42
N LEU A 539 -20.81 8.38 -4.13
CA LEU A 539 -19.67 8.99 -3.44
C LEU A 539 -19.84 8.88 -1.92
N TYR A 540 -21.10 8.95 -1.50
CA TYR A 540 -21.50 9.02 -0.11
C TYR A 540 -20.71 8.04 0.76
N PRO A 541 -20.62 6.74 0.42
CA PRO A 541 -19.83 5.84 1.24
C PRO A 541 -18.39 6.28 1.46
N LEU A 542 -17.74 6.89 0.46
CA LEU A 542 -16.36 7.31 0.65
C LEU A 542 -16.36 8.59 1.50
N LEU A 543 -17.37 9.45 1.30
CA LEU A 543 -17.53 10.58 2.19
C LEU A 543 -17.56 10.08 3.64
N ARG A 544 -18.46 9.11 3.91
CA ARG A 544 -18.61 8.58 5.26
C ARG A 544 -17.29 7.98 5.73
N ARG A 545 -16.66 7.20 4.83
CA ARG A 545 -15.41 6.53 5.18
C ARG A 545 -14.37 7.58 5.63
N GLN A 546 -14.31 8.72 4.90
CA GLN A 546 -13.28 9.69 5.24
C GLN A 546 -13.61 10.26 6.62
N PHE A 547 -14.90 10.52 6.83
CA PHE A 547 -15.38 11.04 8.10
C PHE A 547 -14.92 10.15 9.24
N ASP A 548 -15.14 8.82 9.08
CA ASP A 548 -14.79 7.86 10.11
C ASP A 548 -13.29 7.84 10.29
N TRP A 549 -12.56 8.00 9.16
CA TRP A 549 -11.11 7.97 9.19
C TRP A 549 -10.57 9.12 10.05
N PHE A 550 -11.13 10.33 9.86
CA PHE A 550 -10.77 11.48 10.70
C PHE A 550 -10.94 11.12 12.19
N ARG A 551 -12.10 10.54 12.53
CA ARG A 551 -12.48 10.28 13.92
C ARG A 551 -11.63 9.18 14.52
N LYS A 552 -11.07 8.32 13.66
CA LYS A 552 -10.26 7.17 14.07
C LYS A 552 -8.80 7.58 14.22
N THR A 553 -8.31 8.46 13.34
CA THR A 553 -6.87 8.61 13.23
C THR A 553 -6.40 9.94 13.79
N GLN A 554 -7.32 10.94 13.83
CA GLN A 554 -7.01 12.29 14.28
C GLN A 554 -7.75 12.62 15.59
N ALA A 555 -7.92 11.64 16.49
CA ALA A 555 -8.71 11.81 17.69
C ALA A 555 -7.87 12.49 18.78
N GLY A 556 -8.48 13.48 19.44
CA GLY A 556 -7.88 14.01 20.64
C GLY A 556 -8.36 13.25 21.87
N ASP A 557 -7.64 13.48 22.98
CA ASP A 557 -7.82 12.78 24.23
C ASP A 557 -8.50 13.68 25.27
N ILE A 558 -9.80 13.44 25.50
CA ILE A 558 -10.49 14.00 26.65
C ILE A 558 -10.27 13.14 27.90
N LYS A 559 -10.56 11.83 27.79
CA LYS A 559 -10.87 11.01 28.95
C LYS A 559 -9.68 10.85 29.87
N SER A 560 -8.45 10.97 29.36
CA SER A 560 -7.31 10.59 30.19
C SER A 560 -6.75 11.76 31.01
N TYR A 561 -7.46 12.90 31.01
CA TYR A 561 -6.97 14.09 31.68
C TYR A 561 -8.08 14.72 32.54
N ASP A 562 -7.74 15.76 33.32
CA ASP A 562 -8.74 16.50 34.07
C ASP A 562 -9.57 17.36 33.11
N ARG A 563 -10.40 16.70 32.29
CA ARG A 563 -11.07 17.37 31.18
C ARG A 563 -12.58 17.16 31.27
N GLU A 564 -13.30 18.29 31.32
CA GLU A 564 -14.74 18.29 31.44
C GLU A 564 -15.31 18.95 30.19
N ALA A 565 -16.32 18.32 29.62
CA ALA A 565 -16.99 18.81 28.42
C ALA A 565 -18.29 18.06 28.26
N TYR A 566 -19.23 18.66 27.54
CA TYR A 566 -20.52 18.06 27.21
C TYR A 566 -20.39 16.65 26.65
N SER A 567 -19.44 16.43 25.72
CA SER A 567 -19.26 15.13 25.06
C SER A 567 -17.91 14.56 25.45
N THR A 568 -17.85 13.23 25.63
CA THR A 568 -16.58 12.59 25.96
C THR A 568 -15.82 12.21 24.69
N LYS A 569 -16.51 12.27 23.54
CA LYS A 569 -16.03 11.76 22.26
C LYS A 569 -15.43 12.86 21.37
N GLU A 570 -16.09 14.04 21.29
CA GLU A 570 -15.75 15.04 20.29
C GLU A 570 -14.53 15.87 20.68
N ALA A 571 -13.37 15.52 20.10
CA ALA A 571 -12.09 16.18 20.37
C ALA A 571 -11.08 15.71 19.32
N TYR A 572 -10.25 16.65 18.79
CA TYR A 572 -9.39 16.33 17.65
C TYR A 572 -7.97 16.87 17.79
N ARG A 573 -7.00 16.16 17.23
CA ARG A 573 -5.62 16.66 17.25
C ARG A 573 -4.92 16.22 15.95
N TRP A 574 -4.46 17.20 15.13
CA TRP A 574 -3.75 16.90 13.88
C TRP A 574 -2.51 16.06 14.20
N ARG A 575 -2.40 14.90 13.53
CA ARG A 575 -1.20 14.09 13.56
C ARG A 575 -0.15 14.80 12.70
N GLY A 576 1.15 14.64 13.05
CA GLY A 576 2.23 15.00 12.16
C GLY A 576 2.94 16.30 12.54
N ARG A 577 2.60 16.85 13.71
CA ARG A 577 3.17 18.14 14.02
C ARG A 577 4.60 17.95 14.53
N THR A 578 5.44 18.95 14.27
CA THR A 578 6.79 18.99 14.78
C THR A 578 6.92 20.26 15.63
N VAL A 579 8.10 20.51 16.18
CA VAL A 579 8.22 21.60 17.13
C VAL A 579 7.69 22.89 16.47
N SER A 580 7.94 23.10 15.17
CA SER A 580 7.73 24.43 14.63
C SER A 580 6.59 24.47 13.63
N HIS A 581 6.04 23.30 13.29
CA HIS A 581 5.19 23.17 12.14
C HIS A 581 3.97 22.32 12.46
N CYS A 582 2.89 22.56 11.72
CA CYS A 582 1.80 21.60 11.61
C CYS A 582 1.31 21.55 10.15
N LEU A 583 2.05 20.81 9.30
CA LEU A 583 1.88 20.82 7.86
C LEU A 583 0.49 20.32 7.46
N THR A 584 -0.07 19.39 8.24
CA THR A 584 -1.29 18.70 7.83
C THR A 584 -2.50 19.62 7.96
N SER A 585 -2.40 20.65 8.80
CA SER A 585 -3.53 21.56 8.97
C SER A 585 -3.64 22.51 7.78
N GLY A 586 -2.58 22.59 6.97
CA GLY A 586 -2.54 23.58 5.89
C GLY A 586 -1.90 24.91 6.34
N LEU A 587 -1.84 25.17 7.66
CA LEU A 587 -1.33 26.45 8.10
C LEU A 587 0.05 26.23 8.70
N ASP A 588 1.01 26.05 7.80
CA ASP A 588 2.28 25.39 8.08
C ASP A 588 2.85 25.81 9.43
N ASP A 589 3.04 27.13 9.66
CA ASP A 589 3.84 27.54 10.82
C ASP A 589 3.01 28.43 11.73
N TYR A 590 1.68 28.36 11.59
CA TYR A 590 0.87 29.08 12.55
C TYR A 590 1.23 28.55 13.93
N PRO A 591 1.44 29.43 14.95
CA PRO A 591 1.96 29.01 16.26
C PRO A 591 0.90 28.15 16.95
N ARG A 592 1.37 27.04 17.50
CA ARG A 592 0.54 26.02 18.13
C ARG A 592 1.07 25.87 19.56
N PRO A 593 0.38 25.13 20.47
CA PRO A 593 0.96 24.85 21.78
C PRO A 593 2.40 24.37 21.72
N GLN A 594 3.22 24.87 22.64
CA GLN A 594 4.62 24.49 22.76
C GLN A 594 4.85 23.92 24.15
N PRO A 595 5.47 22.73 24.28
CA PRO A 595 5.89 21.93 23.12
C PRO A 595 4.67 21.21 22.55
N PRO A 596 4.78 20.54 21.39
CA PRO A 596 3.67 19.73 20.90
C PRO A 596 3.47 18.66 21.96
N HIS A 597 2.25 18.12 22.03
CA HIS A 597 1.89 17.30 23.18
C HIS A 597 0.73 16.43 22.74
N PRO A 598 0.67 15.12 23.12
CA PRO A 598 -0.46 14.26 22.76
C PRO A 598 -1.79 14.72 23.33
N GLY A 599 -1.74 15.65 24.29
CA GLY A 599 -2.97 16.20 24.85
C GLY A 599 -3.47 17.44 24.11
N GLU A 600 -2.74 17.88 23.07
CA GLU A 600 -3.18 18.97 22.22
C GLU A 600 -4.57 18.70 21.67
N LEU A 601 -5.38 19.76 21.56
CA LEU A 601 -6.61 19.76 20.76
C LEU A 601 -6.57 20.98 19.84
N HIS A 602 -7.09 20.83 18.61
CA HIS A 602 -6.96 21.86 17.60
C HIS A 602 -8.34 22.28 17.16
N VAL A 603 -8.65 23.58 17.31
CA VAL A 603 -10.02 24.02 17.11
C VAL A 603 -10.34 24.04 15.62
N ASP A 604 -9.31 24.26 14.78
CA ASP A 604 -9.52 24.21 13.33
C ASP A 604 -9.93 22.79 12.90
N LEU A 605 -9.23 21.76 13.39
CA LEU A 605 -9.58 20.38 13.05
C LEU A 605 -11.03 20.07 13.45
N MET A 606 -11.45 20.48 14.67
CA MET A 606 -12.80 20.16 15.11
C MET A 606 -13.80 20.85 14.20
N SER A 607 -13.47 22.09 13.81
CA SER A 607 -14.32 22.84 12.90
C SER A 607 -14.46 22.13 11.54
N TRP A 608 -13.36 21.57 11.01
CA TRP A 608 -13.44 20.81 9.76
C TRP A 608 -14.35 19.58 9.91
N VAL A 609 -14.26 18.91 11.07
CA VAL A 609 -15.14 17.78 11.31
C VAL A 609 -16.60 18.25 11.32
N GLY A 610 -16.87 19.39 11.96
CA GLY A 610 -18.18 20.00 11.91
C GLY A 610 -18.67 20.18 10.48
N VAL A 611 -17.78 20.73 9.63
CA VAL A 611 -18.10 20.97 8.21
C VAL A 611 -18.59 19.67 7.59
N MET A 612 -17.83 18.59 7.83
CA MET A 612 -18.04 17.31 7.18
C MET A 612 -19.40 16.75 7.63
N VAL A 613 -19.64 16.83 8.94
CA VAL A 613 -20.84 16.26 9.51
C VAL A 613 -22.07 17.00 8.94
N LYS A 614 -21.96 18.32 8.74
CA LYS A 614 -23.12 19.03 8.23
C LYS A 614 -23.38 18.61 6.79
N SER A 615 -22.32 18.32 6.05
CA SER A 615 -22.45 17.94 4.64
C SER A 615 -23.11 16.57 4.59
N LEU A 616 -22.72 15.73 5.56
CA LEU A 616 -23.19 14.36 5.67
C LEU A 616 -24.69 14.36 5.99
N ILE A 617 -25.12 15.21 6.93
CA ILE A 617 -26.54 15.46 7.21
C ILE A 617 -27.29 15.73 5.89
N SER A 618 -26.81 16.68 5.08
CA SER A 618 -27.59 17.07 3.91
C SER A 618 -27.58 15.95 2.90
N ILE A 619 -26.44 15.27 2.76
CA ILE A 619 -26.31 14.26 1.72
C ILE A 619 -27.04 12.98 2.16
N GLY A 620 -26.76 12.49 3.37
CA GLY A 620 -27.55 11.43 3.96
C GLY A 620 -29.06 11.68 3.82
N SER A 621 -29.53 12.87 4.22
CA SER A 621 -30.95 13.22 4.16
C SER A 621 -31.48 13.04 2.75
N LEU A 622 -30.66 13.41 1.75
CA LEU A 622 -31.11 13.34 0.37
C LEU A 622 -31.27 11.88 -0.04
N LEU A 623 -30.44 11.00 0.53
CA LEU A 623 -30.40 9.60 0.14
C LEU A 623 -31.29 8.75 1.05
N GLY A 624 -31.91 9.39 2.04
CA GLY A 624 -32.77 8.73 3.02
C GLY A 624 -31.99 7.86 4.00
N ALA A 625 -30.70 8.17 4.23
CA ALA A 625 -29.88 7.33 5.08
C ALA A 625 -30.16 7.64 6.56
N THR A 626 -31.40 7.30 6.96
CA THR A 626 -32.05 7.74 8.19
C THR A 626 -31.20 7.47 9.42
N GLU A 627 -30.73 6.22 9.56
CA GLU A 627 -29.97 5.81 10.75
C GLU A 627 -28.71 6.68 10.90
N ASP A 628 -28.06 6.96 9.78
CA ASP A 628 -26.84 7.76 9.71
C ASP A 628 -27.09 9.21 10.13
N VAL A 629 -28.15 9.82 9.59
CA VAL A 629 -28.50 11.21 9.82
C VAL A 629 -28.81 11.42 11.31
N GLU A 630 -29.28 10.38 11.99
CA GLU A 630 -29.48 10.49 13.43
C GLU A 630 -28.13 10.50 14.14
N PHE A 631 -27.21 9.64 13.70
CA PHE A 631 -25.87 9.61 14.29
C PHE A 631 -25.14 10.93 14.04
N TYR A 632 -25.23 11.45 12.81
CA TYR A 632 -24.59 12.71 12.44
C TYR A 632 -25.12 13.85 13.31
N THR A 633 -26.46 13.91 13.47
CA THR A 633 -27.08 14.97 14.25
C THR A 633 -26.49 15.02 15.65
N LYS A 634 -26.25 13.85 16.26
CA LYS A 634 -25.82 13.87 17.65
C LYS A 634 -24.35 14.30 17.70
N VAL A 635 -23.59 13.99 16.64
CA VAL A 635 -22.20 14.42 16.55
C VAL A 635 -22.12 15.95 16.42
N LEU A 636 -22.99 16.52 15.59
CA LEU A 636 -22.98 17.96 15.41
C LEU A 636 -23.27 18.66 16.73
N ASP A 637 -24.34 18.20 17.42
CA ASP A 637 -24.73 18.77 18.70
C ASP A 637 -23.54 18.75 19.64
N ALA A 638 -22.82 17.63 19.63
CA ALA A 638 -21.73 17.47 20.58
C ALA A 638 -20.57 18.41 20.22
N ILE A 639 -20.33 18.60 18.92
CA ILE A 639 -19.23 19.45 18.48
C ILE A 639 -19.57 20.89 18.85
N GLU A 640 -20.80 21.30 18.55
CA GLU A 640 -21.26 22.63 18.92
C GLU A 640 -20.97 22.92 20.39
N HIS A 641 -21.25 21.94 21.28
CA HIS A 641 -21.01 22.17 22.70
C HIS A 641 -19.53 22.17 23.01
N ASN A 642 -18.76 21.28 22.36
CA ASN A 642 -17.40 20.99 22.79
C ASN A 642 -16.44 22.06 22.28
N LEU A 643 -16.78 22.65 21.12
CA LEU A 643 -16.05 23.82 20.63
C LEU A 643 -15.98 24.84 21.76
N ASP A 644 -17.16 25.05 22.37
CA ASP A 644 -17.38 25.90 23.53
C ASP A 644 -16.58 25.44 24.74
N ASP A 645 -16.78 24.19 25.20
CA ASP A 645 -16.23 23.73 26.47
C ASP A 645 -14.71 23.63 26.41
N LEU A 646 -14.19 23.27 25.24
CA LEU A 646 -12.79 22.93 25.11
C LEU A 646 -11.98 24.05 24.45
N HIS A 647 -12.63 24.89 23.63
CA HIS A 647 -11.87 25.83 22.82
C HIS A 647 -12.17 27.32 23.09
N TRP A 648 -13.33 27.66 23.70
CA TRP A 648 -13.67 29.07 23.86
C TRP A 648 -12.90 29.69 25.02
N SER A 649 -12.26 30.85 24.75
CA SER A 649 -11.65 31.67 25.80
C SER A 649 -12.51 32.91 26.02
N GLU A 650 -13.22 32.92 27.17
CA GLU A 650 -13.92 34.10 27.63
C GLU A 650 -12.91 35.22 27.87
N LYS A 651 -11.77 34.90 28.52
CA LYS A 651 -10.79 35.93 28.79
C LYS A 651 -10.44 36.63 27.47
N GLU A 652 -10.17 35.84 26.42
CA GLU A 652 -9.53 36.39 25.23
C GLU A 652 -10.56 36.85 24.21
N GLY A 653 -11.82 36.41 24.35
CA GLY A 653 -12.84 36.76 23.37
C GLY A 653 -12.72 36.01 22.04
N CYS A 654 -12.13 34.80 22.05
CA CYS A 654 -12.03 34.02 20.82
C CYS A 654 -11.77 32.54 21.12
N TYR A 655 -11.69 31.73 20.04
CA TYR A 655 -11.35 30.32 20.12
C TYR A 655 -9.83 30.18 20.18
N CYS A 656 -9.41 29.20 20.97
CA CYS A 656 -8.01 28.87 21.12
C CYS A 656 -7.86 27.35 20.92
N ASP A 657 -6.69 26.90 20.46
CA ASP A 657 -6.28 25.51 20.57
C ASP A 657 -6.06 25.22 22.06
N ALA A 658 -5.84 23.94 22.43
CA ALA A 658 -5.67 23.57 23.83
C ALA A 658 -4.51 22.60 24.02
N THR A 659 -3.94 22.59 25.20
CA THR A 659 -2.85 21.62 25.46
C THR A 659 -3.02 21.05 26.86
N ILE A 660 -2.02 20.33 27.32
CA ILE A 660 -2.02 19.83 28.71
C ILE A 660 -0.78 20.43 29.35
N ASP A 661 -0.95 20.96 30.54
CA ASP A 661 0.07 21.69 31.33
C ASP A 661 1.14 20.74 31.89
N GLU A 662 2.12 21.36 32.54
CA GLU A 662 3.18 20.67 33.32
C GLU A 662 2.52 19.92 34.49
N PHE A 663 1.44 20.47 35.05
CA PHE A 663 0.64 19.93 36.17
C PHE A 663 -0.55 19.12 35.62
N GLU A 664 -0.49 18.76 34.35
CA GLU A 664 -1.48 17.89 33.64
C GLU A 664 -2.88 18.50 33.57
N GLU A 665 -3.02 19.81 33.47
CA GLU A 665 -4.39 20.36 33.37
C GLU A 665 -4.60 20.97 31.98
N HIS A 666 -5.84 20.99 31.54
CA HIS A 666 -6.25 21.56 30.25
C HIS A 666 -5.99 23.06 30.25
N LYS A 667 -5.07 23.51 29.40
CA LYS A 667 -4.71 24.92 29.28
C LYS A 667 -5.04 25.36 27.86
N LEU A 668 -5.69 26.53 27.73
CA LEU A 668 -5.95 27.15 26.44
C LEU A 668 -4.67 27.84 25.97
N VAL A 669 -4.43 27.78 24.67
CA VAL A 669 -3.26 28.43 24.11
C VAL A 669 -3.75 29.34 22.97
N CYS A 670 -3.72 30.64 23.25
CA CYS A 670 -4.44 31.58 22.41
C CYS A 670 -3.44 32.34 21.53
N HIS A 671 -3.66 32.29 20.21
CA HIS A 671 -2.84 33.08 19.31
C HIS A 671 -3.80 33.70 18.31
N LYS A 672 -4.06 34.99 18.50
CA LYS A 672 -5.14 35.62 17.77
C LYS A 672 -4.74 35.65 16.28
N GLY A 673 -5.65 35.14 15.44
CA GLY A 673 -5.33 34.86 14.06
C GLY A 673 -6.42 34.02 13.41
N TYR A 674 -6.11 33.45 12.24
CA TYR A 674 -7.08 32.66 11.48
C TYR A 674 -7.61 31.51 12.34
N ILE A 675 -6.73 30.81 13.05
CA ILE A 675 -7.15 29.68 13.85
C ILE A 675 -8.28 30.14 14.77
N SER A 676 -8.07 31.30 15.40
CA SER A 676 -8.96 31.85 16.42
C SER A 676 -10.40 31.98 15.93
N LEU A 677 -10.58 32.07 14.61
CA LEU A 677 -11.86 32.40 13.99
C LEU A 677 -12.57 31.15 13.45
N PHE A 678 -11.95 29.96 13.60
CA PHE A 678 -12.34 28.81 12.78
C PHE A 678 -13.82 28.48 12.81
N PRO A 679 -14.51 28.35 13.99
CA PRO A 679 -15.93 27.99 13.99
C PRO A 679 -16.75 28.97 13.16
N PHE A 680 -16.35 30.25 13.15
CA PHE A 680 -16.99 31.25 12.29
C PHE A 680 -16.68 30.98 10.81
N LEU A 681 -15.39 30.78 10.48
CA LEU A 681 -14.97 30.63 9.09
C LEU A 681 -15.70 29.45 8.43
N THR A 682 -15.99 28.41 9.21
CA THR A 682 -16.51 27.16 8.69
C THR A 682 -18.03 27.11 8.81
N GLY A 683 -18.63 28.26 9.19
CA GLY A 683 -20.07 28.44 9.15
C GLY A 683 -20.82 27.66 10.23
N LEU A 684 -20.17 27.49 11.39
CA LEU A 684 -20.63 26.63 12.46
C LEU A 684 -21.49 27.37 13.50
N LEU A 685 -21.29 28.70 13.64
CA LEU A 685 -21.93 29.49 14.67
C LEU A 685 -23.29 30.02 14.21
N LYS A 686 -24.22 30.18 15.17
CA LYS A 686 -25.54 30.77 14.89
C LYS A 686 -25.41 32.28 14.70
N PRO A 687 -26.20 32.91 13.80
CA PRO A 687 -26.06 34.35 13.52
C PRO A 687 -26.33 35.32 14.67
N ASP A 688 -26.73 34.80 15.84
CA ASP A 688 -27.08 35.59 17.00
C ASP A 688 -26.14 35.23 18.14
N SER A 689 -25.12 34.43 17.81
CA SER A 689 -24.22 33.99 18.86
C SER A 689 -23.42 35.17 19.39
N PRO A 690 -23.40 35.39 20.71
CA PRO A 690 -22.57 36.44 21.30
C PRO A 690 -21.08 36.23 21.04
N LYS A 691 -20.70 34.98 20.84
CA LYS A 691 -19.34 34.62 20.55
C LYS A 691 -19.00 35.14 19.16
N LEU A 692 -19.91 34.88 18.21
CA LEU A 692 -19.76 35.39 16.85
C LEU A 692 -19.52 36.89 16.86
N GLY A 693 -20.22 37.62 17.75
CA GLY A 693 -20.16 39.08 17.82
C GLY A 693 -18.79 39.57 18.28
N LYS A 694 -18.15 38.77 19.13
CA LYS A 694 -16.82 39.05 19.64
C LYS A 694 -15.77 38.75 18.56
N LEU A 695 -16.06 37.72 17.75
CA LEU A 695 -15.19 37.32 16.66
C LEU A 695 -15.26 38.43 15.60
N LEU A 696 -16.45 39.05 15.50
CA LEU A 696 -16.64 40.13 14.55
C LEU A 696 -15.79 41.33 14.94
N ALA A 697 -15.69 41.56 16.25
CA ALA A 697 -14.88 42.61 16.83
C ALA A 697 -13.40 42.36 16.56
N LEU A 698 -12.94 41.11 16.77
CA LEU A 698 -11.55 40.76 16.49
C LEU A 698 -11.25 40.98 15.01
N ILE A 699 -12.14 40.52 14.13
CA ILE A 699 -11.92 40.56 12.70
C ILE A 699 -11.76 42.01 12.24
N GLY A 700 -12.67 42.90 12.72
CA GLY A 700 -12.67 44.30 12.32
C GLY A 700 -11.51 45.11 12.90
N ASP A 701 -10.81 44.54 13.88
CA ASP A 701 -9.92 45.30 14.76
C ASP A 701 -8.58 45.50 14.09
N GLU A 702 -8.31 46.75 13.69
CA GLU A 702 -7.11 47.09 12.95
C GLU A 702 -5.85 46.70 13.71
N SER A 703 -5.87 46.84 15.04
CA SER A 703 -4.68 46.64 15.84
C SER A 703 -4.37 45.15 15.96
N GLU A 704 -5.33 44.28 15.54
CA GLU A 704 -5.18 42.82 15.60
C GLU A 704 -5.05 42.22 14.19
N LEU A 705 -6.18 41.92 13.53
CA LEU A 705 -6.22 41.19 12.27
C LEU A 705 -6.46 42.06 11.04
N TRP A 706 -7.02 43.26 11.18
CA TRP A 706 -7.57 43.95 10.01
C TRP A 706 -6.51 44.86 9.40
N SER A 707 -5.99 44.50 8.22
CA SER A 707 -5.02 45.35 7.54
C SER A 707 -5.78 46.01 6.43
N PRO A 708 -5.25 47.05 5.77
CA PRO A 708 -5.93 47.63 4.62
C PRO A 708 -5.99 46.67 3.43
N TYR A 709 -5.26 45.54 3.55
CA TYR A 709 -5.06 44.63 2.43
C TYR A 709 -5.83 43.32 2.63
N GLY A 710 -6.49 43.18 3.78
CA GLY A 710 -7.20 41.95 4.10
C GLY A 710 -6.86 41.53 5.52
N LEU A 711 -7.39 40.37 5.94
CA LEU A 711 -7.16 39.91 7.29
C LEU A 711 -5.78 39.28 7.34
N ARG A 712 -5.03 39.67 8.36
CA ARG A 712 -3.74 39.10 8.66
C ARG A 712 -3.93 37.70 9.25
N SER A 713 -3.00 36.80 8.88
CA SER A 713 -3.01 35.41 9.30
C SER A 713 -2.84 35.28 10.81
N LEU A 714 -1.97 36.13 11.41
CA LEU A 714 -1.71 36.23 12.85
C LEU A 714 -1.82 37.70 13.28
N SER A 715 -2.33 37.97 14.51
CA SER A 715 -2.43 39.34 15.03
C SER A 715 -1.07 39.99 15.20
N LYS A 716 -1.00 41.31 14.93
CA LYS A 716 0.19 42.11 15.21
C LYS A 716 0.53 42.08 16.70
N LYS A 717 -0.46 41.76 17.54
CA LYS A 717 -0.21 41.75 18.99
C LYS A 717 0.40 40.42 19.41
N ASP A 718 0.25 39.38 18.59
CA ASP A 718 0.77 38.09 18.97
C ASP A 718 2.29 38.13 19.00
N GLU A 719 2.87 37.48 20.00
CA GLU A 719 4.31 37.42 20.16
C GLU A 719 4.99 36.76 18.96
N PHE A 720 4.26 35.95 18.18
CA PHE A 720 4.91 35.25 17.08
C PHE A 720 4.73 35.99 15.75
N TYR A 721 4.13 37.20 15.81
CA TYR A 721 3.89 37.99 14.61
C TYR A 721 5.19 38.24 13.87
N GLY A 722 5.21 37.86 12.58
CA GLY A 722 6.35 38.11 11.72
C GLY A 722 7.62 37.41 12.17
N THR A 723 7.50 36.25 12.85
CA THR A 723 8.69 35.51 13.26
C THR A 723 8.98 34.34 12.31
N ALA A 724 10.19 33.78 12.46
CA ALA A 724 10.63 32.55 11.82
C ALA A 724 10.50 32.77 10.32
N GLU A 725 9.91 31.80 9.60
CA GLU A 725 9.76 31.93 8.16
C GLU A 725 8.51 32.76 7.86
N ASN A 726 7.74 33.08 8.90
CA ASN A 726 6.65 34.03 8.73
C ASN A 726 5.73 33.64 7.57
N TYR A 727 5.37 32.35 7.46
CA TYR A 727 4.57 31.89 6.34
C TYR A 727 3.12 32.21 6.64
N TRP A 728 2.64 31.72 7.79
CA TRP A 728 1.29 32.01 8.26
C TRP A 728 1.33 32.84 9.54
N ARG A 729 2.33 33.73 9.71
CA ARG A 729 2.48 34.43 10.97
C ARG A 729 2.27 35.94 10.79
N SER A 730 1.53 36.34 9.76
CA SER A 730 1.24 37.74 9.47
C SER A 730 0.62 37.91 8.08
N PRO A 731 1.14 37.27 7.03
CA PRO A 731 0.67 37.58 5.67
C PRO A 731 -0.83 37.30 5.44
N VAL A 732 -1.34 37.92 4.37
CA VAL A 732 -2.74 37.83 3.99
C VAL A 732 -2.87 36.68 2.99
N TRP A 733 -3.73 35.71 3.31
CA TRP A 733 -3.94 34.57 2.43
C TRP A 733 -5.36 34.64 1.91
N ILE A 734 -5.49 34.50 0.58
CA ILE A 734 -6.78 34.69 -0.06
C ILE A 734 -7.79 33.60 0.33
N ASN A 735 -7.34 32.36 0.59
CA ASN A 735 -8.32 31.31 0.83
C ASN A 735 -9.08 31.54 2.15
N ILE A 736 -8.37 31.89 3.22
CA ILE A 736 -9.01 32.11 4.50
C ILE A 736 -9.82 33.42 4.48
N ASN A 737 -9.31 34.43 3.76
CA ASN A 737 -10.06 35.66 3.53
C ASN A 737 -11.35 35.37 2.77
N TYR A 738 -11.27 34.51 1.73
CA TYR A 738 -12.44 34.05 1.02
C TYR A 738 -13.50 33.49 1.98
N LEU A 739 -13.07 32.65 2.94
CA LEU A 739 -14.08 32.08 3.82
C LEU A 739 -14.67 33.17 4.73
N ALA A 740 -13.85 34.11 5.21
CA ALA A 740 -14.34 35.20 6.04
C ALA A 740 -15.43 35.98 5.31
N ILE A 741 -15.16 36.24 4.03
CA ILE A 741 -15.97 37.12 3.22
C ILE A 741 -17.34 36.49 3.01
N VAL A 742 -17.31 35.17 2.79
CA VAL A 742 -18.49 34.36 2.57
C VAL A 742 -19.36 34.34 3.83
N GLN A 743 -18.74 34.14 5.01
CA GLN A 743 -19.49 34.11 6.26
C GLN A 743 -20.03 35.49 6.65
N LEU A 744 -19.27 36.57 6.40
CA LEU A 744 -19.75 37.91 6.64
C LEU A 744 -21.01 38.18 5.84
N TYR A 745 -21.01 37.79 4.56
CA TYR A 745 -22.12 37.98 3.65
C TYR A 745 -23.37 37.21 4.10
N ASN A 746 -23.17 36.01 4.66
CA ASN A 746 -24.26 35.19 5.18
C ASN A 746 -24.94 35.94 6.33
N ILE A 747 -24.16 36.39 7.30
CA ILE A 747 -24.68 37.17 8.42
C ILE A 747 -25.31 38.46 7.90
N ALA A 748 -24.73 39.05 6.85
CA ALA A 748 -25.18 40.36 6.40
C ALA A 748 -26.55 40.29 5.71
N THR A 749 -27.01 39.09 5.29
CA THR A 749 -28.23 39.02 4.50
C THR A 749 -29.31 38.19 5.20
N GLN A 750 -29.29 38.25 6.54
CA GLN A 750 -30.22 37.60 7.45
C GLN A 750 -30.54 38.58 8.58
N ASP A 751 -31.81 38.59 9.03
CA ASP A 751 -32.18 39.32 10.25
C ASP A 751 -31.28 38.84 11.38
N GLY A 752 -30.69 39.78 12.13
CA GLY A 752 -29.98 39.44 13.35
C GLY A 752 -29.27 40.64 13.97
N PRO A 753 -28.65 40.51 15.17
CA PRO A 753 -28.00 41.64 15.82
C PRO A 753 -26.71 42.17 15.17
N TYR A 754 -26.10 41.39 14.26
CA TYR A 754 -24.79 41.71 13.74
C TYR A 754 -24.85 41.94 12.22
N LYS A 755 -26.06 41.81 11.67
CA LYS A 755 -26.34 42.04 10.26
C LYS A 755 -25.61 43.27 9.71
N GLU A 756 -25.65 44.39 10.46
CA GLU A 756 -25.13 45.66 9.97
C GLU A 756 -23.61 45.73 10.15
N THR A 757 -23.09 45.25 11.28
CA THR A 757 -21.64 45.12 11.41
C THR A 757 -21.08 44.23 10.31
N ALA A 758 -21.75 43.08 10.08
CA ALA A 758 -21.35 42.12 9.05
C ALA A 758 -21.39 42.78 7.68
N ARG A 759 -22.43 43.56 7.40
CA ARG A 759 -22.55 44.18 6.09
C ARG A 759 -21.34 45.10 5.86
N ASP A 760 -21.00 45.94 6.85
CA ASP A 760 -19.89 46.85 6.71
C ASP A 760 -18.57 46.10 6.48
N LEU A 761 -18.30 45.08 7.31
CA LEU A 761 -17.07 44.33 7.19
C LEU A 761 -17.01 43.57 5.84
N TYR A 762 -18.11 42.94 5.42
CA TYR A 762 -18.19 42.26 4.14
C TYR A 762 -17.76 43.21 3.03
N THR A 763 -18.40 44.39 3.00
CA THR A 763 -18.25 45.40 1.96
C THR A 763 -16.78 45.75 1.81
N ARG A 764 -16.11 45.99 2.94
CA ARG A 764 -14.75 46.52 3.00
C ARG A 764 -13.76 45.40 2.72
N LEU A 765 -13.98 44.22 3.32
CA LEU A 765 -13.04 43.12 3.15
C LEU A 765 -13.01 42.69 1.68
N ARG A 766 -14.19 42.53 1.08
CA ARG A 766 -14.33 42.23 -0.34
C ARG A 766 -13.49 43.22 -1.16
N LYS A 767 -13.65 44.50 -0.80
CA LYS A 767 -13.01 45.58 -1.51
C LYS A 767 -11.50 45.47 -1.35
N ASN A 768 -11.01 45.28 -0.11
CA ASN A 768 -9.59 45.26 0.19
C ASN A 768 -8.89 44.05 -0.47
N ILE A 769 -9.47 42.86 -0.31
CA ILE A 769 -8.93 41.65 -0.92
C ILE A 769 -8.91 41.76 -2.44
N VAL A 770 -10.02 42.15 -3.06
CA VAL A 770 -10.03 42.24 -4.51
C VAL A 770 -8.97 43.25 -5.01
N GLU A 771 -8.94 44.45 -4.40
CA GLU A 771 -8.10 45.54 -4.90
C GLU A 771 -6.62 45.17 -4.73
N THR A 772 -6.29 44.48 -3.63
CA THR A 772 -4.92 44.05 -3.39
C THR A 772 -4.47 43.07 -4.49
N VAL A 773 -5.26 42.02 -4.72
CA VAL A 773 -4.88 41.05 -5.73
C VAL A 773 -4.90 41.74 -7.10
N TYR A 774 -5.89 42.60 -7.35
CA TYR A 774 -5.93 43.30 -8.64
C TYR A 774 -4.69 44.17 -8.86
N ARG A 775 -4.35 44.98 -7.86
CA ARG A 775 -3.29 45.98 -7.98
C ARG A 775 -1.96 45.27 -8.27
N ASN A 776 -1.71 44.14 -7.59
CA ASN A 776 -0.49 43.39 -7.82
C ASN A 776 -0.47 42.74 -9.20
N TRP A 777 -1.65 42.26 -9.64
CA TRP A 777 -1.77 41.68 -10.96
C TRP A 777 -1.47 42.73 -12.01
N GLU A 778 -2.02 43.95 -11.80
CA GLU A 778 -1.81 45.03 -12.74
C GLU A 778 -0.31 45.32 -12.84
N GLU A 779 0.37 45.35 -11.69
CA GLU A 779 1.76 45.81 -11.67
C GLU A 779 2.75 44.71 -12.06
N THR A 780 2.44 43.43 -11.78
CA THR A 780 3.44 42.37 -11.91
C THR A 780 3.03 41.33 -12.96
N GLY A 781 1.74 41.32 -13.34
CA GLY A 781 1.15 40.27 -14.18
C GLY A 781 0.88 38.96 -13.43
N PHE A 782 1.07 38.93 -12.09
CA PHE A 782 0.96 37.65 -11.39
C PHE A 782 -0.10 37.67 -10.31
N ALA A 783 -0.68 36.48 -10.12
CA ALA A 783 -1.29 36.05 -8.88
C ALA A 783 -0.19 35.60 -7.93
N TRP A 784 -0.26 35.99 -6.66
CA TRP A 784 0.74 35.56 -5.69
C TRP A 784 0.09 34.68 -4.62
N GLU A 785 0.95 33.96 -3.89
CA GLU A 785 0.64 33.02 -2.83
C GLU A 785 0.02 33.73 -1.63
N GLN A 786 0.53 34.92 -1.33
CA GLN A 786 0.11 35.66 -0.14
C GLN A 786 0.51 37.12 -0.33
N TYR A 787 0.02 38.00 0.55
CA TYR A 787 0.16 39.43 0.36
C TYR A 787 0.57 40.08 1.67
N ASN A 788 1.53 41.00 1.55
CA ASN A 788 2.18 41.64 2.70
C ASN A 788 1.20 42.60 3.35
N PRO A 789 0.85 42.47 4.65
CA PRO A 789 -0.13 43.39 5.26
C PRO A 789 0.32 44.84 5.55
N GLU A 790 1.63 45.10 5.54
CA GLU A 790 2.19 46.44 5.67
C GLU A 790 2.23 47.13 4.29
N THR A 791 2.64 46.41 3.24
CA THR A 791 2.93 47.07 1.99
C THR A 791 1.90 46.72 0.93
N GLY A 792 1.13 45.64 1.12
CA GLY A 792 0.17 45.23 0.10
C GLY A 792 0.83 44.44 -1.04
N LYS A 793 2.14 44.21 -0.95
CA LYS A 793 2.86 43.53 -2.04
C LYS A 793 2.61 42.02 -2.03
N GLY A 794 2.40 41.45 -3.21
CA GLY A 794 2.43 39.99 -3.33
C GLY A 794 3.83 39.48 -3.03
N GLN A 795 3.92 38.37 -2.28
CA GLN A 795 5.23 37.79 -1.95
C GLN A 795 5.09 36.28 -1.97
N ARG A 796 6.19 35.55 -1.67
CA ARG A 796 6.36 34.13 -1.94
C ARG A 796 6.14 33.90 -3.42
N THR A 797 5.53 32.77 -3.81
CA THR A 797 5.55 32.41 -5.22
C THR A 797 4.46 33.09 -6.04
N GLN A 798 4.83 33.34 -7.29
CA GLN A 798 3.96 33.79 -8.37
C GLN A 798 3.32 32.59 -9.09
N HIS A 799 2.37 32.89 -9.98
CA HIS A 799 1.64 31.87 -10.71
C HIS A 799 0.82 31.04 -9.75
N PHE A 800 0.44 31.63 -8.62
CA PHE A 800 -0.36 30.89 -7.64
C PHE A 800 -1.85 30.93 -8.04
N THR A 801 -2.23 30.08 -8.99
CA THR A 801 -3.64 29.99 -9.39
C THR A 801 -4.06 28.51 -9.41
N GLY A 802 -4.24 27.88 -8.23
CA GLY A 802 -4.04 28.50 -6.92
C GLY A 802 -5.30 29.21 -6.40
N TRP A 803 -5.48 29.17 -5.08
CA TRP A 803 -6.69 29.70 -4.45
C TRP A 803 -6.79 31.23 -4.51
N THR A 804 -5.68 31.90 -4.87
CA THR A 804 -5.74 33.34 -5.09
C THR A 804 -6.80 33.71 -6.14
N SER A 805 -7.06 32.81 -7.10
CA SER A 805 -8.11 32.94 -8.09
C SER A 805 -9.54 32.96 -7.50
N LEU A 806 -9.71 32.70 -6.19
CA LEU A 806 -11.00 32.87 -5.53
C LEU A 806 -11.54 34.28 -5.76
N VAL A 807 -10.64 35.19 -6.10
CA VAL A 807 -10.97 36.59 -6.30
C VAL A 807 -12.07 36.76 -7.37
N VAL A 808 -12.13 35.87 -8.37
CA VAL A 808 -13.21 35.99 -9.33
C VAL A 808 -14.58 35.73 -8.71
N LYS A 809 -14.68 34.78 -7.77
CA LYS A 809 -15.95 34.60 -7.09
C LYS A 809 -16.18 35.74 -6.10
N ILE A 810 -15.13 36.25 -5.45
CA ILE A 810 -15.39 37.36 -4.55
C ILE A 810 -16.01 38.51 -5.35
N MET A 811 -15.49 38.78 -6.55
CA MET A 811 -16.01 39.92 -7.29
C MET A 811 -17.44 39.65 -7.73
N SER A 812 -17.71 38.36 -8.02
CA SER A 812 -19.00 37.88 -8.52
C SER A 812 -20.12 38.10 -7.52
N GLY A 813 -19.85 37.83 -6.23
CA GLY A 813 -20.76 38.09 -5.12
C GLY A 813 -21.92 37.09 -5.08
N HIS A 814 -23.08 37.59 -4.61
CA HIS A 814 -24.36 36.88 -4.53
C HIS A 814 -24.17 35.41 -4.11
N HIS A 815 -23.61 35.20 -2.92
CA HIS A 815 -23.40 33.86 -2.37
C HIS A 815 -24.75 33.20 -1.95
N GLU B 35 22.63 -27.40 30.82
CA GLU B 35 23.43 -27.36 32.09
C GLU B 35 24.28 -28.64 32.21
N SER B 36 23.71 -29.81 31.90
CA SER B 36 24.55 -31.00 31.84
C SER B 36 25.43 -30.98 30.59
N ILE B 37 26.65 -31.50 30.73
CA ILE B 37 27.55 -31.63 29.61
C ILE B 37 26.82 -32.25 28.41
N LEU B 38 26.04 -33.30 28.67
CA LEU B 38 25.44 -34.05 27.57
C LEU B 38 24.31 -33.25 26.95
N HIS B 39 23.47 -32.65 27.79
CA HIS B 39 22.36 -31.88 27.26
C HIS B 39 22.93 -30.74 26.41
N SER B 40 23.92 -29.99 26.93
CA SER B 40 24.62 -28.98 26.14
C SER B 40 25.10 -29.57 24.80
N GLU B 41 25.86 -30.66 24.85
CA GLU B 41 26.49 -31.18 23.64
C GLU B 41 25.41 -31.52 22.61
N ILE B 42 24.32 -32.15 23.07
CA ILE B 42 23.30 -32.52 22.09
C ILE B 42 22.67 -31.26 21.50
N GLY B 43 22.39 -30.27 22.36
CA GLY B 43 21.88 -28.99 21.89
C GLY B 43 22.76 -28.42 20.79
N ARG B 44 24.09 -28.47 20.99
CA ARG B 44 25.05 -27.94 20.04
C ARG B 44 24.97 -28.72 18.73
N LEU B 45 24.83 -30.03 18.83
CA LEU B 45 24.77 -30.87 17.64
C LEU B 45 23.50 -30.61 16.84
N ASN B 46 22.41 -30.42 17.59
CA ASN B 46 21.13 -30.12 16.96
C ASN B 46 21.19 -28.76 16.27
N ASN B 47 21.85 -27.82 16.94
CA ASN B 47 21.97 -26.44 16.50
C ASN B 47 22.75 -26.44 15.17
N GLN B 48 23.88 -27.16 15.12
CA GLN B 48 24.71 -27.21 13.92
C GLN B 48 23.96 -27.97 12.83
N SER B 49 23.22 -29.01 13.22
CA SER B 49 22.54 -29.81 12.22
C SER B 49 21.49 -28.96 11.50
N LEU B 50 20.74 -28.15 12.29
CA LEU B 50 19.52 -27.48 11.81
C LEU B 50 19.79 -26.06 11.28
N LEU B 51 21.01 -25.52 11.48
CA LEU B 51 21.30 -24.13 11.23
C LEU B 51 20.89 -23.61 9.86
N TRP B 52 21.23 -24.34 8.80
CA TRP B 52 20.92 -23.90 7.42
C TRP B 52 19.65 -24.57 6.91
N GLY B 53 18.88 -23.83 6.14
CA GLY B 53 17.69 -24.41 5.52
C GLY B 53 17.10 -23.46 4.52
N PRO B 54 16.04 -23.84 3.78
CA PRO B 54 15.30 -22.89 2.96
C PRO B 54 14.21 -22.35 3.88
N TYR B 55 14.60 -21.54 4.86
CA TYR B 55 13.81 -21.12 6.03
C TYR B 55 13.10 -19.79 5.76
N ARG B 56 12.67 -19.60 4.52
CA ARG B 56 11.93 -18.43 4.05
C ARG B 56 10.72 -18.96 3.30
N PRO B 57 9.73 -19.55 3.99
CA PRO B 57 8.54 -20.10 3.35
C PRO B 57 7.68 -19.03 2.65
N ASN B 58 7.72 -17.81 3.14
CA ASN B 58 7.00 -16.66 2.57
C ASN B 58 7.41 -16.47 1.09
N ILE B 59 8.56 -16.97 0.65
CA ILE B 59 8.93 -16.80 -0.77
C ILE B 59 9.04 -18.15 -1.49
N TYR B 60 8.86 -18.17 -2.81
CA TYR B 60 9.06 -19.38 -3.59
C TYR B 60 10.35 -20.12 -3.21
N PHE B 61 11.51 -19.45 -3.23
CA PHE B 61 12.74 -20.15 -2.88
C PHE B 61 13.82 -19.18 -2.41
N GLY B 62 14.37 -19.48 -1.24
CA GLY B 62 15.47 -18.69 -0.72
C GLY B 62 16.02 -19.38 0.51
N THR B 63 17.17 -18.95 1.00
CA THR B 63 17.69 -19.61 2.17
C THR B 63 18.05 -18.58 3.22
N ARG B 64 18.11 -19.04 4.49
CA ARG B 64 18.81 -18.29 5.51
C ARG B 64 19.20 -19.25 6.65
N PRO B 65 20.15 -18.88 7.51
CA PRO B 65 20.42 -19.68 8.70
C PRO B 65 19.53 -19.22 9.83
N ARG B 66 19.52 -19.99 10.92
CA ARG B 66 18.79 -19.62 12.12
C ARG B 66 19.63 -18.62 12.91
N ILE B 67 19.93 -17.47 12.28
CA ILE B 67 20.62 -16.32 12.86
C ILE B 67 19.87 -15.06 12.44
N GLY B 68 19.52 -14.24 13.42
CA GLY B 68 18.71 -13.05 13.16
C GLY B 68 19.30 -12.17 12.05
N LYS B 69 20.60 -11.86 12.17
CA LYS B 69 21.27 -10.94 11.26
C LYS B 69 22.39 -11.69 10.57
N SER B 70 22.17 -12.06 9.30
CA SER B 70 23.12 -12.95 8.64
C SER B 70 22.87 -12.94 7.12
N LEU B 71 23.35 -13.99 6.46
CA LEU B 71 23.28 -14.10 5.01
C LEU B 71 21.92 -14.67 4.62
N MET B 72 21.23 -14.04 3.64
CA MET B 72 19.96 -14.54 3.15
C MET B 72 19.97 -14.59 1.62
N THR B 73 19.21 -15.53 1.04
CA THR B 73 19.15 -15.57 -0.41
C THR B 73 17.70 -15.58 -0.86
N GLY B 74 17.45 -15.23 -2.12
CA GLY B 74 16.14 -15.47 -2.70
C GLY B 74 16.16 -15.45 -4.23
N LEU B 75 15.21 -16.13 -4.88
CA LEU B 75 15.15 -16.36 -6.31
C LEU B 75 13.94 -15.62 -6.90
N MET B 76 14.16 -14.99 -8.04
CA MET B 76 13.05 -14.38 -8.75
C MET B 76 13.17 -14.78 -10.21
N TRP B 77 12.02 -14.89 -10.88
CA TRP B 77 12.07 -15.18 -12.30
C TRP B 77 10.84 -14.54 -12.92
N GLY B 78 10.93 -14.31 -14.24
CA GLY B 78 9.78 -13.79 -14.98
C GLY B 78 10.11 -13.76 -16.47
N LYS B 79 9.12 -14.08 -17.31
CA LYS B 79 9.31 -13.93 -18.74
C LYS B 79 9.33 -12.44 -19.07
N ILE B 80 9.98 -12.07 -20.19
CA ILE B 80 9.94 -10.69 -20.63
C ILE B 80 9.68 -10.63 -22.13
N GLU B 81 8.60 -9.93 -22.51
CA GLU B 81 8.18 -9.81 -23.90
C GLU B 81 8.15 -8.34 -24.33
N SER B 82 8.21 -7.40 -23.37
CA SER B 82 7.96 -6.01 -23.70
C SER B 82 8.75 -5.11 -22.74
N TYR B 83 8.65 -3.79 -22.91
CA TYR B 83 9.36 -2.84 -22.09
C TYR B 83 8.68 -2.63 -20.73
N THR B 84 7.49 -3.24 -20.53
CA THR B 84 6.71 -2.92 -19.35
C THR B 84 6.05 -4.15 -18.68
N ASP B 85 6.37 -5.36 -19.17
CA ASP B 85 5.70 -6.56 -18.71
C ASP B 85 6.44 -7.18 -17.51
N PHE B 86 7.76 -7.01 -17.41
CA PHE B 86 8.47 -7.76 -16.40
C PHE B 86 7.89 -7.50 -15.00
N GLN B 87 7.55 -6.26 -14.70
CA GLN B 87 7.03 -5.86 -13.40
C GLN B 87 5.77 -6.69 -13.03
N HIS B 88 4.97 -7.15 -14.03
CA HIS B 88 3.75 -7.91 -13.81
C HIS B 88 4.03 -9.42 -13.77
N THR B 89 5.14 -9.89 -14.38
CA THR B 89 5.34 -11.32 -14.56
C THR B 89 6.28 -11.85 -13.49
N VAL B 90 7.04 -10.95 -12.86
CA VAL B 90 8.11 -11.40 -11.98
C VAL B 90 7.53 -12.11 -10.75
N ARG B 91 8.23 -13.14 -10.27
CA ARG B 91 7.84 -13.98 -9.16
C ARG B 91 8.87 -13.83 -8.05
N TYR B 92 8.40 -13.70 -6.81
CA TYR B 92 9.27 -13.61 -5.64
C TYR B 92 8.57 -14.21 -4.41
N THR B 93 7.55 -13.49 -3.91
CA THR B 93 6.70 -13.81 -2.77
C THR B 93 5.65 -14.84 -3.19
N CYS B 94 5.41 -15.83 -2.32
CA CYS B 94 4.37 -16.83 -2.56
C CYS B 94 2.99 -16.19 -2.68
N GLU B 95 2.24 -16.59 -3.72
CA GLU B 95 0.86 -16.17 -3.97
C GLU B 95 0.09 -17.41 -4.43
N GLN B 96 -1.22 -17.26 -4.65
CA GLN B 96 -1.97 -18.33 -5.29
C GLN B 96 -3.17 -17.69 -5.97
N ASN B 97 -3.24 -17.83 -7.30
CA ASN B 97 -4.20 -17.19 -8.20
C ASN B 97 -4.13 -17.99 -9.50
N GLU B 98 -4.99 -17.63 -10.48
CA GLU B 98 -5.17 -18.28 -11.77
C GLU B 98 -3.85 -18.45 -12.53
N GLY B 99 -2.90 -17.51 -12.38
CA GLY B 99 -1.65 -17.58 -13.10
C GLY B 99 -0.65 -18.60 -12.54
N MET B 100 -0.96 -19.21 -11.39
CA MET B 100 -0.14 -20.29 -10.87
C MET B 100 -0.97 -21.57 -10.79
N LYS B 101 -0.43 -22.67 -11.34
CA LYS B 101 -1.11 -23.94 -11.23
C LYS B 101 -0.95 -24.45 -9.81
N GLY B 102 0.30 -24.45 -9.32
CA GLY B 102 0.59 -24.99 -8.00
C GLY B 102 2.08 -24.96 -7.73
N TYR B 103 2.42 -25.30 -6.49
CA TYR B 103 3.80 -25.44 -6.08
C TYR B 103 3.82 -26.12 -4.73
N GLY B 104 4.96 -26.68 -4.39
CA GLY B 104 5.08 -27.28 -3.07
C GLY B 104 6.26 -28.22 -3.06
N TRP B 105 6.51 -28.81 -1.90
CA TRP B 105 7.65 -29.69 -1.75
C TRP B 105 7.21 -31.10 -2.09
N ASP B 106 8.02 -31.80 -2.89
CA ASP B 106 7.75 -33.19 -3.24
C ASP B 106 8.31 -34.07 -2.13
N GLU B 107 9.41 -33.59 -1.54
CA GLU B 107 10.04 -34.24 -0.41
C GLU B 107 10.85 -33.20 0.34
N TYR B 108 11.01 -33.46 1.64
CA TYR B 108 11.72 -32.50 2.46
C TYR B 108 12.02 -33.12 3.82
N ASP B 109 13.24 -32.86 4.24
CA ASP B 109 13.69 -33.10 5.58
C ASP B 109 14.66 -31.96 5.90
N PRO B 110 14.39 -31.18 6.97
CA PRO B 110 15.22 -30.03 7.34
C PRO B 110 16.69 -30.34 7.62
N ARG B 111 17.02 -31.58 7.97
CA ARG B 111 18.42 -31.92 8.20
C ARG B 111 19.14 -32.18 6.86
N ARG B 112 18.41 -32.55 5.81
CA ARG B 112 19.05 -33.12 4.65
C ARG B 112 18.80 -32.24 3.43
N GLY B 113 17.56 -31.75 3.30
CA GLY B 113 17.16 -30.97 2.15
C GLY B 113 15.88 -31.52 1.53
N GLY B 114 15.66 -31.16 0.26
CA GLY B 114 14.48 -31.65 -0.43
C GLY B 114 14.42 -31.07 -1.82
N ILE B 115 13.24 -31.16 -2.43
CA ILE B 115 12.99 -30.78 -3.81
C ILE B 115 11.61 -30.17 -3.89
N GLN B 116 11.51 -28.96 -4.47
CA GLN B 116 10.26 -28.24 -4.61
C GLN B 116 9.94 -28.14 -6.10
N SER B 117 8.63 -28.22 -6.42
CA SER B 117 8.12 -28.12 -7.77
C SER B 117 7.22 -26.89 -7.90
N ILE B 118 7.40 -26.11 -8.96
CA ILE B 118 6.61 -24.90 -9.15
C ILE B 118 6.04 -24.93 -10.57
N HIS B 119 4.72 -24.86 -10.69
CA HIS B 119 4.00 -24.84 -11.95
C HIS B 119 3.38 -23.47 -12.18
N ASP B 120 4.11 -22.66 -12.94
CA ASP B 120 3.75 -21.28 -13.21
C ASP B 120 3.13 -21.21 -14.61
N ILE B 121 1.83 -20.93 -14.67
CA ILE B 121 1.15 -20.84 -15.95
C ILE B 121 1.53 -19.51 -16.61
N GLN B 122 1.57 -18.42 -15.82
CA GLN B 122 1.78 -17.11 -16.38
C GLN B 122 3.11 -17.06 -17.14
N ASN B 123 4.15 -17.68 -16.57
CA ASN B 123 5.51 -17.65 -17.10
C ASN B 123 5.84 -18.88 -17.96
N GLY B 124 4.87 -19.79 -18.10
CA GLY B 124 5.00 -20.90 -19.03
C GLY B 124 6.10 -21.86 -18.63
N LEU B 125 6.33 -21.96 -17.31
CA LEU B 125 7.51 -22.62 -16.77
C LEU B 125 7.10 -23.64 -15.70
N ASP B 126 7.76 -24.79 -15.74
CA ASP B 126 7.79 -25.73 -14.63
C ASP B 126 9.19 -25.71 -14.06
N ILE B 127 9.30 -25.38 -12.77
CA ILE B 127 10.60 -25.19 -12.15
C ILE B 127 10.77 -26.21 -11.04
N THR B 128 12.01 -26.68 -10.85
CA THR B 128 12.33 -27.44 -9.66
C THR B 128 13.50 -26.74 -8.96
N THR B 129 13.40 -26.68 -7.63
CA THR B 129 14.48 -26.18 -6.79
C THR B 129 14.85 -27.34 -5.85
N SER B 130 16.03 -27.90 -6.05
CA SER B 130 16.58 -28.94 -5.20
C SER B 130 17.51 -28.27 -4.20
N PHE B 131 17.41 -28.69 -2.95
CA PHE B 131 18.24 -28.11 -1.92
C PHE B 131 18.85 -29.23 -1.11
N VAL B 132 20.17 -29.20 -0.85
CA VAL B 132 20.79 -30.27 -0.08
C VAL B 132 21.74 -29.64 0.91
N LYS B 133 21.84 -30.23 2.11
CA LYS B 133 22.79 -29.78 3.10
C LYS B 133 23.94 -30.79 3.21
N ILE B 134 25.15 -30.27 3.49
CA ILE B 134 26.36 -31.07 3.52
C ILE B 134 27.12 -30.70 4.78
N PRO B 135 27.08 -31.57 5.81
CA PRO B 135 27.76 -31.27 7.07
C PRO B 135 29.27 -31.20 6.93
N GLY B 136 29.91 -30.47 7.84
CA GLY B 136 31.31 -30.11 7.72
C GLY B 136 31.58 -28.76 8.39
N GLY B 137 32.59 -28.75 9.25
CA GLY B 137 33.03 -27.52 9.86
C GLY B 137 32.29 -27.20 11.15
N ALA B 138 32.52 -25.97 11.64
CA ALA B 138 32.01 -25.54 12.93
C ALA B 138 30.87 -24.53 12.75
N HIS B 139 30.42 -24.31 11.51
CA HIS B 139 29.52 -23.18 11.28
C HIS B 139 28.23 -23.63 10.61
N GLY B 140 27.85 -24.89 10.83
CA GLY B 140 26.55 -25.37 10.39
C GLY B 140 26.61 -25.95 8.98
N GLY B 141 27.84 -26.17 8.51
CA GLY B 141 28.07 -26.93 7.29
C GLY B 141 27.74 -26.13 6.03
N SER B 142 27.57 -26.86 4.92
CA SER B 142 27.54 -26.28 3.59
C SER B 142 26.22 -26.70 2.95
N TRP B 143 25.88 -26.08 1.81
CA TRP B 143 24.62 -26.37 1.14
C TRP B 143 24.75 -26.06 -0.35
N ALA B 144 23.83 -26.63 -1.14
CA ALA B 144 23.79 -26.45 -2.59
C ALA B 144 22.35 -26.44 -3.03
N ALA B 145 22.10 -25.86 -4.22
CA ALA B 145 20.76 -25.84 -4.78
C ALA B 145 20.89 -25.88 -6.28
N ARG B 146 20.02 -26.65 -6.91
CA ARG B 146 19.92 -26.62 -8.36
C ARG B 146 18.59 -25.99 -8.72
N ILE B 147 18.63 -25.00 -9.62
CA ILE B 147 17.44 -24.35 -10.12
C ILE B 147 17.25 -24.74 -11.58
N LYS B 148 16.12 -25.36 -11.89
CA LYS B 148 15.89 -25.90 -13.22
C LYS B 148 14.52 -25.45 -13.73
N GLY B 149 14.54 -24.76 -14.88
CA GLY B 149 13.34 -24.29 -15.55
C GLY B 149 13.16 -24.93 -16.91
N THR B 150 11.91 -25.33 -17.20
CA THR B 150 11.54 -26.11 -18.37
C THR B 150 10.22 -25.52 -18.87
N LEU B 151 10.23 -24.95 -20.07
CA LEU B 151 9.02 -24.35 -20.61
C LEU B 151 8.01 -25.46 -20.82
N ASN B 152 6.74 -25.19 -20.48
CA ASN B 152 5.65 -26.09 -20.82
C ASN B 152 5.34 -25.98 -22.32
N ASP B 153 4.38 -26.80 -22.79
CA ASP B 153 4.01 -26.92 -24.19
C ASP B 153 3.39 -25.64 -24.77
N ASP B 154 2.84 -24.75 -23.93
CA ASP B 154 2.11 -23.58 -24.40
C ASP B 154 3.03 -22.37 -24.56
N ALA B 155 4.21 -22.42 -23.94
CA ALA B 155 5.12 -21.28 -23.95
C ALA B 155 5.75 -21.16 -25.34
N PRO B 156 6.02 -19.93 -25.80
CA PRO B 156 6.86 -19.76 -26.98
C PRO B 156 8.24 -20.39 -26.72
N LYS B 157 8.72 -21.20 -27.68
CA LYS B 157 9.93 -22.00 -27.52
C LYS B 157 11.16 -21.10 -27.37
N ASP B 158 11.01 -19.86 -27.84
CA ASP B 158 12.10 -18.91 -27.76
C ASP B 158 11.85 -17.91 -26.63
N GLN B 159 11.01 -18.28 -25.64
CA GLN B 159 10.69 -17.32 -24.58
C GLN B 159 11.97 -16.85 -23.86
N LYS B 160 12.01 -15.56 -23.53
CA LYS B 160 13.14 -15.05 -22.77
C LYS B 160 12.72 -14.98 -21.30
N THR B 161 13.47 -15.65 -20.43
CA THR B 161 13.17 -15.65 -19.01
C THR B 161 14.30 -14.99 -18.24
N ILE B 162 14.00 -13.95 -17.44
CA ILE B 162 14.99 -13.37 -16.55
C ILE B 162 14.96 -14.16 -15.24
N VAL B 163 16.15 -14.49 -14.74
CA VAL B 163 16.27 -15.15 -13.45
C VAL B 163 17.21 -14.31 -12.59
N VAL B 164 16.79 -14.02 -11.36
CA VAL B 164 17.63 -13.28 -10.43
C VAL B 164 17.88 -14.14 -9.19
N PHE B 165 19.13 -14.15 -8.74
CA PHE B 165 19.47 -14.68 -7.44
C PHE B 165 19.98 -13.52 -6.59
N TYR B 166 19.21 -13.17 -5.55
CA TYR B 166 19.45 -12.05 -4.67
C TYR B 166 20.09 -12.53 -3.39
N VAL B 167 21.18 -11.88 -2.99
CA VAL B 167 21.88 -12.27 -1.78
C VAL B 167 22.07 -11.02 -0.93
N SER B 168 21.72 -11.13 0.35
CA SER B 168 21.93 -10.01 1.25
C SER B 168 22.59 -10.49 2.53
N GLN B 169 23.30 -9.56 3.22
CA GLN B 169 23.93 -9.89 4.49
C GLN B 169 23.85 -8.72 5.45
N GLU B 170 23.21 -8.98 6.60
CA GLU B 170 23.05 -8.06 7.70
C GLU B 170 23.99 -8.51 8.80
N GLY B 171 24.44 -7.58 9.63
CA GLY B 171 25.33 -7.92 10.73
C GLY B 171 26.50 -6.96 10.80
N GLU B 172 26.90 -6.60 12.02
CA GLU B 172 28.14 -5.89 12.24
C GLU B 172 29.30 -6.84 11.94
N ASN B 173 30.46 -6.25 11.61
CA ASN B 173 31.72 -6.96 11.38
C ASN B 173 31.52 -8.14 10.44
N SER B 174 30.99 -7.86 9.24
CA SER B 174 30.79 -8.89 8.23
C SER B 174 31.09 -8.37 6.82
N GLU B 175 31.60 -9.24 5.95
CA GLU B 175 32.01 -8.83 4.60
C GLU B 175 31.35 -9.72 3.55
N LEU B 176 31.16 -9.17 2.35
CA LEU B 176 30.78 -10.00 1.23
C LEU B 176 31.16 -9.26 -0.05
N GLU B 177 31.79 -9.98 -0.99
CA GLU B 177 32.39 -9.38 -2.16
C GLU B 177 32.25 -10.33 -3.34
N ALA B 178 31.74 -9.82 -4.47
CA ALA B 178 31.72 -10.57 -5.72
C ALA B 178 33.08 -10.44 -6.42
N VAL B 179 33.68 -11.57 -6.80
CA VAL B 179 34.95 -11.54 -7.50
C VAL B 179 34.71 -11.05 -8.93
N PRO B 180 35.43 -10.00 -9.42
CA PRO B 180 35.24 -9.48 -10.79
C PRO B 180 35.42 -10.52 -11.89
N SER B 181 34.65 -10.43 -12.97
CA SER B 181 34.91 -11.35 -14.05
C SER B 181 36.20 -10.96 -14.75
N GLU B 182 36.60 -11.76 -15.74
CA GLU B 182 37.81 -11.47 -16.48
C GLU B 182 37.40 -10.98 -17.86
N ASN B 183 36.16 -10.49 -17.98
CA ASN B 183 35.52 -10.07 -19.22
C ASN B 183 34.85 -8.72 -19.04
N GLU B 184 34.54 -8.06 -20.17
CA GLU B 184 34.29 -6.63 -20.13
C GLU B 184 32.97 -6.33 -19.39
N PHE B 185 31.87 -6.97 -19.80
CA PHE B 185 30.53 -6.52 -19.47
C PHE B 185 29.78 -7.52 -18.58
N GLY B 186 30.47 -8.52 -18.04
CA GLY B 186 29.82 -9.56 -17.26
C GLY B 186 30.61 -10.87 -17.27
N TYR B 187 29.91 -11.98 -16.99
CA TYR B 187 30.56 -13.24 -16.65
C TYR B 187 30.25 -14.26 -17.73
N GLU B 188 31.33 -14.86 -18.24
CA GLU B 188 31.27 -16.06 -19.08
C GLU B 188 30.94 -17.27 -18.21
N GLY B 189 31.57 -17.36 -17.02
CA GLY B 189 31.44 -18.56 -16.20
C GLY B 189 30.65 -18.33 -14.90
N ASP B 190 31.24 -18.76 -13.79
CA ASP B 190 30.61 -18.80 -12.48
C ASP B 190 30.76 -17.41 -11.86
N VAL B 191 29.78 -17.02 -11.05
CA VAL B 191 29.93 -15.86 -10.19
C VAL B 191 30.36 -16.38 -8.83
N ILE B 192 31.43 -15.79 -8.27
CA ILE B 192 31.93 -16.14 -6.96
C ILE B 192 31.77 -14.97 -5.99
N LEU B 193 31.08 -15.22 -4.86
CA LEU B 193 30.93 -14.29 -3.75
C LEU B 193 31.78 -14.82 -2.61
N LYS B 194 32.68 -13.99 -2.04
CA LYS B 194 33.48 -14.32 -0.87
C LYS B 194 33.03 -13.51 0.34
N GLY B 195 32.64 -14.21 1.41
CA GLY B 195 32.12 -13.54 2.58
C GLY B 195 32.73 -14.07 3.89
N ARG B 196 32.44 -13.34 4.96
CA ARG B 196 32.92 -13.62 6.30
C ARG B 196 31.95 -12.94 7.27
N SER B 197 31.54 -13.65 8.32
CA SER B 197 30.89 -13.06 9.48
C SER B 197 31.34 -13.87 10.68
N GLU B 198 31.09 -13.36 11.89
CA GLU B 198 31.42 -14.09 13.10
C GLU B 198 30.65 -15.42 13.11
N ALA B 199 29.34 -15.34 12.83
CA ALA B 199 28.43 -16.48 12.79
C ALA B 199 28.92 -17.55 11.80
N LEU B 200 29.24 -17.16 10.56
CA LEU B 200 29.49 -18.14 9.52
C LEU B 200 30.98 -18.44 9.32
N GLY B 201 31.86 -17.65 9.93
CA GLY B 201 33.28 -17.64 9.56
C GLY B 201 33.44 -17.26 8.10
N ASN B 202 34.46 -17.79 7.40
CA ASN B 202 34.63 -17.54 5.98
C ASN B 202 33.81 -18.55 5.22
N TYR B 203 33.35 -18.14 4.04
CA TYR B 203 32.54 -19.00 3.21
C TYR B 203 32.62 -18.46 1.79
N LYS B 204 32.17 -19.30 0.87
CA LYS B 204 32.17 -18.99 -0.54
C LYS B 204 30.77 -19.34 -1.02
N LEU B 205 30.17 -18.45 -1.83
CA LEU B 205 28.89 -18.74 -2.46
C LEU B 205 29.04 -18.54 -3.95
N VAL B 206 28.70 -19.59 -4.72
CA VAL B 206 28.90 -19.59 -6.15
C VAL B 206 27.56 -19.71 -6.85
N VAL B 207 27.38 -18.89 -7.88
CA VAL B 207 26.29 -19.10 -8.81
C VAL B 207 26.89 -19.58 -10.13
N THR B 208 26.59 -20.83 -10.52
CA THR B 208 27.29 -21.43 -11.65
C THR B 208 26.76 -20.86 -12.97
N LYS B 209 27.58 -21.06 -14.00
CA LYS B 209 27.31 -20.67 -15.36
C LYS B 209 25.91 -21.15 -15.73
N GLY B 210 25.69 -22.44 -15.46
CA GLY B 210 24.46 -23.13 -15.81
C GLY B 210 24.46 -23.58 -17.27
N LYS B 211 23.31 -24.11 -17.71
CA LYS B 211 23.09 -24.65 -19.02
C LYS B 211 21.82 -23.98 -19.54
N GLY B 212 21.78 -23.75 -20.86
CA GLY B 212 20.70 -23.12 -21.60
C GLY B 212 21.25 -22.01 -22.50
N VAL B 213 20.47 -21.68 -23.52
CA VAL B 213 20.83 -20.64 -24.44
C VAL B 213 20.72 -19.28 -23.74
N ILE B 214 21.78 -18.48 -23.91
CA ILE B 214 21.79 -17.07 -23.59
C ILE B 214 21.52 -16.23 -24.84
N PRO B 215 20.42 -15.43 -24.92
CA PRO B 215 20.14 -14.67 -26.15
C PRO B 215 21.24 -13.63 -26.35
N GLN B 216 21.49 -13.28 -27.60
CA GLN B 216 22.58 -12.37 -27.93
C GLN B 216 21.98 -11.17 -28.66
N SER B 217 22.49 -9.98 -28.35
CA SER B 217 21.99 -8.79 -28.99
C SER B 217 23.03 -8.19 -29.94
N ASP B 218 22.57 -7.85 -31.15
CA ASP B 218 23.40 -7.16 -32.12
C ASP B 218 23.04 -5.67 -32.15
N HIS B 219 22.24 -5.21 -31.19
CA HIS B 219 21.85 -3.81 -31.12
C HIS B 219 23.07 -2.96 -30.78
N ASP B 220 23.03 -1.70 -31.21
CA ASP B 220 24.10 -0.77 -30.86
C ASP B 220 24.31 -0.69 -29.35
N LEU B 221 23.25 -0.88 -28.56
CA LEU B 221 23.36 -0.90 -27.10
C LEU B 221 24.39 -1.92 -26.60
N SER B 222 24.64 -3.00 -27.37
CA SER B 222 25.65 -3.98 -26.98
C SER B 222 27.03 -3.37 -26.76
N ARG B 223 27.33 -2.24 -27.43
CA ARG B 223 28.65 -1.63 -27.32
C ARG B 223 28.87 -1.15 -25.90
N LEU B 224 27.75 -0.82 -25.23
CA LEU B 224 27.76 -0.26 -23.88
C LEU B 224 27.51 -1.34 -22.83
N ARG B 225 26.73 -2.38 -23.17
CA ARG B 225 26.15 -3.30 -22.19
C ARG B 225 26.55 -4.75 -22.48
N GLY B 226 27.40 -4.95 -23.50
CA GLY B 226 27.75 -6.29 -23.94
C GLY B 226 26.60 -6.94 -24.71
N PRO B 227 26.85 -8.05 -25.43
CA PRO B 227 25.79 -8.69 -26.23
C PRO B 227 24.76 -9.51 -25.44
N GLY B 228 24.97 -9.62 -24.13
CA GLY B 228 24.17 -10.48 -23.27
C GLY B 228 25.05 -11.49 -22.55
N GLN B 229 25.02 -11.42 -21.21
CA GLN B 229 25.83 -12.24 -20.34
C GLN B 229 25.28 -12.12 -18.92
N THR B 230 25.73 -13.03 -18.05
CA THR B 230 25.46 -12.96 -16.63
C THR B 230 26.08 -11.68 -16.11
N VAL B 231 25.36 -10.99 -15.22
CA VAL B 231 25.87 -9.76 -14.61
C VAL B 231 25.65 -9.83 -13.10
N VAL B 232 26.42 -9.05 -12.37
CA VAL B 232 26.29 -8.92 -10.93
C VAL B 232 26.31 -7.44 -10.59
N GLN B 233 25.42 -6.99 -9.67
CA GLN B 233 25.56 -5.68 -9.04
C GLN B 233 25.77 -5.89 -7.54
N SER B 234 26.86 -5.31 -7.03
CA SER B 234 27.14 -5.35 -5.61
C SER B 234 26.85 -3.97 -5.05
N LEU B 235 25.97 -3.90 -4.03
CA LEU B 235 25.38 -2.66 -3.58
C LEU B 235 25.34 -2.61 -2.05
N THR B 236 25.12 -1.41 -1.52
CA THR B 236 25.00 -1.18 -0.09
C THR B 236 23.66 -0.48 0.15
N TYR B 237 22.84 -1.12 0.98
CA TYR B 237 21.57 -0.55 1.38
C TYR B 237 21.54 -0.50 2.89
N PRO B 238 20.63 0.30 3.48
CA PRO B 238 20.39 0.24 4.93
C PRO B 238 19.89 -1.15 5.31
N ASP B 239 20.38 -1.63 6.47
CA ASP B 239 19.98 -2.91 7.06
C ASP B 239 18.46 -3.07 7.06
N GLU B 240 17.68 -2.01 7.37
CA GLU B 240 16.25 -2.13 7.59
C GLU B 240 15.51 -2.44 6.29
N VAL B 241 16.21 -2.33 5.16
CA VAL B 241 15.51 -2.43 3.90
C VAL B 241 15.98 -3.65 3.10
N LEU B 242 16.94 -4.43 3.64
CA LEU B 242 17.43 -5.64 2.96
C LEU B 242 16.30 -6.59 2.55
N TRP B 243 15.24 -6.67 3.36
CA TRP B 243 14.13 -7.56 3.07
C TRP B 243 13.39 -7.15 1.78
N GLN B 244 13.34 -5.85 1.44
CA GLN B 244 12.50 -5.35 0.37
C GLN B 244 13.17 -5.68 -0.97
N ALA B 245 13.40 -6.97 -1.21
CA ALA B 245 14.30 -7.40 -2.27
C ALA B 245 13.77 -7.00 -3.66
N LYS B 246 12.47 -7.14 -3.88
CA LYS B 246 11.87 -6.81 -5.16
C LYS B 246 11.89 -5.30 -5.43
N PRO B 247 11.46 -4.43 -4.50
CA PRO B 247 11.68 -3.00 -4.67
C PRO B 247 13.12 -2.60 -5.00
N ILE B 248 14.09 -3.34 -4.45
CA ILE B 248 15.50 -3.06 -4.70
C ILE B 248 15.84 -3.44 -6.15
N LEU B 249 15.43 -4.62 -6.59
CA LEU B 249 15.69 -5.02 -7.97
C LEU B 249 15.08 -3.97 -8.90
N PHE B 250 13.84 -3.57 -8.61
CA PHE B 250 13.17 -2.64 -9.51
C PHE B 250 13.81 -1.26 -9.55
N GLN B 251 14.41 -0.84 -8.43
CA GLN B 251 15.10 0.44 -8.37
C GLN B 251 16.30 0.34 -9.28
N GLN B 252 16.99 -0.81 -9.23
CA GLN B 252 18.19 -1.02 -10.03
C GLN B 252 17.79 -1.09 -11.50
N LEU B 253 16.64 -1.72 -11.80
CA LEU B 253 16.25 -1.89 -13.19
C LEU B 253 15.84 -0.51 -13.75
N LYS B 254 15.13 0.30 -12.96
CA LYS B 254 14.68 1.63 -13.34
C LYS B 254 15.90 2.51 -13.57
N ALA B 255 16.88 2.44 -12.66
CA ALA B 255 18.10 3.22 -12.82
C ALA B 255 18.75 2.87 -14.16
N GLY B 256 18.81 1.56 -14.48
CA GLY B 256 19.50 1.04 -15.66
C GLY B 256 18.82 1.53 -16.95
N ILE B 257 17.54 1.87 -16.82
CA ILE B 257 16.78 2.35 -17.97
C ILE B 257 16.92 3.88 -18.12
N ASP B 258 16.94 4.61 -17.00
CA ASP B 258 17.16 6.05 -17.00
C ASP B 258 18.51 6.40 -17.62
N TRP B 259 19.50 5.54 -17.37
CA TRP B 259 20.85 5.63 -17.87
C TRP B 259 20.87 5.65 -19.40
N LEU B 260 19.87 5.02 -20.04
CA LEU B 260 19.81 4.98 -21.50
C LEU B 260 19.80 6.39 -22.11
N VAL B 261 19.05 7.33 -21.53
CA VAL B 261 18.80 8.63 -22.14
C VAL B 261 19.97 9.59 -21.89
N GLU B 262 20.98 9.13 -21.14
CA GLU B 262 22.14 9.95 -20.78
C GLU B 262 23.42 9.41 -21.41
N ASN B 263 23.30 8.44 -22.34
CA ASN B 263 24.47 7.75 -22.85
C ASN B 263 24.32 7.51 -24.35
N LYS B 264 25.45 7.57 -25.08
CA LYS B 264 25.46 7.55 -26.53
C LYS B 264 25.36 6.11 -27.07
N TYR B 265 24.25 5.81 -27.71
CA TYR B 265 24.09 4.64 -28.57
C TYR B 265 22.91 5.02 -29.47
N ASP B 266 22.67 4.19 -30.49
CA ASP B 266 21.77 4.53 -31.58
C ASP B 266 20.38 4.00 -31.24
N VAL B 267 19.35 4.85 -31.37
CA VAL B 267 18.04 4.54 -30.82
C VAL B 267 16.98 4.53 -31.91
N ALA B 268 17.43 4.41 -33.16
CA ALA B 268 16.54 4.30 -34.31
C ALA B 268 15.76 2.98 -34.26
N ASP B 269 16.44 1.91 -33.81
CA ASP B 269 15.80 0.60 -33.75
C ASP B 269 15.43 0.23 -32.31
N PRO B 270 14.27 -0.42 -32.08
CA PRO B 270 13.92 -0.93 -30.75
C PRO B 270 14.94 -1.95 -30.26
N PRO B 271 15.55 -1.79 -29.07
CA PRO B 271 16.46 -2.81 -28.54
C PRO B 271 15.64 -3.94 -27.94
N PRO B 272 16.20 -5.15 -27.70
CA PRO B 272 15.41 -6.25 -27.12
C PRO B 272 14.99 -5.91 -25.69
N PRO B 273 13.70 -6.16 -25.31
CA PRO B 273 13.27 -5.97 -23.91
C PRO B 273 14.25 -6.59 -22.91
N TRP B 274 14.68 -7.83 -23.15
CA TRP B 274 15.56 -8.45 -22.17
C TRP B 274 16.84 -7.63 -22.00
N GLN B 275 17.29 -6.96 -23.06
CA GLN B 275 18.56 -6.27 -22.93
C GLN B 275 18.40 -4.99 -22.10
N VAL B 276 17.27 -4.30 -22.26
CA VAL B 276 17.11 -3.07 -21.51
C VAL B 276 16.87 -3.41 -20.04
N TYR B 277 16.43 -4.65 -19.77
CA TYR B 277 16.21 -5.14 -18.41
C TYR B 277 17.41 -5.93 -17.90
N LEU B 278 18.56 -5.83 -18.59
CA LEU B 278 19.77 -6.50 -18.13
C LEU B 278 20.66 -5.49 -17.44
N LEU B 279 20.90 -5.69 -16.14
CA LEU B 279 21.63 -4.72 -15.35
C LEU B 279 23.07 -4.63 -15.81
N ALA B 280 23.62 -3.41 -15.72
CA ALA B 280 25.04 -3.17 -15.92
C ALA B 280 25.82 -3.95 -14.88
N ASN B 281 26.84 -4.68 -15.36
CA ASN B 281 27.75 -5.39 -14.48
C ASN B 281 28.49 -4.41 -13.57
N LYS B 282 28.39 -4.59 -12.23
CA LYS B 282 29.10 -3.78 -11.24
C LYS B 282 29.48 -4.62 -10.00
N PRO B 283 30.29 -5.70 -10.15
CA PRO B 283 30.66 -6.52 -9.00
C PRO B 283 31.57 -5.74 -8.08
N GLY B 284 31.57 -6.15 -6.81
CA GLY B 284 32.44 -5.60 -5.79
C GLY B 284 31.90 -5.95 -4.41
N SER B 285 32.24 -5.07 -3.48
CA SER B 285 31.88 -5.27 -2.10
C SER B 285 30.49 -4.67 -1.89
N GLY B 286 29.72 -5.25 -0.94
CA GLY B 286 28.43 -4.73 -0.54
C GLY B 286 27.64 -5.69 0.36
N ASN B 287 26.43 -5.26 0.77
CA ASN B 287 25.56 -6.05 1.63
C ASN B 287 24.36 -6.55 0.81
N VAL B 288 24.35 -6.23 -0.48
CA VAL B 288 23.37 -6.76 -1.41
C VAL B 288 24.13 -7.10 -2.68
N HIS B 289 23.89 -8.31 -3.21
CA HIS B 289 24.41 -8.71 -4.50
C HIS B 289 23.27 -9.29 -5.31
N ILE B 290 23.06 -8.71 -6.48
CA ILE B 290 22.06 -9.17 -7.42
C ILE B 290 22.80 -9.89 -8.54
N VAL B 291 22.53 -11.19 -8.69
CA VAL B 291 23.09 -11.95 -9.77
C VAL B 291 21.99 -12.22 -10.78
N GLN B 292 22.19 -11.79 -12.03
CA GLN B 292 21.11 -11.84 -13.01
C GLN B 292 21.58 -12.63 -14.23
N LYS B 293 20.67 -13.41 -14.81
CA LYS B 293 20.89 -14.21 -16.01
C LYS B 293 19.66 -14.05 -16.87
N VAL B 294 19.85 -14.14 -18.19
CA VAL B 294 18.73 -14.19 -19.10
C VAL B 294 18.87 -15.51 -19.86
N PHE B 295 17.76 -16.24 -19.99
CA PHE B 295 17.81 -17.46 -20.76
C PHE B 295 16.74 -17.41 -21.83
N GLU B 296 17.04 -18.11 -22.93
CA GLU B 296 16.07 -18.37 -23.98
C GLU B 296 15.79 -19.88 -23.95
N GLY B 297 14.52 -20.27 -23.84
CA GLY B 297 14.12 -21.66 -23.60
C GLY B 297 14.53 -22.17 -22.22
N ASP B 298 14.81 -23.47 -22.13
CA ASP B 298 15.00 -24.18 -20.86
C ASP B 298 16.33 -23.76 -20.23
N PHE B 299 16.41 -23.89 -18.89
CA PHE B 299 17.65 -23.49 -18.23
C PHE B 299 17.81 -24.27 -16.94
N GLU B 300 19.05 -24.29 -16.47
CA GLU B 300 19.37 -24.68 -15.11
C GLU B 300 20.66 -23.98 -14.75
N PHE B 301 20.81 -23.70 -13.46
CA PHE B 301 22.07 -23.33 -12.87
C PHE B 301 22.06 -23.84 -11.43
N ASP B 302 23.23 -23.79 -10.78
CA ASP B 302 23.38 -24.20 -9.40
C ASP B 302 23.88 -23.05 -8.54
N ILE B 303 23.61 -23.20 -7.23
CA ILE B 303 24.14 -22.34 -6.19
C ILE B 303 24.90 -23.22 -5.20
N LEU B 304 26.18 -22.91 -4.98
CA LEU B 304 27.07 -23.74 -4.19
C LEU B 304 27.56 -22.89 -3.04
N PHE B 305 27.27 -23.31 -1.80
CA PHE B 305 27.69 -22.60 -0.61
C PHE B 305 28.67 -23.47 0.17
N SER B 306 29.93 -23.04 0.24
CA SER B 306 30.97 -23.82 0.90
C SER B 306 31.41 -23.10 2.18
N SER B 307 31.21 -23.78 3.30
CA SER B 307 31.71 -23.26 4.58
C SER B 307 33.21 -23.53 4.55
N GLU B 308 34.02 -22.55 4.91
CA GLU B 308 35.51 -22.71 4.91
C GLU B 308 35.93 -23.77 5.94
N SER B 309 35.19 -23.86 7.05
CA SER B 309 35.37 -24.79 8.19
C SER B 309 35.37 -26.23 7.70
N ALA B 310 34.53 -26.57 6.74
CA ALA B 310 34.40 -27.93 6.20
C ALA B 310 35.70 -28.41 5.56
N GLY B 311 36.62 -27.51 5.23
CA GLY B 311 37.92 -27.89 4.71
C GLY B 311 37.84 -28.39 3.27
N LYS B 312 36.71 -28.14 2.62
CA LYS B 312 36.37 -28.76 1.35
C LYS B 312 35.29 -27.91 0.70
N GLU B 313 35.41 -27.72 -0.61
CA GLU B 313 34.49 -26.91 -1.37
C GLU B 313 33.43 -27.81 -2.02
N VAL B 314 32.18 -27.33 -2.06
CA VAL B 314 31.06 -28.10 -2.59
C VAL B 314 31.06 -27.95 -4.10
N THR B 315 30.87 -29.07 -4.81
CA THR B 315 30.88 -29.06 -6.26
C THR B 315 29.48 -29.36 -6.76
N SER B 316 29.25 -29.04 -8.03
CA SER B 316 28.04 -29.50 -8.70
C SER B 316 27.89 -31.03 -8.64
N LYS B 317 28.99 -31.78 -8.82
CA LYS B 317 28.95 -33.23 -8.70
C LYS B 317 28.49 -33.61 -7.29
N ASP B 318 29.04 -32.93 -6.27
CA ASP B 318 28.62 -33.10 -4.89
C ASP B 318 27.11 -32.91 -4.73
N LEU B 319 26.58 -31.82 -5.29
CA LEU B 319 25.16 -31.50 -5.28
C LEU B 319 24.34 -32.68 -5.81
N GLU B 320 24.68 -33.15 -7.02
CA GLU B 320 23.84 -34.11 -7.73
C GLU B 320 23.77 -35.41 -6.93
N ARG B 321 24.93 -35.79 -6.39
CA ARG B 321 25.08 -37.01 -5.60
C ARG B 321 24.27 -36.92 -4.29
N GLU B 322 24.33 -35.78 -3.56
CA GLU B 322 23.67 -35.66 -2.26
C GLU B 322 22.15 -35.56 -2.44
N VAL B 323 21.71 -34.96 -3.54
CA VAL B 323 20.31 -34.93 -3.90
C VAL B 323 19.79 -36.37 -3.99
N LYS B 324 20.54 -37.25 -4.70
CA LYS B 324 20.12 -38.64 -4.91
C LYS B 324 20.11 -39.37 -3.56
N GLN B 325 21.11 -39.10 -2.72
CA GLN B 325 21.22 -39.74 -1.43
C GLN B 325 20.05 -39.32 -0.52
N ALA B 326 19.69 -38.03 -0.49
CA ALA B 326 18.59 -37.52 0.31
C ALA B 326 17.25 -38.12 -0.14
N THR B 327 17.01 -38.22 -1.45
CA THR B 327 15.76 -38.78 -1.93
C THR B 327 15.57 -40.22 -1.45
N GLU B 328 16.64 -41.03 -1.48
CA GLU B 328 16.54 -42.43 -1.08
C GLU B 328 16.24 -42.52 0.41
N VAL B 329 17.04 -41.81 1.24
CA VAL B 329 16.89 -41.81 2.70
C VAL B 329 15.48 -41.35 3.11
N PHE B 330 14.87 -40.46 2.31
CA PHE B 330 13.57 -39.89 2.62
C PHE B 330 12.49 -40.95 2.36
N GLY B 331 12.61 -41.66 1.24
CA GLY B 331 11.71 -42.73 0.86
C GLY B 331 11.65 -43.82 1.94
N GLU B 332 12.82 -44.24 2.41
CA GLU B 332 12.91 -45.28 3.42
C GLU B 332 12.29 -44.76 4.71
N ARG B 333 12.65 -43.53 5.09
CA ARG B 333 12.13 -42.96 6.32
C ARG B 333 10.60 -42.87 6.30
N PHE B 334 10.02 -42.45 5.16
CA PHE B 334 8.60 -42.26 5.09
C PHE B 334 7.88 -43.60 5.27
N ALA B 335 8.45 -44.65 4.67
CA ALA B 335 7.88 -46.00 4.75
C ALA B 335 7.85 -46.51 6.18
N ARG B 336 8.92 -46.26 6.95
CA ARG B 336 9.01 -46.64 8.36
C ARG B 336 8.10 -45.78 9.22
N VAL B 337 8.02 -44.46 8.97
CA VAL B 337 7.46 -43.53 9.94
C VAL B 337 5.96 -43.44 9.77
N PHE B 338 5.53 -43.31 8.50
CA PHE B 338 4.13 -43.28 8.15
C PHE B 338 3.80 -44.52 7.32
N ASP B 339 3.70 -45.69 7.97
CA ASP B 339 3.26 -46.92 7.30
C ASP B 339 1.74 -46.82 7.04
N LEU B 340 1.36 -46.53 5.80
CA LEU B 340 -0.07 -46.33 5.57
C LEU B 340 -0.81 -47.65 5.80
N LYS B 341 -1.99 -47.57 6.44
CA LYS B 341 -2.74 -48.78 6.75
C LYS B 341 -3.95 -48.88 5.81
N ALA B 342 -4.53 -50.09 5.75
CA ALA B 342 -5.69 -50.39 4.93
C ALA B 342 -6.82 -49.40 5.25
N PRO B 343 -7.55 -48.90 4.23
CA PRO B 343 -7.35 -49.30 2.84
C PRO B 343 -6.61 -48.22 2.03
N PHE B 344 -5.56 -47.65 2.63
CA PHE B 344 -4.84 -46.56 1.98
C PHE B 344 -3.40 -46.98 1.68
N GLN B 345 -3.18 -48.25 1.33
CA GLN B 345 -1.83 -48.78 1.18
C GLN B 345 -1.29 -48.62 -0.24
N GLY B 346 -2.14 -48.14 -1.17
CA GLY B 346 -1.75 -47.99 -2.56
C GLY B 346 -0.70 -46.89 -2.79
N ASP B 347 -0.05 -46.97 -3.94
CA ASP B 347 0.96 -45.98 -4.35
C ASP B 347 0.28 -44.61 -4.44
N ASN B 348 -0.98 -44.56 -4.83
CA ASN B 348 -1.66 -43.26 -4.97
C ASN B 348 -1.76 -42.55 -3.61
N TYR B 349 -2.09 -43.30 -2.56
CA TYR B 349 -2.23 -42.75 -1.18
C TYR B 349 -0.84 -42.39 -0.63
N LYS B 350 0.14 -43.22 -0.93
CA LYS B 350 1.54 -42.96 -0.63
C LYS B 350 1.97 -41.61 -1.23
N LYS B 351 1.65 -41.37 -2.52
CA LYS B 351 2.12 -40.18 -3.19
C LYS B 351 1.50 -38.97 -2.49
N PHE B 352 0.25 -39.15 -2.05
CA PHE B 352 -0.53 -38.10 -1.44
C PHE B 352 0.05 -37.78 -0.06
N GLY B 353 0.38 -38.83 0.69
CA GLY B 353 0.92 -38.63 2.02
C GLY B 353 2.27 -37.92 1.98
N LYS B 354 3.08 -38.29 0.97
CA LYS B 354 4.39 -37.69 0.81
C LYS B 354 4.23 -36.20 0.56
N SER B 355 3.21 -35.86 -0.23
CA SER B 355 3.01 -34.49 -0.63
C SER B 355 2.52 -33.68 0.58
N MET B 356 1.62 -34.29 1.36
CA MET B 356 0.96 -33.59 2.46
C MET B 356 1.99 -33.35 3.55
N PHE B 357 2.81 -34.38 3.78
CA PHE B 357 3.79 -34.31 4.84
C PHE B 357 4.93 -33.34 4.47
N SER B 358 5.41 -33.45 3.22
CA SER B 358 6.52 -32.65 2.72
C SER B 358 6.18 -31.16 2.72
N ASN B 359 4.94 -30.82 2.37
CA ASN B 359 4.55 -29.43 2.44
C ASN B 359 4.55 -28.94 3.90
N LEU B 360 4.10 -29.80 4.83
CA LEU B 360 3.97 -29.35 6.23
C LEU B 360 5.36 -29.11 6.80
N ILE B 361 6.25 -30.07 6.63
CA ILE B 361 7.57 -29.94 7.22
C ILE B 361 8.40 -28.94 6.40
N GLY B 362 8.05 -28.78 5.11
CA GLY B 362 8.81 -27.87 4.26
C GLY B 362 8.43 -26.40 4.51
N GLY B 363 7.32 -26.19 5.22
CA GLY B 363 6.90 -24.86 5.62
C GLY B 363 7.76 -24.27 6.75
N ILE B 364 8.69 -25.05 7.32
CA ILE B 364 9.40 -24.53 8.48
C ILE B 364 10.13 -23.22 8.14
N GLY B 365 9.91 -22.18 8.91
CA GLY B 365 10.63 -20.94 8.68
C GLY B 365 11.43 -20.52 9.90
N TYR B 366 12.50 -19.74 9.66
CA TYR B 366 13.08 -18.99 10.75
C TYR B 366 12.72 -17.51 10.64
N PHE B 367 12.16 -16.97 11.74
CA PHE B 367 11.69 -15.59 11.79
C PHE B 367 12.44 -14.83 12.87
N TYR B 368 12.72 -13.55 12.59
CA TYR B 368 13.43 -12.75 13.55
C TYR B 368 13.03 -11.28 13.42
N GLY B 369 12.81 -10.62 14.56
CA GLY B 369 12.63 -9.17 14.60
C GLY B 369 11.76 -8.77 15.80
N HIS B 370 11.16 -7.59 15.72
CA HIS B 370 10.35 -7.09 16.82
C HIS B 370 8.90 -7.52 16.60
N SER B 371 8.17 -7.62 17.71
CA SER B 371 6.75 -7.94 17.80
C SER B 371 5.99 -6.69 18.28
N LEU B 372 4.73 -6.52 17.89
CA LEU B 372 3.93 -5.38 18.31
C LEU B 372 2.98 -5.77 19.45
N VAL B 373 3.20 -5.17 20.61
CA VAL B 373 2.47 -5.60 21.79
C VAL B 373 1.95 -4.40 22.57
N ASP B 374 0.69 -4.48 22.99
CA ASP B 374 0.10 -3.53 23.93
C ASP B 374 0.45 -3.96 25.36
N ARG B 375 1.41 -3.28 25.99
CA ARG B 375 1.85 -3.59 27.34
C ARG B 375 1.24 -2.67 28.40
N SER B 376 0.06 -2.10 28.13
CA SER B 376 -0.54 -1.16 29.07
C SER B 376 -1.25 -1.87 30.23
N TYR B 377 -1.71 -3.11 29.97
CA TYR B 377 -2.51 -3.85 30.93
C TYR B 377 -3.61 -2.94 31.47
N ALA B 378 -4.29 -2.24 30.53
CA ALA B 378 -5.42 -1.37 30.83
C ALA B 378 -6.49 -2.09 31.66
N PRO B 379 -7.14 -1.39 32.65
CA PRO B 379 -8.22 -2.00 33.44
C PRO B 379 -9.36 -2.51 32.57
N GLU B 380 -9.53 -1.93 31.38
CA GLU B 380 -10.59 -2.39 30.49
C GLU B 380 -10.36 -3.84 30.07
N TYR B 381 -9.10 -4.26 29.99
CA TYR B 381 -8.74 -5.58 29.50
C TYR B 381 -9.16 -6.67 30.50
N ASP B 382 -9.49 -6.29 31.75
CA ASP B 382 -9.97 -7.18 32.80
C ASP B 382 -11.33 -7.76 32.38
N GLU B 383 -12.07 -7.07 31.52
CA GLU B 383 -13.37 -7.51 31.01
C GLU B 383 -14.34 -7.81 32.16
N GLU B 384 -14.41 -6.94 33.17
CA GLU B 384 -15.25 -7.15 34.34
C GLU B 384 -16.69 -6.68 34.11
N ASN B 385 -16.90 -5.73 33.20
CA ASN B 385 -18.21 -5.12 33.09
C ASN B 385 -18.96 -5.73 31.92
N GLU B 386 -20.30 -5.71 31.98
CA GLU B 386 -21.12 -5.90 30.79
C GLU B 386 -20.65 -4.94 29.70
N GLY B 387 -20.85 -5.32 28.44
CA GLY B 387 -20.39 -4.54 27.30
C GLY B 387 -18.88 -4.26 27.30
N PHE B 388 -18.08 -5.21 27.83
CA PHE B 388 -16.63 -5.11 27.94
C PHE B 388 -15.94 -4.93 26.58
N TRP B 389 -16.57 -5.41 25.49
CA TRP B 389 -15.91 -5.25 24.20
C TRP B 389 -15.79 -3.76 23.82
N GLU B 390 -16.74 -2.93 24.26
CA GLU B 390 -16.70 -1.48 24.05
C GLU B 390 -15.57 -0.87 24.87
N ASP B 391 -15.42 -1.31 26.12
CA ASP B 391 -14.32 -0.81 26.94
C ASP B 391 -12.99 -1.16 26.27
N ALA B 392 -12.93 -2.38 25.69
CA ALA B 392 -11.73 -2.92 25.08
C ALA B 392 -11.37 -2.04 23.89
N ALA B 393 -12.36 -1.73 23.05
CA ALA B 393 -12.18 -0.87 21.87
C ALA B 393 -11.64 0.50 22.30
N GLU B 394 -12.14 0.99 23.43
CA GLU B 394 -11.74 2.31 23.87
C GLU B 394 -10.30 2.32 24.37
N ALA B 395 -9.86 1.24 25.03
CA ALA B 395 -8.46 1.21 25.47
C ALA B 395 -7.51 1.01 24.28
N ARG B 396 -7.95 0.28 23.25
CA ARG B 396 -7.14 0.11 22.03
C ARG B 396 -6.96 1.47 21.35
N ALA B 397 -8.02 2.28 21.37
CA ALA B 397 -7.98 3.63 20.80
C ALA B 397 -6.89 4.49 21.46
N ARG B 398 -6.38 4.08 22.63
CA ARG B 398 -5.34 4.86 23.30
C ARG B 398 -3.95 4.56 22.73
N HIS B 399 -3.86 3.55 21.86
CA HIS B 399 -2.67 3.21 21.07
C HIS B 399 -1.39 3.18 21.90
N GLN B 400 -1.39 2.38 22.99
CA GLN B 400 -0.24 2.20 23.86
C GLN B 400 0.75 1.20 23.27
N GLU B 401 0.36 0.44 22.23
CA GLU B 401 1.23 -0.63 21.77
C GLU B 401 2.54 -0.08 21.24
N ALA B 402 3.62 -0.84 21.48
CA ALA B 402 4.98 -0.54 21.03
C ALA B 402 5.65 -1.81 20.49
N LEU B 403 6.65 -1.62 19.62
CA LEU B 403 7.44 -2.72 19.11
C LEU B 403 8.35 -3.19 20.23
N GLU B 404 8.47 -4.51 20.39
CA GLU B 404 9.35 -5.03 21.43
C GLU B 404 10.06 -6.26 20.88
N GLY B 405 11.14 -6.64 21.56
CA GLY B 405 12.03 -7.68 21.09
C GLY B 405 13.43 -7.10 20.93
N PRO B 406 14.27 -7.54 19.96
CA PRO B 406 13.82 -8.43 18.87
C PRO B 406 13.71 -9.89 19.32
N TYR B 407 12.85 -10.69 18.66
CA TYR B 407 12.62 -12.09 19.03
C TYR B 407 12.94 -13.01 17.85
N GLU B 408 13.16 -14.30 18.12
CA GLU B 408 13.27 -15.24 17.03
C GLU B 408 12.22 -16.34 17.17
N LEU B 409 11.87 -17.01 16.08
CA LEU B 409 10.98 -18.15 16.11
C LEU B 409 11.33 -19.09 14.95
N PHE B 410 11.60 -20.35 15.32
CA PHE B 410 11.74 -21.45 14.39
C PHE B 410 10.46 -22.30 14.45
N THR B 411 9.66 -22.34 13.37
CA THR B 411 8.33 -22.93 13.50
C THR B 411 7.82 -23.34 12.12
N SER B 412 6.92 -24.32 12.06
CA SER B 412 6.15 -24.53 10.85
C SER B 412 5.08 -23.44 10.84
N ILE B 413 4.32 -23.39 9.72
CA ILE B 413 3.37 -22.33 9.44
C ILE B 413 2.15 -22.96 8.78
N PRO B 414 0.98 -22.31 8.84
CA PRO B 414 -0.19 -22.81 8.09
C PRO B 414 -0.21 -22.59 6.59
N SER B 415 0.26 -21.43 6.09
CA SER B 415 0.01 -21.02 4.71
C SER B 415 1.16 -20.16 4.16
N ARG B 416 1.94 -20.72 3.21
CA ARG B 416 3.01 -19.95 2.58
C ARG B 416 2.44 -18.70 1.90
N PRO B 417 1.44 -18.78 1.00
CA PRO B 417 0.93 -17.59 0.34
C PRO B 417 0.14 -16.61 1.21
N PHE B 418 -0.65 -17.11 2.19
CA PHE B 418 -1.61 -16.22 2.82
C PHE B 418 -1.22 -15.83 4.26
N PHE B 419 -0.58 -16.72 5.01
CA PHE B 419 -0.26 -16.34 6.38
C PHE B 419 0.96 -17.13 6.84
N PRO B 420 2.16 -16.81 6.30
CA PRO B 420 3.37 -17.60 6.57
C PRO B 420 3.99 -17.15 7.90
N ARG B 421 3.32 -17.49 9.02
CA ARG B 421 3.87 -17.12 10.33
C ARG B 421 3.38 -18.08 11.42
N GLY B 422 3.93 -17.95 12.63
CA GLY B 422 3.57 -18.89 13.67
C GLY B 422 2.17 -18.57 14.21
N PHE B 423 1.32 -19.60 14.30
CA PHE B 423 0.09 -19.54 15.08
C PHE B 423 0.17 -20.55 16.22
N LEU B 424 -0.22 -20.13 17.44
CA LEU B 424 0.08 -20.88 18.66
C LEU B 424 -0.62 -22.26 18.66
N TRP B 425 -1.94 -22.33 18.45
CA TRP B 425 -2.61 -23.61 18.51
C TRP B 425 -2.41 -24.43 17.22
N ASP B 426 -2.18 -23.75 16.06
CA ASP B 426 -1.90 -24.47 14.83
C ASP B 426 -0.68 -25.37 15.04
N GLU B 427 0.32 -24.82 15.77
CA GLU B 427 1.62 -25.46 15.87
C GLU B 427 1.51 -26.82 16.60
N GLY B 428 0.63 -26.90 17.60
CA GLY B 428 0.43 -28.16 18.30
C GLY B 428 0.01 -29.26 17.34
N PHE B 429 -0.76 -28.89 16.30
CA PHE B 429 -1.23 -29.82 15.29
C PHE B 429 -0.12 -30.13 14.29
N HIS B 430 0.62 -29.08 13.87
CA HIS B 430 1.69 -29.18 12.89
C HIS B 430 2.70 -30.21 13.38
N LEU B 431 2.99 -30.14 14.69
CA LEU B 431 4.10 -30.89 15.24
C LEU B 431 3.76 -32.36 15.50
N LEU B 432 2.48 -32.74 15.50
CA LEU B 432 2.12 -34.14 15.66
C LEU B 432 2.79 -35.02 14.58
N PRO B 433 2.62 -34.80 13.25
CA PRO B 433 3.35 -35.59 12.25
C PRO B 433 4.85 -35.29 12.27
N ILE B 434 5.21 -34.01 12.42
CA ILE B 434 6.62 -33.66 12.48
C ILE B 434 7.32 -34.42 13.61
N ALA B 435 6.66 -34.59 14.78
CA ALA B 435 7.24 -35.27 15.94
C ALA B 435 7.52 -36.75 15.66
N ASP B 436 6.62 -37.41 14.91
CA ASP B 436 6.78 -38.78 14.40
C ASP B 436 8.04 -38.87 13.55
N TRP B 437 8.21 -37.91 12.63
CA TRP B 437 9.36 -37.91 11.75
C TRP B 437 10.66 -37.70 12.51
N ASP B 438 10.67 -36.75 13.46
CA ASP B 438 11.92 -36.21 13.98
C ASP B 438 11.64 -35.53 15.32
N ILE B 439 11.72 -36.30 16.42
CA ILE B 439 11.23 -35.85 17.71
C ILE B 439 12.07 -34.65 18.15
N ASP B 440 13.38 -34.73 17.87
CA ASP B 440 14.31 -33.68 18.28
C ASP B 440 14.02 -32.37 17.56
N LEU B 441 13.56 -32.49 16.29
CA LEU B 441 13.19 -31.30 15.54
C LEU B 441 12.00 -30.63 16.24
N ALA B 442 11.01 -31.45 16.58
CA ALA B 442 9.79 -30.97 17.19
C ALA B 442 10.07 -30.33 18.54
N LEU B 443 11.03 -30.89 19.30
CA LEU B 443 11.36 -30.39 20.64
C LEU B 443 11.97 -28.99 20.52
N GLU B 444 12.82 -28.84 19.50
CA GLU B 444 13.46 -27.60 19.08
C GLU B 444 12.43 -26.51 18.78
N ILE B 445 11.36 -26.85 18.09
CA ILE B 445 10.34 -25.87 17.72
C ILE B 445 9.53 -25.50 18.98
N ILE B 446 9.22 -26.47 19.82
CA ILE B 446 8.51 -26.20 21.05
C ILE B 446 9.38 -25.28 21.91
N LYS B 447 10.70 -25.54 21.91
CA LYS B 447 11.56 -24.74 22.76
C LYS B 447 11.61 -23.32 22.21
N SER B 448 11.61 -23.19 20.87
CA SER B 448 11.59 -21.87 20.26
C SER B 448 10.37 -21.08 20.77
N TRP B 449 9.20 -21.72 20.72
CA TRP B 449 7.97 -21.06 21.10
C TRP B 449 7.97 -20.68 22.58
N TYR B 450 8.33 -21.64 23.44
CA TYR B 450 8.28 -21.42 24.88
C TYR B 450 9.30 -20.36 25.30
N ASN B 451 10.36 -20.21 24.50
CA ASN B 451 11.29 -19.10 24.68
C ASN B 451 10.65 -17.73 24.44
N LEU B 452 9.46 -17.69 23.84
CA LEU B 452 8.81 -16.41 23.63
C LEU B 452 7.95 -16.05 24.83
N MET B 453 7.83 -16.95 25.81
CA MET B 453 6.92 -16.71 26.91
C MET B 453 7.43 -15.55 27.76
N ASP B 454 6.54 -14.60 28.09
CA ASP B 454 6.92 -13.54 29.00
C ASP B 454 6.87 -14.08 30.43
N GLU B 455 7.17 -13.18 31.37
CA GLU B 455 7.39 -13.53 32.76
C GLU B 455 6.08 -13.91 33.44
N ASP B 456 4.94 -13.54 32.84
CA ASP B 456 3.65 -13.88 33.41
C ASP B 456 3.19 -15.25 32.94
N GLY B 457 3.77 -15.74 31.83
CA GLY B 457 3.34 -16.98 31.21
C GLY B 457 2.52 -16.82 29.93
N TRP B 458 2.68 -15.67 29.24
CA TRP B 458 1.94 -15.36 28.02
C TRP B 458 2.85 -15.51 26.81
N ILE B 459 2.33 -16.21 25.80
CA ILE B 459 2.92 -16.28 24.48
C ILE B 459 1.86 -15.75 23.53
N ALA B 460 2.22 -14.74 22.70
CA ALA B 460 1.20 -14.22 21.80
C ALA B 460 0.79 -15.32 20.85
N ARG B 461 -0.51 -15.33 20.51
CA ARG B 461 -1.08 -16.42 19.76
C ARG B 461 -0.67 -16.34 18.29
N GLU B 462 -0.15 -15.17 17.87
CA GLU B 462 0.20 -14.97 16.48
C GLU B 462 1.53 -14.22 16.47
N GLN B 463 2.57 -14.83 15.87
CA GLN B 463 3.91 -14.32 15.98
C GLN B 463 4.28 -13.68 14.64
N ILE B 464 4.28 -12.34 14.61
CA ILE B 464 4.65 -11.55 13.43
C ILE B 464 5.96 -10.88 13.80
N LEU B 465 7.07 -11.52 13.47
CA LEU B 465 8.39 -11.07 13.90
C LEU B 465 9.13 -10.41 12.74
N GLY B 466 9.29 -9.07 12.81
CA GLY B 466 10.09 -8.31 11.86
C GLY B 466 9.26 -7.68 10.74
N ALA B 467 9.90 -6.75 10.02
CA ALA B 467 9.21 -5.91 9.05
C ALA B 467 8.77 -6.80 7.89
N GLU B 468 9.60 -7.77 7.51
CA GLU B 468 9.22 -8.68 6.43
C GLU B 468 7.90 -9.42 6.76
N ALA B 469 7.74 -9.88 8.00
CA ALA B 469 6.53 -10.61 8.40
C ALA B 469 5.32 -9.68 8.46
N ARG B 470 5.54 -8.45 8.95
CA ARG B 470 4.48 -7.43 9.05
C ARG B 470 3.92 -7.06 7.68
N SER B 471 4.75 -7.05 6.63
CA SER B 471 4.33 -6.61 5.30
C SER B 471 3.13 -7.42 4.79
N LYS B 472 2.86 -8.61 5.37
CA LYS B 472 1.74 -9.42 4.89
C LYS B 472 0.54 -9.29 5.83
N VAL B 473 0.63 -8.41 6.83
CA VAL B 473 -0.39 -8.34 7.87
C VAL B 473 -0.97 -6.92 7.97
N PRO B 474 -2.26 -6.70 7.62
CA PRO B 474 -2.92 -5.40 7.84
C PRO B 474 -2.72 -5.00 9.31
N LYS B 475 -2.58 -3.68 9.49
CA LYS B 475 -2.13 -3.07 10.73
C LYS B 475 -3.07 -3.46 11.88
N GLU B 476 -4.36 -3.47 11.57
CA GLU B 476 -5.43 -3.81 12.46
C GLU B 476 -5.19 -5.15 13.16
N PHE B 477 -4.35 -6.02 12.57
CA PHE B 477 -4.17 -7.35 13.13
C PHE B 477 -2.77 -7.52 13.72
N GLN B 478 -1.94 -6.46 13.74
CA GLN B 478 -0.55 -6.68 14.15
C GLN B 478 -0.43 -6.77 15.67
N THR B 479 -1.21 -5.97 16.42
CA THR B 479 -0.94 -5.78 17.84
C THR B 479 -1.33 -7.05 18.61
N GLN B 480 -0.48 -7.52 19.52
CA GLN B 480 -0.81 -8.69 20.33
C GLN B 480 -1.17 -8.22 21.75
N TYR B 481 -2.09 -8.94 22.41
CA TYR B 481 -2.63 -8.53 23.72
C TYR B 481 -2.27 -9.61 24.74
N PRO B 482 -1.52 -9.23 25.80
CA PRO B 482 -1.10 -10.16 26.84
C PRO B 482 -2.22 -10.84 27.61
N HIS B 483 -3.50 -10.53 27.30
CA HIS B 483 -4.60 -11.23 27.95
C HIS B 483 -5.31 -12.18 26.99
N TYR B 484 -4.73 -12.32 25.78
CA TYR B 484 -5.34 -13.12 24.72
C TYR B 484 -4.66 -14.48 24.67
N ALA B 485 -5.44 -15.54 24.92
CA ALA B 485 -4.93 -16.90 24.97
C ALA B 485 -5.19 -17.53 23.61
N ASN B 486 -4.72 -18.78 23.46
CA ASN B 486 -5.01 -19.62 22.31
C ASN B 486 -4.97 -21.06 22.82
N PRO B 487 -5.63 -22.08 22.22
CA PRO B 487 -5.51 -23.44 22.73
C PRO B 487 -4.09 -23.95 22.92
N PRO B 488 -3.78 -24.50 24.10
CA PRO B 488 -2.42 -24.99 24.35
C PRO B 488 -2.22 -26.38 23.73
N THR B 489 -2.39 -26.46 22.42
CA THR B 489 -2.26 -27.74 21.72
C THR B 489 -0.82 -28.25 21.79
N LEU B 490 0.14 -27.37 22.08
CA LEU B 490 1.51 -27.87 22.13
C LEU B 490 1.66 -28.94 23.22
N PHE B 491 0.79 -28.95 24.24
CA PHE B 491 0.83 -29.99 25.27
C PHE B 491 0.58 -31.39 24.66
N LEU B 492 -0.24 -31.46 23.61
CA LEU B 492 -0.55 -32.73 22.95
C LEU B 492 0.75 -33.33 22.40
N VAL B 493 1.64 -32.48 21.86
CA VAL B 493 2.89 -32.99 21.32
C VAL B 493 3.72 -33.50 22.49
N LEU B 494 3.70 -32.74 23.60
CA LEU B 494 4.48 -33.17 24.73
C LEU B 494 3.99 -34.53 25.22
N ASP B 495 2.66 -34.77 25.19
CA ASP B 495 2.07 -36.02 25.66
C ASP B 495 2.67 -37.16 24.85
N ASN B 496 2.72 -37.00 23.52
CA ASN B 496 3.31 -38.01 22.64
C ASN B 496 4.79 -38.20 22.95
N PHE B 497 5.50 -37.11 23.24
CA PHE B 497 6.90 -37.20 23.63
C PHE B 497 7.07 -38.00 24.93
N VAL B 498 6.23 -37.71 25.94
CA VAL B 498 6.36 -38.34 27.25
C VAL B 498 6.16 -39.86 27.14
N GLU B 499 5.12 -40.25 26.39
CA GLU B 499 4.77 -41.64 26.15
C GLU B 499 5.98 -42.34 25.54
N ARG B 500 6.61 -41.68 24.56
CA ARG B 500 7.78 -42.21 23.89
C ARG B 500 8.96 -42.36 24.84
N LEU B 501 9.06 -41.44 25.79
CA LEU B 501 10.19 -41.40 26.70
C LEU B 501 10.07 -42.53 27.71
N ARG B 502 8.82 -42.95 27.98
CA ARG B 502 8.51 -44.04 28.90
C ARG B 502 8.88 -45.40 28.28
N LYS B 503 8.56 -45.60 27.00
CA LYS B 503 8.85 -46.85 26.29
C LYS B 503 10.36 -47.21 26.32
N THR B 520 21.28 -41.40 14.90
CA THR B 520 20.69 -40.22 14.22
C THR B 520 20.30 -39.14 15.24
N LEU B 521 20.56 -37.88 14.90
CA LEU B 521 20.27 -36.75 15.76
C LEU B 521 18.76 -36.58 16.00
N SER B 522 17.97 -37.17 15.11
CA SER B 522 16.53 -37.10 15.09
C SER B 522 15.93 -37.66 16.38
N THR B 523 16.62 -38.60 17.04
CA THR B 523 15.99 -39.27 18.15
C THR B 523 16.90 -39.25 19.37
N ALA B 524 17.91 -38.37 19.36
CA ALA B 524 18.93 -38.44 20.41
C ALA B 524 18.27 -38.29 21.77
N SER B 525 17.13 -37.59 21.80
CA SER B 525 16.52 -37.22 23.06
C SER B 525 15.68 -38.36 23.61
N VAL B 526 15.46 -39.37 22.76
CA VAL B 526 14.71 -40.57 23.13
C VAL B 526 15.71 -41.71 23.33
N ASP B 527 16.74 -41.76 22.48
CA ASP B 527 17.69 -42.87 22.53
C ASP B 527 18.48 -42.84 23.83
N ASN B 528 18.74 -41.65 24.37
CA ASN B 528 19.19 -41.56 25.75
C ASN B 528 18.13 -40.80 26.52
N PRO B 529 17.26 -41.50 27.27
CA PRO B 529 16.06 -40.88 27.85
C PRO B 529 16.41 -39.83 28.90
N GLU B 530 17.63 -39.94 29.44
CA GLU B 530 18.21 -38.93 30.32
C GLU B 530 18.24 -37.57 29.62
N VAL B 531 18.50 -37.57 28.32
CA VAL B 531 18.55 -36.32 27.56
C VAL B 531 17.16 -35.69 27.52
N GLY B 532 16.13 -36.49 27.19
CA GLY B 532 14.78 -35.97 27.10
C GLY B 532 14.25 -35.58 28.47
N LEU B 533 14.62 -36.36 29.49
CA LEU B 533 14.19 -36.03 30.84
C LEU B 533 14.66 -34.63 31.23
N GLU B 534 15.93 -34.32 30.95
CA GLU B 534 16.47 -33.02 31.31
C GLU B 534 15.80 -31.92 30.50
N TYR B 535 15.58 -32.16 29.21
CA TYR B 535 14.78 -31.24 28.41
C TYR B 535 13.46 -30.92 29.13
N LEU B 536 12.75 -31.97 29.58
CA LEU B 536 11.46 -31.72 30.21
C LEU B 536 11.67 -30.95 31.51
N ARG B 537 12.69 -31.35 32.26
CA ARG B 537 13.01 -30.68 33.50
C ARG B 537 13.14 -29.18 33.25
N ARG B 538 13.81 -28.83 32.14
CA ARG B 538 14.06 -27.43 31.81
C ARG B 538 12.80 -26.74 31.29
N LEU B 539 11.86 -27.47 30.65
CA LEU B 539 10.68 -26.81 30.09
C LEU B 539 9.51 -26.79 31.10
N TYR B 540 9.54 -27.71 32.07
CA TYR B 540 8.45 -27.88 33.03
C TYR B 540 8.06 -26.55 33.69
N PRO B 541 8.98 -25.71 34.23
CA PRO B 541 8.56 -24.48 34.91
C PRO B 541 7.81 -23.53 33.97
N LEU B 542 8.09 -23.59 32.66
CA LEU B 542 7.41 -22.70 31.73
C LEU B 542 6.00 -23.24 31.49
N LEU B 543 5.87 -24.57 31.39
CA LEU B 543 4.56 -25.19 31.29
C LEU B 543 3.71 -24.84 32.51
N ARG B 544 4.28 -24.98 33.70
CA ARG B 544 3.58 -24.64 34.95
C ARG B 544 3.21 -23.16 34.95
N ARG B 545 4.11 -22.29 34.44
CA ARG B 545 3.82 -20.87 34.43
C ARG B 545 2.64 -20.61 33.50
N GLN B 546 2.64 -21.27 32.34
CA GLN B 546 1.58 -21.03 31.37
C GLN B 546 0.26 -21.49 31.96
N PHE B 547 0.29 -22.61 32.68
CA PHE B 547 -0.89 -23.16 33.30
C PHE B 547 -1.42 -22.18 34.36
N ASP B 548 -0.51 -21.68 35.20
CA ASP B 548 -0.87 -20.66 36.20
C ASP B 548 -1.52 -19.46 35.50
N TRP B 549 -0.87 -19.01 34.42
CA TRP B 549 -1.33 -17.88 33.62
C TRP B 549 -2.76 -18.13 33.12
N PHE B 550 -3.03 -19.32 32.58
CA PHE B 550 -4.40 -19.60 32.15
C PHE B 550 -5.39 -19.44 33.30
N ARG B 551 -5.06 -20.02 34.46
CA ARG B 551 -5.99 -20.06 35.59
C ARG B 551 -6.21 -18.65 36.17
N LYS B 552 -5.19 -17.79 36.15
CA LYS B 552 -5.33 -16.41 36.59
C LYS B 552 -6.06 -15.53 35.57
N THR B 553 -5.63 -15.51 34.30
CA THR B 553 -6.11 -14.51 33.34
C THR B 553 -7.40 -14.94 32.61
N GLN B 554 -7.70 -16.26 32.55
CA GLN B 554 -8.92 -16.66 31.84
C GLN B 554 -9.95 -17.23 32.84
N ALA B 555 -9.79 -16.91 34.13
CA ALA B 555 -10.77 -17.29 35.16
C ALA B 555 -12.17 -16.90 34.74
N GLY B 556 -13.11 -17.84 34.90
CA GLY B 556 -14.54 -17.57 34.86
C GLY B 556 -15.03 -17.17 36.25
N ASP B 557 -16.30 -16.79 36.36
CA ASP B 557 -16.86 -16.29 37.61
C ASP B 557 -17.97 -17.24 38.08
N ILE B 558 -17.73 -17.91 39.21
CA ILE B 558 -18.73 -18.77 39.84
C ILE B 558 -19.37 -18.02 41.03
N LYS B 559 -18.53 -17.54 41.95
CA LYS B 559 -18.85 -16.90 43.22
C LYS B 559 -19.93 -15.84 43.08
N SER B 560 -19.73 -14.90 42.15
CA SER B 560 -20.46 -13.65 42.21
C SER B 560 -21.87 -13.77 41.62
N TYR B 561 -22.24 -14.98 41.18
CA TYR B 561 -23.59 -15.20 40.63
C TYR B 561 -24.32 -16.33 41.37
N ASP B 562 -25.53 -16.61 40.88
CA ASP B 562 -26.38 -17.66 41.41
C ASP B 562 -25.95 -19.00 40.80
N ARG B 563 -24.81 -19.54 41.29
CA ARG B 563 -24.13 -20.61 40.57
C ARG B 563 -23.71 -21.69 41.56
N GLU B 564 -24.28 -22.89 41.42
CA GLU B 564 -23.84 -23.98 42.28
C GLU B 564 -23.00 -24.94 41.45
N ALA B 565 -21.89 -25.41 42.06
CA ALA B 565 -21.02 -26.38 41.42
C ALA B 565 -20.13 -27.03 42.47
N TYR B 566 -19.70 -28.27 42.16
CA TYR B 566 -18.79 -29.06 42.96
C TYR B 566 -17.60 -28.22 43.44
N SER B 567 -17.01 -27.43 42.53
CA SER B 567 -15.89 -26.56 42.89
C SER B 567 -16.29 -25.12 42.63
N THR B 568 -15.81 -24.23 43.50
CA THR B 568 -16.07 -22.81 43.34
C THR B 568 -14.95 -22.18 42.51
N LYS B 569 -13.90 -22.98 42.21
CA LYS B 569 -12.69 -22.48 41.59
C LYS B 569 -12.65 -22.76 40.08
N GLU B 570 -13.06 -23.95 39.62
CA GLU B 570 -12.75 -24.38 38.27
C GLU B 570 -13.81 -23.86 37.32
N ALA B 571 -13.51 -22.75 36.63
CA ALA B 571 -14.45 -22.11 35.73
C ALA B 571 -13.67 -21.13 34.87
N TYR B 572 -14.03 -21.01 33.57
CA TYR B 572 -13.13 -20.40 32.60
C TYR B 572 -13.91 -19.68 31.50
N ARG B 573 -13.37 -18.51 31.13
CA ARG B 573 -13.95 -17.64 30.13
C ARG B 573 -12.84 -17.06 29.24
N TRP B 574 -12.92 -17.30 27.92
CA TRP B 574 -11.90 -16.76 27.00
C TRP B 574 -12.00 -15.23 26.99
N ARG B 575 -10.92 -14.55 27.40
CA ARG B 575 -10.81 -13.11 27.13
C ARG B 575 -10.85 -12.82 25.62
N GLY B 576 -11.29 -11.61 25.24
CA GLY B 576 -11.08 -11.06 23.91
C GLY B 576 -12.24 -11.38 22.96
N ARG B 577 -13.41 -11.67 23.50
CA ARG B 577 -14.50 -11.84 22.58
C ARG B 577 -15.12 -10.49 22.18
N THR B 578 -15.78 -10.51 21.01
CA THR B 578 -16.55 -9.41 20.48
C THR B 578 -17.92 -9.99 20.16
N VAL B 579 -18.83 -9.13 19.68
CA VAL B 579 -20.23 -9.50 19.52
C VAL B 579 -20.39 -10.77 18.68
N SER B 580 -19.55 -10.96 17.65
CA SER B 580 -19.85 -12.07 16.73
C SER B 580 -18.71 -13.11 16.62
N HIS B 581 -17.71 -13.01 17.50
CA HIS B 581 -16.50 -13.78 17.32
C HIS B 581 -15.90 -14.14 18.68
N CYS B 582 -15.15 -15.24 18.70
CA CYS B 582 -14.23 -15.54 19.77
C CYS B 582 -12.93 -16.04 19.15
N LEU B 583 -12.06 -15.09 18.75
CA LEU B 583 -10.85 -15.37 17.96
C LEU B 583 -9.84 -16.16 18.80
N THR B 584 -9.74 -15.84 20.09
CA THR B 584 -8.74 -16.46 20.94
C THR B 584 -8.97 -17.97 21.04
N SER B 585 -10.25 -18.39 20.90
CA SER B 585 -10.55 -19.81 21.05
C SER B 585 -10.06 -20.58 19.83
N GLY B 586 -9.79 -19.87 18.73
CA GLY B 586 -9.39 -20.47 17.47
C GLY B 586 -10.58 -20.90 16.60
N LEU B 587 -11.80 -21.01 17.17
CA LEU B 587 -12.94 -21.28 16.32
C LEU B 587 -13.68 -19.95 16.09
N ASP B 588 -13.13 -19.10 15.19
CA ASP B 588 -13.40 -17.67 15.08
C ASP B 588 -14.85 -17.25 15.30
N ASP B 589 -15.79 -17.82 14.52
CA ASP B 589 -17.18 -17.37 14.50
C ASP B 589 -18.15 -18.45 14.98
N TYR B 590 -17.66 -19.48 15.68
CA TYR B 590 -18.57 -20.46 16.25
C TYR B 590 -19.52 -19.73 17.19
N PRO B 591 -20.85 -20.02 17.13
CA PRO B 591 -21.82 -19.25 17.92
C PRO B 591 -21.56 -19.45 19.41
N ARG B 592 -21.47 -18.32 20.12
CA ARG B 592 -21.28 -18.26 21.56
C ARG B 592 -22.49 -17.56 22.18
N PRO B 593 -22.59 -17.44 23.52
CA PRO B 593 -23.73 -16.74 24.14
C PRO B 593 -23.86 -15.29 23.67
N GLN B 594 -25.11 -14.85 23.52
CA GLN B 594 -25.48 -13.52 23.03
C GLN B 594 -26.22 -12.73 24.11
N PRO B 595 -25.72 -11.56 24.55
CA PRO B 595 -24.45 -11.02 24.05
C PRO B 595 -23.26 -11.64 24.78
N PRO B 596 -22.02 -11.23 24.46
CA PRO B 596 -20.90 -11.59 25.33
C PRO B 596 -21.18 -10.97 26.70
N HIS B 597 -20.58 -11.52 27.75
CA HIS B 597 -20.94 -11.23 29.12
C HIS B 597 -19.79 -11.73 30.00
N PRO B 598 -19.42 -10.96 31.04
CA PRO B 598 -18.39 -11.38 31.99
C PRO B 598 -18.74 -12.65 32.76
N GLY B 599 -20.00 -13.11 32.59
CA GLY B 599 -20.47 -14.28 33.28
C GLY B 599 -20.54 -15.50 32.36
N GLU B 600 -20.00 -15.39 31.13
CA GLU B 600 -19.90 -16.52 30.20
C GLU B 600 -18.94 -17.55 30.76
N LEU B 601 -19.20 -18.82 30.43
CA LEU B 601 -18.20 -19.84 30.68
C LEU B 601 -18.03 -20.64 29.39
N HIS B 602 -16.78 -20.92 29.00
CA HIS B 602 -16.64 -21.63 27.72
C HIS B 602 -16.18 -23.07 27.94
N VAL B 603 -16.89 -24.04 27.36
CA VAL B 603 -16.61 -25.42 27.72
C VAL B 603 -15.31 -25.93 27.08
N ASP B 604 -14.99 -25.38 25.89
CA ASP B 604 -13.75 -25.70 25.21
C ASP B 604 -12.56 -25.30 26.08
N LEU B 605 -12.62 -24.08 26.63
CA LEU B 605 -11.49 -23.55 27.36
C LEU B 605 -11.25 -24.40 28.60
N MET B 606 -12.34 -24.79 29.28
CA MET B 606 -12.19 -25.62 30.47
C MET B 606 -11.55 -26.94 30.05
N SER B 607 -12.02 -27.55 28.94
CA SER B 607 -11.40 -28.78 28.46
C SER B 607 -9.89 -28.63 28.24
N TRP B 608 -9.46 -27.50 27.63
CA TRP B 608 -8.03 -27.28 27.41
C TRP B 608 -7.28 -27.21 28.72
N VAL B 609 -7.91 -26.64 29.75
CA VAL B 609 -7.25 -26.66 31.06
C VAL B 609 -7.15 -28.09 31.56
N GLY B 610 -8.20 -28.91 31.33
CA GLY B 610 -8.09 -30.35 31.57
C GLY B 610 -6.86 -30.97 30.89
N VAL B 611 -6.66 -30.70 29.58
CA VAL B 611 -5.52 -31.23 28.82
C VAL B 611 -4.21 -30.90 29.55
N MET B 612 -4.09 -29.63 29.94
CA MET B 612 -2.87 -29.13 30.51
C MET B 612 -2.61 -29.83 31.84
N VAL B 613 -3.64 -29.92 32.69
CA VAL B 613 -3.41 -30.50 34.00
C VAL B 613 -3.03 -31.98 33.83
N LYS B 614 -3.66 -32.69 32.88
CA LYS B 614 -3.23 -34.06 32.63
C LYS B 614 -1.77 -34.15 32.19
N SER B 615 -1.34 -33.28 31.25
CA SER B 615 0.06 -33.29 30.82
C SER B 615 0.98 -33.04 32.00
N LEU B 616 0.62 -32.10 32.88
CA LEU B 616 1.49 -31.73 33.98
C LEU B 616 1.54 -32.84 35.03
N ILE B 617 0.43 -33.56 35.23
CA ILE B 617 0.46 -34.75 36.10
C ILE B 617 1.56 -35.71 35.64
N SER B 618 1.52 -36.09 34.36
CA SER B 618 2.48 -37.08 33.87
C SER B 618 3.90 -36.49 33.80
N ILE B 619 4.04 -35.22 33.40
CA ILE B 619 5.38 -34.66 33.33
C ILE B 619 5.92 -34.52 34.76
N GLY B 620 5.09 -33.96 35.66
CA GLY B 620 5.56 -33.66 36.99
C GLY B 620 5.92 -34.97 37.70
N SER B 621 5.16 -36.01 37.38
CA SER B 621 5.37 -37.29 38.01
C SER B 621 6.66 -37.91 37.50
N LEU B 622 6.96 -37.71 36.20
CA LEU B 622 8.21 -38.15 35.62
C LEU B 622 9.39 -37.44 36.29
N LEU B 623 9.23 -36.18 36.69
CA LEU B 623 10.35 -35.41 37.25
C LEU B 623 10.37 -35.47 38.78
N GLY B 624 9.37 -36.12 39.39
CA GLY B 624 9.33 -36.31 40.83
C GLY B 624 8.83 -35.09 41.59
N ALA B 625 8.05 -34.22 40.91
CA ALA B 625 7.51 -33.04 41.57
C ALA B 625 6.24 -33.41 42.35
N THR B 626 6.46 -34.17 43.42
CA THR B 626 5.44 -34.75 44.29
C THR B 626 4.47 -33.68 44.76
N GLU B 627 5.06 -32.56 45.19
CA GLU B 627 4.30 -31.44 45.71
C GLU B 627 3.30 -30.94 44.66
N ASP B 628 3.72 -30.79 43.40
CA ASP B 628 2.81 -30.31 42.36
C ASP B 628 1.75 -31.35 41.98
N VAL B 629 2.11 -32.64 41.96
CA VAL B 629 1.18 -33.69 41.53
C VAL B 629 -0.10 -33.61 42.36
N GLU B 630 0.04 -33.41 43.69
CA GLU B 630 -1.10 -33.35 44.59
C GLU B 630 -2.06 -32.26 44.12
N PHE B 631 -1.51 -31.08 43.79
CA PHE B 631 -2.30 -29.93 43.37
C PHE B 631 -3.00 -30.20 42.02
N TYR B 632 -2.25 -30.74 41.05
CA TYR B 632 -2.79 -31.06 39.73
C TYR B 632 -3.98 -32.02 39.85
N THR B 633 -3.78 -33.03 40.70
CA THR B 633 -4.76 -34.08 40.99
C THR B 633 -6.09 -33.48 41.43
N LYS B 634 -6.03 -32.50 42.35
CA LYS B 634 -7.20 -31.76 42.82
C LYS B 634 -7.85 -30.95 41.72
N VAL B 635 -7.04 -30.28 40.86
CA VAL B 635 -7.65 -29.47 39.81
C VAL B 635 -8.41 -30.40 38.85
N LEU B 636 -7.80 -31.54 38.51
CA LEU B 636 -8.37 -32.40 37.48
C LEU B 636 -9.70 -32.94 38.00
N ASP B 637 -9.72 -33.36 39.26
CA ASP B 637 -10.96 -33.83 39.88
C ASP B 637 -12.05 -32.75 39.83
N ALA B 638 -11.70 -31.47 40.08
CA ALA B 638 -12.66 -30.38 40.10
C ALA B 638 -13.15 -30.06 38.69
N ILE B 639 -12.26 -30.20 37.72
CA ILE B 639 -12.69 -29.92 36.36
C ILE B 639 -13.70 -30.98 35.92
N GLU B 640 -13.38 -32.25 36.18
CA GLU B 640 -14.25 -33.36 35.76
C GLU B 640 -15.67 -33.17 36.31
N HIS B 641 -15.79 -32.71 37.56
CA HIS B 641 -17.09 -32.44 38.14
C HIS B 641 -17.71 -31.18 37.53
N ASN B 642 -16.90 -30.11 37.43
CA ASN B 642 -17.43 -28.82 37.01
C ASN B 642 -17.85 -28.85 35.55
N LEU B 643 -17.14 -29.60 34.71
CA LEU B 643 -17.61 -29.90 33.36
C LEU B 643 -19.10 -30.29 33.42
N ASP B 644 -19.46 -31.19 34.35
CA ASP B 644 -20.83 -31.67 34.43
C ASP B 644 -21.75 -30.60 35.04
N ASP B 645 -21.33 -30.04 36.18
CA ASP B 645 -22.14 -29.07 36.89
C ASP B 645 -22.44 -27.86 36.01
N LEU B 646 -21.43 -27.31 35.30
CA LEU B 646 -21.61 -26.03 34.61
C LEU B 646 -21.97 -26.15 33.13
N HIS B 647 -21.62 -27.27 32.47
CA HIS B 647 -21.67 -27.30 31.01
C HIS B 647 -22.47 -28.45 30.44
N TRP B 648 -22.83 -29.48 31.24
CA TRP B 648 -23.59 -30.59 30.68
C TRP B 648 -25.08 -30.24 30.55
N SER B 649 -25.67 -30.48 29.37
CA SER B 649 -27.10 -30.28 29.18
C SER B 649 -27.76 -31.66 29.02
N GLU B 650 -28.54 -32.10 30.02
CA GLU B 650 -29.27 -33.35 29.91
C GLU B 650 -30.32 -33.28 28.80
N LYS B 651 -30.99 -32.13 28.69
CA LYS B 651 -31.97 -31.91 27.63
C LYS B 651 -31.36 -32.15 26.25
N GLU B 652 -30.17 -31.61 25.96
CA GLU B 652 -29.67 -31.61 24.60
C GLU B 652 -28.77 -32.82 24.32
N GLY B 653 -28.32 -33.49 25.38
CA GLY B 653 -27.43 -34.64 25.24
C GLY B 653 -26.01 -34.24 24.81
N CYS B 654 -25.48 -33.13 25.37
CA CYS B 654 -24.18 -32.63 24.95
C CYS B 654 -23.72 -31.54 25.91
N TYR B 655 -22.44 -31.14 25.78
CA TYR B 655 -21.91 -29.99 26.49
C TYR B 655 -22.32 -28.70 25.79
N CYS B 656 -22.46 -27.62 26.59
CA CYS B 656 -22.78 -26.29 26.12
C CYS B 656 -21.95 -25.25 26.87
N ASP B 657 -21.68 -24.11 26.22
CA ASP B 657 -21.17 -22.91 26.88
C ASP B 657 -22.27 -22.41 27.83
N ALA B 658 -21.89 -21.58 28.81
CA ALA B 658 -22.87 -21.04 29.75
C ALA B 658 -22.76 -19.51 29.81
N THR B 659 -23.83 -18.86 30.28
CA THR B 659 -23.84 -17.42 30.44
C THR B 659 -24.69 -17.06 31.65
N ILE B 660 -24.74 -15.76 31.97
CA ILE B 660 -25.76 -15.16 32.81
C ILE B 660 -26.76 -14.45 31.90
N ASP B 661 -28.06 -14.72 32.08
CA ASP B 661 -29.05 -14.21 31.14
C ASP B 661 -29.64 -12.89 31.66
N GLU B 662 -30.63 -12.38 30.90
CA GLU B 662 -31.25 -11.07 31.10
C GLU B 662 -31.90 -10.97 32.48
N PHE B 663 -32.30 -12.13 33.04
CA PHE B 663 -32.91 -12.21 34.35
C PHE B 663 -31.86 -12.56 35.41
N GLU B 664 -30.58 -12.50 35.07
CA GLU B 664 -29.47 -12.77 35.99
C GLU B 664 -29.31 -14.26 36.34
N GLU B 665 -29.78 -15.17 35.46
CA GLU B 665 -29.75 -16.60 35.73
C GLU B 665 -28.61 -17.34 34.98
N HIS B 666 -27.99 -18.33 35.66
CA HIS B 666 -27.07 -19.27 35.03
C HIS B 666 -27.82 -19.99 33.92
N LYS B 667 -27.28 -19.89 32.71
CA LYS B 667 -28.00 -20.45 31.58
C LYS B 667 -27.00 -21.10 30.63
N LEU B 668 -27.33 -22.33 30.22
CA LEU B 668 -26.59 -23.03 29.19
C LEU B 668 -27.08 -22.50 27.86
N VAL B 669 -26.14 -22.38 26.91
CA VAL B 669 -26.44 -21.95 25.55
C VAL B 669 -25.83 -22.97 24.61
N CYS B 670 -26.69 -23.83 24.04
CA CYS B 670 -26.26 -25.01 23.31
C CYS B 670 -26.34 -24.75 21.82
N HIS B 671 -25.23 -24.93 21.15
CA HIS B 671 -25.20 -24.88 19.71
C HIS B 671 -24.48 -26.15 19.28
N LYS B 672 -25.24 -27.09 18.73
CA LYS B 672 -24.65 -28.42 18.54
C LYS B 672 -23.60 -28.34 17.44
N GLY B 673 -22.38 -28.74 17.80
CA GLY B 673 -21.25 -28.81 16.88
C GLY B 673 -19.96 -29.08 17.65
N TYR B 674 -18.84 -28.53 17.17
CA TYR B 674 -17.55 -28.96 17.68
C TYR B 674 -17.46 -28.65 19.17
N ILE B 675 -17.88 -27.42 19.56
CA ILE B 675 -17.75 -27.01 20.94
C ILE B 675 -18.45 -28.00 21.85
N SER B 676 -19.58 -28.55 21.37
CA SER B 676 -20.46 -29.43 22.13
C SER B 676 -19.74 -30.75 22.47
N LEU B 677 -18.66 -31.05 21.72
CA LEU B 677 -17.97 -32.32 21.84
C LEU B 677 -16.70 -32.20 22.65
N PHE B 678 -16.40 -30.98 23.12
CA PHE B 678 -15.06 -30.66 23.57
C PHE B 678 -14.45 -31.63 24.58
N PRO B 679 -15.13 -31.92 25.72
CA PRO B 679 -14.58 -32.87 26.68
C PRO B 679 -14.22 -34.24 26.10
N PHE B 680 -14.96 -34.66 25.06
CA PHE B 680 -14.62 -35.86 24.32
C PHE B 680 -13.34 -35.67 23.50
N LEU B 681 -13.32 -34.66 22.63
CA LEU B 681 -12.23 -34.35 21.72
C LEU B 681 -10.90 -34.27 22.48
N THR B 682 -10.92 -33.80 23.73
CA THR B 682 -9.70 -33.55 24.49
C THR B 682 -9.35 -34.75 25.36
N GLY B 683 -10.20 -35.77 25.34
CA GLY B 683 -9.86 -37.03 25.99
C GLY B 683 -10.12 -37.00 27.49
N LEU B 684 -11.14 -36.25 27.93
CA LEU B 684 -11.39 -36.12 29.35
C LEU B 684 -12.45 -37.11 29.85
N LEU B 685 -13.11 -37.83 28.93
CA LEU B 685 -14.18 -38.73 29.34
C LEU B 685 -13.65 -40.16 29.47
N LYS B 686 -14.08 -40.84 30.55
CA LYS B 686 -13.76 -42.24 30.77
C LYS B 686 -14.57 -43.05 29.76
N PRO B 687 -14.10 -44.24 29.31
CA PRO B 687 -14.84 -45.04 28.34
C PRO B 687 -16.21 -45.56 28.75
N ASP B 688 -16.50 -45.60 30.05
CA ASP B 688 -17.83 -45.99 30.49
C ASP B 688 -18.68 -44.77 30.83
N SER B 689 -18.36 -43.61 30.23
CA SER B 689 -19.13 -42.42 30.58
C SER B 689 -20.46 -42.45 29.83
N PRO B 690 -21.59 -42.26 30.54
CA PRO B 690 -22.89 -42.21 29.89
C PRO B 690 -22.99 -40.96 29.03
N LYS B 691 -22.21 -39.95 29.36
CA LYS B 691 -22.17 -38.76 28.52
C LYS B 691 -21.48 -39.10 27.22
N LEU B 692 -20.47 -39.98 27.31
CA LEU B 692 -19.72 -40.36 26.13
C LEU B 692 -20.64 -41.00 25.10
N GLY B 693 -21.56 -41.86 25.56
CA GLY B 693 -22.51 -42.51 24.68
C GLY B 693 -23.44 -41.56 23.93
N LYS B 694 -23.91 -40.50 24.61
CA LYS B 694 -24.80 -39.50 24.03
C LYS B 694 -24.06 -38.61 23.02
N LEU B 695 -22.77 -38.34 23.26
CA LEU B 695 -22.01 -37.52 22.33
C LEU B 695 -21.74 -38.33 21.05
N LEU B 696 -21.51 -39.63 21.24
CA LEU B 696 -21.26 -40.55 20.16
C LEU B 696 -22.50 -40.63 19.27
N ALA B 697 -23.69 -40.49 19.86
CA ALA B 697 -24.88 -40.56 19.04
C ALA B 697 -24.99 -39.28 18.20
N LEU B 698 -24.59 -38.16 18.80
CA LEU B 698 -24.59 -36.88 18.10
C LEU B 698 -23.57 -36.88 16.97
N ILE B 699 -22.40 -37.46 17.24
CA ILE B 699 -21.32 -37.48 16.27
C ILE B 699 -21.81 -38.25 15.05
N GLY B 700 -22.52 -39.36 15.30
CA GLY B 700 -22.95 -40.29 14.28
C GLY B 700 -24.23 -39.84 13.56
N ASP B 701 -24.80 -38.70 13.97
CA ASP B 701 -26.13 -38.30 13.52
C ASP B 701 -26.03 -37.51 12.21
N GLU B 702 -26.49 -38.12 11.09
CA GLU B 702 -26.44 -37.55 9.74
C GLU B 702 -27.23 -36.24 9.64
N SER B 703 -28.26 -36.08 10.48
CA SER B 703 -29.08 -34.89 10.46
C SER B 703 -28.42 -33.76 11.24
N GLU B 704 -27.35 -34.06 12.01
CA GLU B 704 -26.74 -33.07 12.89
C GLU B 704 -25.31 -32.77 12.44
N LEU B 705 -24.39 -33.69 12.76
CA LEU B 705 -22.96 -33.42 12.72
C LEU B 705 -22.26 -34.21 11.60
N TRP B 706 -22.78 -35.39 11.25
CA TRP B 706 -22.13 -36.35 10.36
C TRP B 706 -22.49 -36.11 8.89
N SER B 707 -21.56 -35.48 8.14
CA SER B 707 -21.66 -35.31 6.70
C SER B 707 -20.99 -36.49 6.02
N PRO B 708 -21.17 -36.70 4.69
CA PRO B 708 -20.38 -37.71 3.97
C PRO B 708 -18.86 -37.43 3.96
N TYR B 709 -18.46 -36.23 4.42
CA TYR B 709 -17.11 -35.72 4.22
C TYR B 709 -16.37 -35.55 5.54
N GLY B 710 -17.06 -35.81 6.65
CA GLY B 710 -16.49 -35.70 7.97
C GLY B 710 -17.47 -34.94 8.87
N LEU B 711 -17.05 -34.66 10.10
CA LEU B 711 -17.90 -33.95 11.05
C LEU B 711 -18.01 -32.47 10.68
N ARG B 712 -19.26 -32.00 10.55
CA ARG B 712 -19.60 -30.60 10.36
C ARG B 712 -19.21 -29.84 11.64
N SER B 713 -18.71 -28.59 11.48
CA SER B 713 -18.32 -27.79 12.63
C SER B 713 -19.52 -27.37 13.47
N LEU B 714 -20.68 -27.18 12.80
CA LEU B 714 -21.95 -26.78 13.39
C LEU B 714 -23.09 -27.57 12.74
N SER B 715 -24.06 -28.02 13.55
CA SER B 715 -25.14 -28.93 13.14
C SER B 715 -26.02 -28.30 12.06
N LYS B 716 -26.44 -29.12 11.07
CA LYS B 716 -27.47 -28.71 10.11
C LYS B 716 -28.69 -28.08 10.80
N LYS B 717 -29.03 -28.56 12.00
CA LYS B 717 -30.21 -28.11 12.73
C LYS B 717 -29.98 -26.79 13.47
N ASP B 718 -28.73 -26.43 13.75
CA ASP B 718 -28.52 -25.20 14.51
C ASP B 718 -28.99 -23.99 13.70
N GLU B 719 -29.56 -23.01 14.40
CA GLU B 719 -30.17 -21.86 13.77
C GLU B 719 -29.13 -21.01 13.04
N PHE B 720 -27.83 -21.18 13.40
CA PHE B 720 -26.76 -20.38 12.84
C PHE B 720 -26.05 -21.08 11.68
N TYR B 721 -26.51 -22.29 11.36
CA TYR B 721 -25.89 -23.10 10.32
C TYR B 721 -25.78 -22.28 9.03
N GLY B 722 -24.56 -22.20 8.50
CA GLY B 722 -24.27 -21.56 7.23
C GLY B 722 -24.35 -20.03 7.26
N THR B 723 -24.49 -19.40 8.43
CA THR B 723 -24.71 -17.95 8.49
C THR B 723 -23.39 -17.15 8.49
N ALA B 724 -23.50 -15.84 8.17
CA ALA B 724 -22.43 -14.84 8.17
C ALA B 724 -21.19 -15.31 7.39
N GLU B 725 -20.00 -15.24 8.00
CA GLU B 725 -18.80 -15.66 7.30
C GLU B 725 -18.79 -17.18 7.12
N ASN B 726 -19.55 -17.90 7.96
CA ASN B 726 -19.71 -19.34 7.83
C ASN B 726 -18.35 -20.05 7.89
N TYR B 727 -17.50 -19.62 8.83
CA TYR B 727 -16.13 -20.10 8.90
C TYR B 727 -16.11 -21.40 9.71
N TRP B 728 -16.64 -21.34 10.93
CA TRP B 728 -16.81 -22.49 11.80
C TRP B 728 -18.32 -22.75 12.04
N ARG B 729 -19.17 -22.31 11.10
CA ARG B 729 -20.62 -22.48 11.20
C ARG B 729 -21.16 -23.55 10.25
N SER B 730 -20.34 -24.51 9.83
CA SER B 730 -20.84 -25.68 9.10
C SER B 730 -19.71 -26.53 8.53
N PRO B 731 -18.59 -25.93 8.06
CA PRO B 731 -17.60 -26.69 7.30
C PRO B 731 -16.82 -27.74 8.08
N VAL B 732 -16.22 -28.69 7.33
CA VAL B 732 -15.37 -29.75 7.84
C VAL B 732 -13.95 -29.21 8.06
N TRP B 733 -13.48 -29.27 9.32
CA TRP B 733 -12.11 -28.90 9.66
C TRP B 733 -11.34 -30.13 10.10
N ILE B 734 -10.19 -30.34 9.47
CA ILE B 734 -9.37 -31.57 9.64
C ILE B 734 -8.79 -31.64 11.04
N ASN B 735 -8.61 -30.47 11.60
CA ASN B 735 -8.08 -30.19 12.95
C ASN B 735 -8.90 -30.91 14.01
N ILE B 736 -10.19 -30.61 14.05
CA ILE B 736 -11.16 -31.19 15.02
C ILE B 736 -11.47 -32.62 14.63
N ASN B 737 -11.55 -32.91 13.34
CA ASN B 737 -11.84 -34.29 12.88
C ASN B 737 -10.71 -35.20 13.35
N TYR B 738 -9.47 -34.76 13.22
CA TYR B 738 -8.34 -35.52 13.75
C TYR B 738 -8.56 -35.86 15.22
N LEU B 739 -8.91 -34.86 16.03
CA LEU B 739 -9.06 -35.10 17.47
C LEU B 739 -10.13 -36.18 17.70
N ALA B 740 -11.26 -36.08 16.98
CA ALA B 740 -12.36 -37.03 17.03
C ALA B 740 -11.87 -38.44 16.69
N ILE B 741 -11.10 -38.56 15.60
CA ILE B 741 -10.66 -39.84 15.10
C ILE B 741 -9.80 -40.50 16.18
N VAL B 742 -8.95 -39.70 16.82
CA VAL B 742 -8.00 -40.23 17.78
C VAL B 742 -8.80 -40.75 18.97
N GLN B 743 -9.83 -40.00 19.39
CA GLN B 743 -10.56 -40.32 20.62
C GLN B 743 -11.48 -41.53 20.37
N LEU B 744 -12.15 -41.57 19.21
CA LEU B 744 -12.86 -42.74 18.71
C LEU B 744 -11.97 -43.97 18.78
N TYR B 745 -10.73 -43.85 18.29
CA TYR B 745 -9.79 -44.97 18.26
C TYR B 745 -9.56 -45.49 19.69
N ASN B 746 -9.41 -44.55 20.64
CA ASN B 746 -9.07 -44.86 22.01
C ASN B 746 -10.18 -45.72 22.64
N ILE B 747 -11.45 -45.33 22.41
CA ILE B 747 -12.59 -46.05 22.93
C ILE B 747 -12.67 -47.43 22.27
N ALA B 748 -12.36 -47.50 20.96
CA ALA B 748 -12.60 -48.71 20.20
C ALA B 748 -11.60 -49.81 20.59
N THR B 749 -10.67 -49.52 21.51
CA THR B 749 -9.54 -50.42 21.77
C THR B 749 -9.42 -50.64 23.28
N GLN B 750 -10.51 -50.41 24.01
CA GLN B 750 -10.59 -50.87 25.38
C GLN B 750 -12.01 -51.40 25.65
N ASP B 751 -12.17 -52.08 26.79
CA ASP B 751 -13.44 -52.64 27.23
C ASP B 751 -14.41 -51.53 27.59
N GLY B 752 -15.65 -51.65 27.09
CA GLY B 752 -16.76 -50.86 27.57
C GLY B 752 -17.95 -50.93 26.62
N PRO B 753 -19.11 -50.33 27.02
CA PRO B 753 -20.34 -50.43 26.25
C PRO B 753 -20.28 -49.79 24.88
N TYR B 754 -19.29 -48.90 24.66
CA TYR B 754 -19.27 -48.14 23.41
C TYR B 754 -18.14 -48.55 22.47
N LYS B 755 -17.45 -49.65 22.83
CA LYS B 755 -16.26 -50.11 22.10
C LYS B 755 -16.63 -50.26 20.62
N GLU B 756 -17.78 -50.90 20.38
CA GLU B 756 -18.21 -51.20 19.04
C GLU B 756 -18.76 -49.97 18.33
N THR B 757 -19.46 -49.09 19.05
CA THR B 757 -19.91 -47.85 18.44
C THR B 757 -18.69 -47.04 17.99
N ALA B 758 -17.67 -47.01 18.84
CA ALA B 758 -16.44 -46.30 18.50
C ALA B 758 -15.65 -47.00 17.36
N ARG B 759 -15.56 -48.35 17.32
CA ARG B 759 -14.92 -48.99 16.18
C ARG B 759 -15.54 -48.48 14.88
N ASP B 760 -16.86 -48.43 14.87
CA ASP B 760 -17.60 -48.20 13.63
C ASP B 760 -17.41 -46.76 13.17
N LEU B 761 -17.65 -45.80 14.07
CA LEU B 761 -17.50 -44.39 13.71
C LEU B 761 -16.04 -44.11 13.41
N TYR B 762 -15.13 -44.76 14.14
CA TYR B 762 -13.71 -44.56 13.85
C TYR B 762 -13.43 -44.90 12.39
N THR B 763 -13.85 -46.10 11.96
CA THR B 763 -13.51 -46.64 10.66
C THR B 763 -14.06 -45.73 9.57
N ARG B 764 -15.32 -45.32 9.75
CA ARG B 764 -16.00 -44.58 8.70
C ARG B 764 -15.50 -43.13 8.64
N LEU B 765 -15.20 -42.52 9.80
CA LEU B 765 -14.83 -41.11 9.80
C LEU B 765 -13.44 -40.96 9.16
N ARG B 766 -12.54 -41.85 9.55
CA ARG B 766 -11.22 -41.98 8.96
C ARG B 766 -11.37 -41.99 7.44
N LYS B 767 -12.14 -42.97 6.91
CA LYS B 767 -12.36 -43.13 5.48
C LYS B 767 -12.90 -41.82 4.89
N ASN B 768 -13.89 -41.20 5.55
CA ASN B 768 -14.47 -39.98 5.01
C ASN B 768 -13.47 -38.81 4.91
N ILE B 769 -12.63 -38.65 5.94
CA ILE B 769 -11.77 -37.49 6.05
C ILE B 769 -10.64 -37.65 5.04
N VAL B 770 -10.03 -38.84 5.04
CA VAL B 770 -8.97 -39.12 4.11
C VAL B 770 -9.47 -38.92 2.69
N GLU B 771 -10.67 -39.42 2.39
CA GLU B 771 -11.17 -39.45 1.02
C GLU B 771 -11.37 -38.02 0.52
N THR B 772 -12.04 -37.21 1.34
CA THR B 772 -12.30 -35.81 1.05
C THR B 772 -11.00 -35.07 0.72
N VAL B 773 -9.99 -35.19 1.60
CA VAL B 773 -8.73 -34.46 1.44
C VAL B 773 -7.99 -35.03 0.25
N TYR B 774 -8.00 -36.37 0.10
CA TYR B 774 -7.36 -37.03 -1.04
C TYR B 774 -7.98 -36.54 -2.35
N ARG B 775 -9.31 -36.65 -2.45
CA ARG B 775 -9.97 -36.44 -3.74
C ARG B 775 -9.70 -35.01 -4.19
N ASN B 776 -9.71 -34.07 -3.24
CA ASN B 776 -9.54 -32.65 -3.51
C ASN B 776 -8.09 -32.39 -3.94
N TRP B 777 -7.14 -33.10 -3.31
CA TRP B 777 -5.75 -33.02 -3.65
C TRP B 777 -5.51 -33.54 -5.07
N GLU B 778 -6.08 -34.71 -5.39
CA GLU B 778 -5.95 -35.28 -6.73
C GLU B 778 -6.44 -34.28 -7.76
N GLU B 779 -7.60 -33.65 -7.48
CA GLU B 779 -8.27 -32.82 -8.45
C GLU B 779 -7.65 -31.42 -8.58
N THR B 780 -7.05 -30.88 -7.50
CA THR B 780 -6.62 -29.47 -7.48
C THR B 780 -5.11 -29.33 -7.23
N GLY B 781 -4.47 -30.37 -6.70
CA GLY B 781 -3.09 -30.25 -6.25
C GLY B 781 -2.93 -29.59 -4.87
N PHE B 782 -4.03 -29.15 -4.23
CA PHE B 782 -3.96 -28.42 -2.96
C PHE B 782 -4.53 -29.19 -1.76
N ALA B 783 -3.88 -28.97 -0.61
CA ALA B 783 -4.50 -29.05 0.70
C ALA B 783 -5.37 -27.81 0.92
N TRP B 784 -6.54 -27.96 1.56
CA TRP B 784 -7.41 -26.82 1.79
C TRP B 784 -7.58 -26.56 3.29
N GLU B 785 -7.88 -25.31 3.60
CA GLU B 785 -8.16 -24.82 4.94
C GLU B 785 -9.39 -25.54 5.53
N GLN B 786 -10.44 -25.75 4.72
CA GLN B 786 -11.62 -26.48 5.17
C GLN B 786 -12.33 -27.12 3.98
N TYR B 787 -13.37 -27.90 4.29
CA TYR B 787 -14.04 -28.67 3.26
C TYR B 787 -15.55 -28.51 3.40
N ASN B 788 -16.18 -28.35 2.25
CA ASN B 788 -17.61 -28.16 2.14
C ASN B 788 -18.33 -29.41 2.65
N PRO B 789 -19.31 -29.27 3.58
CA PRO B 789 -20.09 -30.42 4.07
C PRO B 789 -21.15 -30.99 3.12
N GLU B 790 -21.70 -30.15 2.21
CA GLU B 790 -22.61 -30.58 1.16
C GLU B 790 -21.85 -31.32 0.05
N THR B 791 -20.80 -30.69 -0.52
CA THR B 791 -20.20 -31.13 -1.77
C THR B 791 -18.88 -31.86 -1.54
N GLY B 792 -18.21 -31.53 -0.43
CA GLY B 792 -16.91 -32.13 -0.15
C GLY B 792 -15.73 -31.31 -0.67
N LYS B 793 -16.03 -30.26 -1.45
CA LYS B 793 -15.04 -29.42 -2.13
C LYS B 793 -14.20 -28.67 -1.09
N GLY B 794 -12.86 -28.73 -1.25
CA GLY B 794 -11.95 -27.79 -0.59
C GLY B 794 -12.38 -26.35 -0.81
N GLN B 795 -12.34 -25.50 0.24
CA GLN B 795 -12.76 -24.10 0.18
C GLN B 795 -12.01 -23.27 1.22
N ARG B 796 -12.29 -21.95 1.28
CA ARG B 796 -11.34 -21.02 1.88
C ARG B 796 -9.99 -21.18 1.19
N THR B 797 -8.87 -20.94 1.90
CA THR B 797 -7.56 -20.82 1.26
C THR B 797 -6.91 -22.17 0.93
N GLN B 798 -6.16 -22.16 -0.19
CA GLN B 798 -5.37 -23.29 -0.69
C GLN B 798 -4.03 -23.26 0.04
N HIS B 799 -3.22 -24.30 -0.15
CA HIS B 799 -1.87 -24.34 0.41
C HIS B 799 -1.89 -24.42 1.94
N PHE B 800 -2.94 -25.03 2.50
CA PHE B 800 -3.08 -25.02 3.95
C PHE B 800 -2.37 -26.23 4.56
N THR B 801 -1.04 -26.15 4.68
CA THR B 801 -0.33 -27.26 5.28
C THR B 801 0.62 -26.74 6.37
N GLY B 802 0.07 -26.34 7.54
CA GLY B 802 -1.35 -26.34 7.84
C GLY B 802 -1.77 -27.68 8.43
N TRP B 803 -2.69 -27.64 9.38
CA TRP B 803 -3.10 -28.86 10.06
C TRP B 803 -3.81 -29.87 9.15
N THR B 804 -4.21 -29.45 7.94
CA THR B 804 -4.81 -30.41 7.01
C THR B 804 -3.89 -31.61 6.76
N SER B 805 -2.59 -31.40 6.96
CA SER B 805 -1.58 -32.41 6.75
C SER B 805 -1.62 -33.51 7.80
N LEU B 806 -2.43 -33.31 8.87
CA LEU B 806 -2.73 -34.32 9.88
C LEU B 806 -3.20 -35.59 9.18
N VAL B 807 -3.77 -35.45 7.98
CA VAL B 807 -4.29 -36.57 7.22
C VAL B 807 -3.25 -37.68 7.17
N VAL B 808 -1.97 -37.34 7.14
CA VAL B 808 -0.94 -38.37 7.04
C VAL B 808 -0.98 -39.31 8.24
N LYS B 809 -1.28 -38.76 9.42
CA LYS B 809 -1.25 -39.55 10.64
C LYS B 809 -2.56 -40.34 10.68
N ILE B 810 -3.61 -39.75 10.11
CA ILE B 810 -4.88 -40.45 10.08
C ILE B 810 -4.70 -41.73 9.26
N MET B 811 -3.89 -41.66 8.19
CA MET B 811 -3.70 -42.82 7.33
C MET B 811 -2.83 -43.88 7.99
N SER B 812 -2.00 -43.46 8.95
CA SER B 812 -1.03 -44.35 9.59
C SER B 812 -1.58 -45.17 10.77
N GLY B 813 -2.56 -44.64 11.54
CA GLY B 813 -3.06 -45.29 12.76
C GLY B 813 -2.37 -44.81 14.06
N HIS B 814 -2.99 -45.05 15.24
CA HIS B 814 -2.63 -44.30 16.45
C HIS B 814 -1.82 -45.12 17.46
N1 X5B C . 1.39 25.54 -0.36
N3 X5B C . 9.36 31.76 -3.61
C4 X5B C . -0.19 24.37 -1.78
C5 X5B C . 2.31 25.34 -1.11
C6 X5B C . 3.23 24.21 -0.58
C7 X5B C . 4.69 24.33 -1.13
C8 X5B C . 5.27 23.23 -1.79
C10 X5B C . 7.30 24.53 -2.13
C13 X5B C . 10.72 26.53 -5.26
C15 X5B C . 10.82 28.92 -5.54
C17 X5B C . 10.53 31.40 -6.05
C20 X5B C . 11.77 28.77 -6.53
C21 X5B C . 12.19 27.49 -6.89
C22 X5B C . 11.67 26.36 -6.25
C24 X5B C . 5.41 25.52 -0.98
C26 X5B C . 0.78 25.87 2.08
C1 X5B C . -0.08 24.71 2.02
O1 X5B C . -1.20 24.90 3.00
C2 X5B C . -0.65 24.55 0.68
N2 X5B C . 10.16 25.33 -4.58
O2 X5B C . -1.44 23.35 0.66
C3 X5B C . 0.46 24.43 -0.39
O3 X5B C . -0.65 25.65 -2.10
N4 X5B C . 9.79 30.54 -3.99
O4 X5B C . 1.42 25.91 3.37
C9 X5B C . 6.58 23.33 -2.28
C11 X5B C . 8.73 24.64 -2.68
C12 X5B C . 8.79 25.38 -4.05
C14 X5B C . 10.29 27.80 -4.90
C16 X5B C . 10.36 30.34 -5.15
C18 X5B C . 10.07 32.69 -5.64
C19 X5B C . 9.48 32.82 -4.38
C23 X5B C . 6.72 25.62 -1.49
C25 X5B C . 1.88 25.87 0.98
CL1 X5B C . 13.42 27.28 -8.17
C1 GOL D . 0.88 27.18 -40.13
O1 GOL D . 0.19 27.91 -39.11
C2 GOL D . 0.06 26.73 -41.33
O2 GOL D . -1.23 27.35 -41.37
C3 GOL D . 0.74 26.96 -42.66
O3 GOL D . 1.42 25.80 -43.15
S SO4 E . -1.80 -0.13 -26.68
O1 SO4 E . -1.24 1.19 -26.57
O2 SO4 E . -2.71 -0.37 -25.61
O3 SO4 E . -0.73 -1.10 -26.63
O4 SO4 E . -2.51 -0.25 -27.94
S SO4 F . -19.60 11.80 -35.44
O1 SO4 F . -20.45 11.83 -36.61
O2 SO4 F . -19.45 13.13 -34.93
O3 SO4 F . -20.21 10.97 -34.43
O4 SO4 F . -18.31 11.27 -35.80
S SO4 G . 7.79 17.05 -48.49
O1 SO4 G . 7.12 17.62 -47.34
O2 SO4 G . 7.22 17.60 -49.69
O3 SO4 G . 7.60 15.61 -48.50
O4 SO4 G . 9.20 17.34 -48.45
S SO4 H . 24.44 12.89 -41.19
O1 SO4 H . 23.27 13.38 -41.86
O2 SO4 H . 25.20 14.01 -40.71
O3 SO4 H . 24.06 12.06 -40.07
O4 SO4 H . 25.22 12.12 -42.12
S SO4 I . 27.81 7.37 -41.51
O1 SO4 I . 26.44 7.59 -41.92
O2 SO4 I . 28.66 8.37 -42.10
O3 SO4 I . 27.91 7.44 -40.07
O4 SO4 I . 28.24 6.07 -41.95
S SO4 J . 6.21 5.47 -12.44
O1 SO4 J . 5.62 5.91 -11.20
O2 SO4 J . 6.32 6.54 -13.37
O3 SO4 J . 7.53 4.97 -12.19
O4 SO4 J . 5.38 4.47 -12.99
S SO4 K . -3.39 7.68 -2.15
O1 SO4 K . -3.50 9.06 -1.77
O2 SO4 K . -3.88 7.52 -3.49
O3 SO4 K . -4.18 6.84 -1.26
O4 SO4 K . -2.00 7.26 -2.09
S SO4 L . -21.38 30.65 -3.33
O1 SO4 L . -22.81 30.79 -3.33
O2 SO4 L . -20.78 31.84 -3.89
O3 SO4 L . -20.89 30.46 -1.97
O4 SO4 L . -21.04 29.52 -4.15
S SO4 M . 10.57 21.81 13.06
O1 SO4 M . 9.55 21.93 14.08
O2 SO4 M . 10.78 23.09 12.48
O3 SO4 M . 11.79 21.34 13.65
O4 SO4 M . 10.13 20.89 12.04
S SO4 N . -26.01 42.46 -2.03
O1 SO4 N . -26.78 42.04 -0.87
O2 SO4 N . -26.76 43.42 -2.78
O3 SO4 N . -24.76 43.04 -1.60
O4 SO4 N . -25.75 41.30 -2.87
N1 X5B O . -6.75 -19.33 10.73
N3 X5B O . -4.01 -10.81 -3.10
C4 X5B O . -4.45 -19.80 11.36
C5 X5B O . -6.40 -18.60 9.86
C6 X5B O . -6.30 -17.11 10.25
C7 X5B O . -6.23 -16.19 9.00
C8 X5B O . -5.06 -15.53 8.66
C10 X5B O . -6.14 -14.57 6.75
C13 X5B O . -5.33 -13.29 2.27
C15 X5B O . -4.63 -12.20 0.26
C17 X5B O . -6.10 -11.84 -1.77
C20 X5B O . -3.46 -11.88 0.84
C21 X5B O . -3.20 -12.28 2.12
C22 X5B O . -4.13 -12.98 2.84
C24 X5B O . -7.35 -16.03 8.21
C26 X5B O . -8.57 -20.14 12.14
C1 X5B O . -7.73 -20.19 13.29
O1 X5B O . -8.15 -21.31 14.12
C2 X5B O . -6.35 -20.42 12.92
N2 X5B O . -6.34 -14.04 3.01
O2 X5B O . -5.51 -20.36 14.02
C3 X5B O . -5.85 -19.45 11.82
O3 X5B O . -4.46 -21.01 10.72
N4 X5B O . -3.88 -11.24 -1.85
O4 X5B O . -9.93 -19.92 12.46
C9 X5B O . -5.01 -14.72 7.54
C11 X5B O . -6.14 -13.71 5.50
C12 X5B O . -6.02 -14.65 4.29
C14 X5B O . -5.59 -12.91 0.97
C16 X5B O . -4.86 -11.74 -1.18
C18 X5B O . -6.22 -11.38 -3.10
C19 X5B O . -5.11 -10.85 -3.74
C23 X5B O . -7.30 -15.23 7.09
C25 X5B O . -8.10 -19.09 11.15
CL1 X5B O . -1.65 -11.84 2.79
C1 NAG P . 22.96 -21.85 18.25
C2 NAG P . 21.92 -20.95 18.87
C3 NAG P . 22.38 -19.53 19.03
C4 NAG P . 23.75 -19.47 19.70
C5 NAG P . 24.72 -20.37 19.00
C6 NAG P . 25.95 -20.54 19.86
C7 NAG P . 19.65 -21.42 18.21
C8 NAG P . 18.58 -20.97 17.27
N2 NAG P . 20.81 -20.93 17.95
O3 NAG P . 21.43 -18.93 19.85
O4 NAG P . 24.23 -18.14 19.76
O5 NAG P . 24.21 -21.67 18.85
O6 NAG P . 26.99 -20.96 19.02
O7 NAG P . 19.45 -22.14 19.13
C1 GOL Q . 6.54 -12.11 23.86
O1 GOL Q . 5.63 -12.55 24.86
C2 GOL Q . 6.11 -12.61 22.51
O2 GOL Q . 5.11 -13.57 22.78
C3 GOL Q . 5.54 -11.54 21.60
O3 GOL Q . 5.50 -11.93 20.20
S SO4 R . 12.12 -5.18 13.00
O1 SO4 R . 10.91 -5.55 13.65
O2 SO4 R . 12.25 -3.75 13.03
O3 SO4 R . 13.26 -5.74 13.69
O4 SO4 R . 12.12 -5.67 11.63
S SO4 S . -17.92 -8.47 15.66
O1 SO4 S . -19.16 -8.03 16.24
O2 SO4 S . -16.90 -7.44 15.83
O3 SO4 S . -17.48 -9.69 16.31
O4 SO4 S . -18.12 -8.73 14.27
S SO4 T . -20.99 -43.09 5.92
O1 SO4 T . -22.12 -43.09 6.82
O2 SO4 T . -20.52 -41.75 5.76
O3 SO4 T . -19.96 -43.94 6.47
O4 SO4 T . -21.41 -43.58 4.63
S SO4 U . 34.54 -15.04 -16.44
O1 SO4 U . 35.45 -14.35 -15.56
O2 SO4 U . 33.99 -14.13 -17.41
O3 SO4 U . 33.45 -15.65 -15.69
O4 SO4 U . 35.26 -16.09 -17.13
#